data_2J97
# 
_entry.id   2J97 
# 
_audit_conform.dict_name       mmcif_pdbx.dic 
_audit_conform.dict_version    5.397 
_audit_conform.dict_location   http://mmcif.pdb.org/dictionaries/ascii/mmcif_pdbx.dic 
# 
loop_
_database_2.database_id 
_database_2.database_code 
_database_2.pdbx_database_accession 
_database_2.pdbx_DOI 
PDB   2J97         pdb_00002j97 10.2210/pdb2j97/pdb 
PDBE  EBI-30309    ?            ?                   
WWPDB D_1290030309 ?            ?                   
# 
loop_
_pdbx_audit_revision_history.ordinal 
_pdbx_audit_revision_history.data_content_type 
_pdbx_audit_revision_history.major_revision 
_pdbx_audit_revision_history.minor_revision 
_pdbx_audit_revision_history.revision_date 
1 'Structure model' 1 0 2007-11-27 
2 'Structure model' 1 1 2011-05-08 
3 'Structure model' 1 2 2011-07-13 
4 'Structure model' 1 3 2019-07-24 
5 'Structure model' 1 4 2023-12-13 
6 'Structure model' 1 5 2024-10-23 
# 
_pdbx_audit_revision_details.ordinal             1 
_pdbx_audit_revision_details.revision_ordinal    1 
_pdbx_audit_revision_details.data_content_type   'Structure model' 
_pdbx_audit_revision_details.provider            repository 
_pdbx_audit_revision_details.type                'Initial release' 
_pdbx_audit_revision_details.description         ? 
_pdbx_audit_revision_details.details             ? 
# 
loop_
_pdbx_audit_revision_group.ordinal 
_pdbx_audit_revision_group.revision_ordinal 
_pdbx_audit_revision_group.data_content_type 
_pdbx_audit_revision_group.group 
1  2 'Structure model' 'Version format compliance' 
2  3 'Structure model' 'Version format compliance' 
3  4 'Structure model' Advisory                    
4  4 'Structure model' 'Data collection'           
5  5 'Structure model' Advisory                    
6  5 'Structure model' 'Data collection'           
7  5 'Structure model' 'Database references'       
8  5 'Structure model' Other                       
9  5 'Structure model' 'Refinement description'    
10 6 'Structure model' 'Structure summary'         
# 
loop_
_pdbx_audit_revision_category.ordinal 
_pdbx_audit_revision_category.revision_ordinal 
_pdbx_audit_revision_category.data_content_type 
_pdbx_audit_revision_category.category 
1  4 'Structure model' diffrn_source                   
2  4 'Structure model' pdbx_unobs_or_zero_occ_residues 
3  5 'Structure model' chem_comp_atom                  
4  5 'Structure model' chem_comp_bond                  
5  5 'Structure model' database_2                      
6  5 'Structure model' pdbx_database_status            
7  5 'Structure model' pdbx_initial_refinement_model   
8  5 'Structure model' pdbx_unobs_or_zero_occ_residues 
9  6 'Structure model' pdbx_entry_details              
10 6 'Structure model' pdbx_modification_feature       
# 
loop_
_pdbx_audit_revision_item.ordinal 
_pdbx_audit_revision_item.revision_ordinal 
_pdbx_audit_revision_item.data_content_type 
_pdbx_audit_revision_item.item 
1 4 'Structure model' '_diffrn_source.pdbx_synchrotron_site' 
2 5 'Structure model' '_database_2.pdbx_DOI'                 
3 5 'Structure model' '_database_2.pdbx_database_accession'  
4 5 'Structure model' '_pdbx_database_status.status_code_sf' 
# 
_pdbx_database_status.status_code                     REL 
_pdbx_database_status.entry_id                        2J97 
_pdbx_database_status.deposit_site                    PDBE 
_pdbx_database_status.process_site                    PDBE 
_pdbx_database_status.SG_entry                        . 
_pdbx_database_status.recvd_initial_deposition_date   2006-11-03 
_pdbx_database_status.pdb_format_compatible           Y 
_pdbx_database_status.status_code_sf                  REL 
_pdbx_database_status.status_code_mr                  ? 
_pdbx_database_status.status_code_cs                  ? 
_pdbx_database_status.methods_development_category    ? 
_pdbx_database_status.status_code_nmr_data            ? 
# 
loop_
_pdbx_database_related.db_name 
_pdbx_database_related.db_id 
_pdbx_database_related.content_type 
_pdbx_database_related.details 
PDB 1P9S unspecified 'CORONAVIRUS MAIN PROTEINASE (3CLPRO) STRUCTURE : BASIS FORDESIGN OF ANTI-SARS DRUGS' 
PDB 2J98 unspecified 'HUMAN CORONAVIRUS 229E NON STRUCTURAL PROTEIN 9 CYS69ALA MUTANT (NSP9'               
# 
loop_
_audit_author.name 
_audit_author.pdbx_ordinal 
'Ponnusamy, R.'  1 
'Mesters, J.R.'  2 
'Moll, R.'       3 
'Hilgenfeld, R.' 4 
# 
_citation.id                        primary 
_citation.title                     'Variable Oligomerization Modes in Coronavirus Non-Structural Protein 9.' 
_citation.journal_abbrev            J.Mol.Biol. 
_citation.journal_volume            383 
_citation.page_first                1081 
_citation.page_last                 ? 
_citation.year                      2008 
_citation.journal_id_ASTM           JMOBAK 
_citation.country                   UK 
_citation.journal_id_ISSN           0022-2836 
_citation.journal_id_CSD            0070 
_citation.book_publisher            ? 
_citation.pdbx_database_id_PubMed   18694760 
_citation.pdbx_database_id_DOI      10.1016/J.JMB.2008.07.071 
# 
loop_
_citation_author.citation_id 
_citation_author.name 
_citation_author.ordinal 
_citation_author.identifier_ORCID 
primary 'Ponnusamy, R.'  1 ? 
primary 'Moll, R.'       2 ? 
primary 'Weimar, T.'     3 ? 
primary 'Mesters, J.R.'  4 ? 
primary 'Hilgenfeld, R.' 5 ? 
# 
loop_
_entity.id 
_entity.type 
_entity.src_method 
_entity.pdbx_description 
_entity.formula_weight 
_entity.pdbx_number_of_molecules 
_entity.pdbx_ec 
_entity.pdbx_mutation 
_entity.pdbx_fragment 
_entity.details 
1 polymer     man 'REPLICASE POLYPROTEIN 1AB'     12060.833 1  ? ? 'RESIDUES 3825-3933' ? 
2 non-polymer syn '(4S)-2-METHYL-2,4-PENTANEDIOL' 118.174   1  ? ? ?                    ? 
3 non-polymer syn 'SULFATE ION'                   96.063    2  ? ? ?                    ? 
4 water       nat water                           18.015    65 ? ? ?                    ? 
# 
_entity_name_com.entity_id   1 
_entity_name_com.name        'PP1AB, ORF1AB POLYPROTEIN, NON STRUCTURAL PROTEIN 9' 
# 
_entity_poly.entity_id                      1 
_entity_poly.type                           'polypeptide(L)' 
_entity_poly.nstd_linkage                   no 
_entity_poly.nstd_monomer                   no 
_entity_poly.pdbx_seq_one_letter_code       
;NNEIMPGKMKVKATKGEGDGGITSEGNALYNNEGGRAFMYAYVTTKPGMKYVKWEHDSGVVTVELEPPCRFVIDTPTGPQ
IKYLYFVKNLNNLRRGAVLGYIGATVRLQ
;
_entity_poly.pdbx_seq_one_letter_code_can   
;NNEIMPGKMKVKATKGEGDGGITSEGNALYNNEGGRAFMYAYVTTKPGMKYVKWEHDSGVVTVELEPPCRFVIDTPTGPQ
IKYLYFVKNLNNLRRGAVLGYIGATVRLQ
;
_entity_poly.pdbx_strand_id                 A 
_entity_poly.pdbx_target_identifier         ? 
# 
loop_
_pdbx_entity_nonpoly.entity_id 
_pdbx_entity_nonpoly.name 
_pdbx_entity_nonpoly.comp_id 
2 '(4S)-2-METHYL-2,4-PENTANEDIOL' MPD 
3 'SULFATE ION'                   SO4 
4 water                           HOH 
# 
loop_
_entity_poly_seq.entity_id 
_entity_poly_seq.num 
_entity_poly_seq.mon_id 
_entity_poly_seq.hetero 
1 1   ASN n 
1 2   ASN n 
1 3   GLU n 
1 4   ILE n 
1 5   MET n 
1 6   PRO n 
1 7   GLY n 
1 8   LYS n 
1 9   MET n 
1 10  LYS n 
1 11  VAL n 
1 12  LYS n 
1 13  ALA n 
1 14  THR n 
1 15  LYS n 
1 16  GLY n 
1 17  GLU n 
1 18  GLY n 
1 19  ASP n 
1 20  GLY n 
1 21  GLY n 
1 22  ILE n 
1 23  THR n 
1 24  SER n 
1 25  GLU n 
1 26  GLY n 
1 27  ASN n 
1 28  ALA n 
1 29  LEU n 
1 30  TYR n 
1 31  ASN n 
1 32  ASN n 
1 33  GLU n 
1 34  GLY n 
1 35  GLY n 
1 36  ARG n 
1 37  ALA n 
1 38  PHE n 
1 39  MET n 
1 40  TYR n 
1 41  ALA n 
1 42  TYR n 
1 43  VAL n 
1 44  THR n 
1 45  THR n 
1 46  LYS n 
1 47  PRO n 
1 48  GLY n 
1 49  MET n 
1 50  LYS n 
1 51  TYR n 
1 52  VAL n 
1 53  LYS n 
1 54  TRP n 
1 55  GLU n 
1 56  HIS n 
1 57  ASP n 
1 58  SER n 
1 59  GLY n 
1 60  VAL n 
1 61  VAL n 
1 62  THR n 
1 63  VAL n 
1 64  GLU n 
1 65  LEU n 
1 66  GLU n 
1 67  PRO n 
1 68  PRO n 
1 69  CYS n 
1 70  ARG n 
1 71  PHE n 
1 72  VAL n 
1 73  ILE n 
1 74  ASP n 
1 75  THR n 
1 76  PRO n 
1 77  THR n 
1 78  GLY n 
1 79  PRO n 
1 80  GLN n 
1 81  ILE n 
1 82  LYS n 
1 83  TYR n 
1 84  LEU n 
1 85  TYR n 
1 86  PHE n 
1 87  VAL n 
1 88  LYS n 
1 89  ASN n 
1 90  LEU n 
1 91  ASN n 
1 92  ASN n 
1 93  LEU n 
1 94  ARG n 
1 95  ARG n 
1 96  GLY n 
1 97  ALA n 
1 98  VAL n 
1 99  LEU n 
1 100 GLY n 
1 101 TYR n 
1 102 ILE n 
1 103 GLY n 
1 104 ALA n 
1 105 THR n 
1 106 VAL n 
1 107 ARG n 
1 108 LEU n 
1 109 GLN n 
# 
_entity_src_gen.entity_id                          1 
_entity_src_gen.pdbx_src_id                        1 
_entity_src_gen.pdbx_alt_source_flag               sample 
_entity_src_gen.pdbx_seq_type                      ? 
_entity_src_gen.pdbx_beg_seq_num                   ? 
_entity_src_gen.pdbx_end_seq_num                   ? 
_entity_src_gen.gene_src_common_name               'HCOV 229E' 
_entity_src_gen.gene_src_genus                     ? 
_entity_src_gen.pdbx_gene_src_gene                 ? 
_entity_src_gen.gene_src_species                   ? 
_entity_src_gen.gene_src_strain                    ? 
_entity_src_gen.gene_src_tissue                    ? 
_entity_src_gen.gene_src_tissue_fraction           ? 
_entity_src_gen.gene_src_details                   ? 
_entity_src_gen.pdbx_gene_src_fragment             ? 
_entity_src_gen.pdbx_gene_src_scientific_name      'HUMAN CORONAVIRUS 229E' 
_entity_src_gen.pdbx_gene_src_ncbi_taxonomy_id     11137 
_entity_src_gen.pdbx_gene_src_variant              ? 
_entity_src_gen.pdbx_gene_src_cell_line            ? 
_entity_src_gen.pdbx_gene_src_atcc                 ? 
_entity_src_gen.pdbx_gene_src_organ                ? 
_entity_src_gen.pdbx_gene_src_organelle            ? 
_entity_src_gen.pdbx_gene_src_cell                 ? 
_entity_src_gen.pdbx_gene_src_cellular_location    ? 
_entity_src_gen.host_org_common_name               ? 
_entity_src_gen.pdbx_host_org_scientific_name      'ESCHERICHIA COLI' 
_entity_src_gen.pdbx_host_org_ncbi_taxonomy_id     562 
_entity_src_gen.host_org_genus                     ? 
_entity_src_gen.pdbx_host_org_gene                 ? 
_entity_src_gen.pdbx_host_org_organ                ? 
_entity_src_gen.host_org_species                   ? 
_entity_src_gen.pdbx_host_org_tissue               ? 
_entity_src_gen.pdbx_host_org_tissue_fraction      ? 
_entity_src_gen.pdbx_host_org_strain               ? 
_entity_src_gen.pdbx_host_org_variant              ? 
_entity_src_gen.pdbx_host_org_cell_line            ? 
_entity_src_gen.pdbx_host_org_atcc                 ? 
_entity_src_gen.pdbx_host_org_culture_collection   ? 
_entity_src_gen.pdbx_host_org_cell                 ? 
_entity_src_gen.pdbx_host_org_organelle            ? 
_entity_src_gen.pdbx_host_org_cellular_location    ? 
_entity_src_gen.pdbx_host_org_vector_type          ? 
_entity_src_gen.pdbx_host_org_vector               ? 
_entity_src_gen.host_org_details                   ? 
_entity_src_gen.expression_system_id               ? 
_entity_src_gen.plasmid_name                       ? 
_entity_src_gen.plasmid_details                    ? 
_entity_src_gen.pdbx_description                   ? 
# 
loop_
_chem_comp.id 
_chem_comp.type 
_chem_comp.mon_nstd_flag 
_chem_comp.name 
_chem_comp.pdbx_synonyms 
_chem_comp.formula 
_chem_comp.formula_weight 
ALA 'L-peptide linking' y ALANINE                         ? 'C3 H7 N O2'     89.093  
ARG 'L-peptide linking' y ARGININE                        ? 'C6 H15 N4 O2 1' 175.209 
ASN 'L-peptide linking' y ASPARAGINE                      ? 'C4 H8 N2 O3'    132.118 
ASP 'L-peptide linking' y 'ASPARTIC ACID'                 ? 'C4 H7 N O4'     133.103 
CYS 'L-peptide linking' y CYSTEINE                        ? 'C3 H7 N O2 S'   121.158 
GLN 'L-peptide linking' y GLUTAMINE                       ? 'C5 H10 N2 O3'   146.144 
GLU 'L-peptide linking' y 'GLUTAMIC ACID'                 ? 'C5 H9 N O4'     147.129 
GLY 'peptide linking'   y GLYCINE                         ? 'C2 H5 N O2'     75.067  
HIS 'L-peptide linking' y HISTIDINE                       ? 'C6 H10 N3 O2 1' 156.162 
HOH non-polymer         . WATER                           ? 'H2 O'           18.015  
ILE 'L-peptide linking' y ISOLEUCINE                      ? 'C6 H13 N O2'    131.173 
LEU 'L-peptide linking' y LEUCINE                         ? 'C6 H13 N O2'    131.173 
LYS 'L-peptide linking' y LYSINE                          ? 'C6 H15 N2 O2 1' 147.195 
MET 'L-peptide linking' y METHIONINE                      ? 'C5 H11 N O2 S'  149.211 
MPD non-polymer         . '(4S)-2-METHYL-2,4-PENTANEDIOL' ? 'C6 H14 O2'      118.174 
PHE 'L-peptide linking' y PHENYLALANINE                   ? 'C9 H11 N O2'    165.189 
PRO 'L-peptide linking' y PROLINE                         ? 'C5 H9 N O2'     115.130 
SER 'L-peptide linking' y SERINE                          ? 'C3 H7 N O3'     105.093 
SO4 non-polymer         . 'SULFATE ION'                   ? 'O4 S -2'        96.063  
THR 'L-peptide linking' y THREONINE                       ? 'C4 H9 N O3'     119.119 
TRP 'L-peptide linking' y TRYPTOPHAN                      ? 'C11 H12 N2 O2'  204.225 
TYR 'L-peptide linking' y TYROSINE                        ? 'C9 H11 N O3'    181.189 
VAL 'L-peptide linking' y VALINE                          ? 'C5 H11 N O2'    117.146 
# 
loop_
_pdbx_poly_seq_scheme.asym_id 
_pdbx_poly_seq_scheme.entity_id 
_pdbx_poly_seq_scheme.seq_id 
_pdbx_poly_seq_scheme.mon_id 
_pdbx_poly_seq_scheme.ndb_seq_num 
_pdbx_poly_seq_scheme.pdb_seq_num 
_pdbx_poly_seq_scheme.auth_seq_num 
_pdbx_poly_seq_scheme.pdb_mon_id 
_pdbx_poly_seq_scheme.auth_mon_id 
_pdbx_poly_seq_scheme.pdb_strand_id 
_pdbx_poly_seq_scheme.pdb_ins_code 
_pdbx_poly_seq_scheme.hetero 
A 1 1   ASN 1   1   ?   ?   ?   A . n 
A 1 2   ASN 2   2   ?   ?   ?   A . n 
A 1 3   GLU 3   3   ?   ?   ?   A . n 
A 1 4   ILE 4   4   ?   ?   ?   A . n 
A 1 5   MET 5   5   ?   ?   ?   A . n 
A 1 6   PRO 6   6   ?   ?   ?   A . n 
A 1 7   GLY 7   7   ?   ?   ?   A . n 
A 1 8   LYS 8   8   8   LYS LYS A . n 
A 1 9   MET 9   9   9   MET MET A . n 
A 1 10  LYS 10  10  10  LYS LYS A . n 
A 1 11  VAL 11  11  11  VAL VAL A . n 
A 1 12  LYS 12  12  12  LYS LYS A . n 
A 1 13  ALA 13  13  13  ALA ALA A . n 
A 1 14  THR 14  14  14  THR THR A . n 
A 1 15  LYS 15  15  15  LYS LYS A . n 
A 1 16  GLY 16  16  16  GLY GLY A . n 
A 1 17  GLU 17  17  17  GLU GLU A . n 
A 1 18  GLY 18  18  18  GLY GLY A . n 
A 1 19  ASP 19  19  19  ASP ASP A . n 
A 1 20  GLY 20  20  20  GLY GLY A . n 
A 1 21  GLY 21  21  21  GLY GLY A . n 
A 1 22  ILE 22  22  22  ILE ILE A . n 
A 1 23  THR 23  23  23  THR THR A . n 
A 1 24  SER 24  24  24  SER SER A . n 
A 1 25  GLU 25  25  25  GLU GLU A . n 
A 1 26  GLY 26  26  26  GLY GLY A . n 
A 1 27  ASN 27  27  27  ASN ASN A . n 
A 1 28  ALA 28  28  28  ALA ALA A . n 
A 1 29  LEU 29  29  29  LEU LEU A . n 
A 1 30  TYR 30  30  30  TYR TYR A . n 
A 1 31  ASN 31  31  31  ASN ASN A . n 
A 1 32  ASN 32  32  32  ASN ASN A . n 
A 1 33  GLU 33  33  ?   ?   ?   A . n 
A 1 34  GLY 34  34  ?   ?   ?   A . n 
A 1 35  GLY 35  35  ?   ?   ?   A . n 
A 1 36  ARG 36  36  ?   ?   ?   A . n 
A 1 37  ALA 37  37  37  ALA ALA A . n 
A 1 38  PHE 38  38  38  PHE PHE A . n 
A 1 39  MET 39  39  39  MET MET A . n 
A 1 40  TYR 40  40  40  TYR TYR A . n 
A 1 41  ALA 41  41  41  ALA ALA A . n 
A 1 42  TYR 42  42  42  TYR TYR A . n 
A 1 43  VAL 43  43  43  VAL VAL A . n 
A 1 44  THR 44  44  44  THR THR A . n 
A 1 45  THR 45  45  45  THR THR A . n 
A 1 46  LYS 46  46  46  LYS LYS A . n 
A 1 47  PRO 47  47  47  PRO PRO A . n 
A 1 48  GLY 48  48  48  GLY GLY A . n 
A 1 49  MET 49  49  49  MET MET A . n 
A 1 50  LYS 50  50  50  LYS LYS A . n 
A 1 51  TYR 51  51  51  TYR TYR A . n 
A 1 52  VAL 52  52  52  VAL VAL A . n 
A 1 53  LYS 53  53  53  LYS LYS A . n 
A 1 54  TRP 54  54  54  TRP TRP A . n 
A 1 55  GLU 55  55  55  GLU GLU A . n 
A 1 56  HIS 56  56  56  HIS HIS A . n 
A 1 57  ASP 57  57  57  ASP ASP A . n 
A 1 58  SER 58  58  58  SER SER A . n 
A 1 59  GLY 59  59  59  GLY GLY A . n 
A 1 60  VAL 60  60  60  VAL VAL A . n 
A 1 61  VAL 61  61  61  VAL VAL A . n 
A 1 62  THR 62  62  62  THR THR A . n 
A 1 63  VAL 63  63  63  VAL VAL A . n 
A 1 64  GLU 64  64  64  GLU GLU A . n 
A 1 65  LEU 65  65  65  LEU LEU A . n 
A 1 66  GLU 66  66  66  GLU GLU A . n 
A 1 67  PRO 67  67  67  PRO PRO A . n 
A 1 68  PRO 68  68  68  PRO PRO A . n 
A 1 69  CYS 69  69  69  CYS CYS A . n 
A 1 70  ARG 70  70  70  ARG ARG A . n 
A 1 71  PHE 71  71  71  PHE PHE A . n 
A 1 72  VAL 72  72  72  VAL VAL A . n 
A 1 73  ILE 73  73  73  ILE ILE A . n 
A 1 74  ASP 74  74  74  ASP ASP A . n 
A 1 75  THR 75  75  75  THR THR A . n 
A 1 76  PRO 76  76  76  PRO PRO A . n 
A 1 77  THR 77  77  77  THR THR A . n 
A 1 78  GLY 78  78  78  GLY GLY A . n 
A 1 79  PRO 79  79  79  PRO PRO A . n 
A 1 80  GLN 80  80  80  GLN GLN A . n 
A 1 81  ILE 81  81  81  ILE ILE A . n 
A 1 82  LYS 82  82  82  LYS LYS A . n 
A 1 83  TYR 83  83  83  TYR TYR A . n 
A 1 84  LEU 84  84  84  LEU LEU A . n 
A 1 85  TYR 85  85  85  TYR TYR A . n 
A 1 86  PHE 86  86  86  PHE PHE A . n 
A 1 87  VAL 87  87  87  VAL VAL A . n 
A 1 88  LYS 88  88  88  LYS LYS A . n 
A 1 89  ASN 89  89  89  ASN ASN A . n 
A 1 90  LEU 90  90  90  LEU LEU A . n 
A 1 91  ASN 91  91  91  ASN ASN A . n 
A 1 92  ASN 92  92  92  ASN ASN A . n 
A 1 93  LEU 93  93  93  LEU LEU A . n 
A 1 94  ARG 94  94  94  ARG ARG A . n 
A 1 95  ARG 95  95  95  ARG ARG A . n 
A 1 96  GLY 96  96  96  GLY GLY A . n 
A 1 97  ALA 97  97  97  ALA ALA A . n 
A 1 98  VAL 98  98  98  VAL VAL A . n 
A 1 99  LEU 99  99  99  LEU LEU A . n 
A 1 100 GLY 100 100 100 GLY GLY A . n 
A 1 101 TYR 101 101 101 TYR TYR A . n 
A 1 102 ILE 102 102 102 ILE ILE A . n 
A 1 103 GLY 103 103 103 GLY GLY A . n 
A 1 104 ALA 104 104 104 ALA ALA A . n 
A 1 105 THR 105 105 105 THR THR A . n 
A 1 106 VAL 106 106 106 VAL VAL A . n 
A 1 107 ARG 107 107 107 ARG ARG A . n 
A 1 108 LEU 108 108 108 LEU LEU A . n 
A 1 109 GLN 109 109 109 GLN GLN A . n 
# 
loop_
_pdbx_nonpoly_scheme.asym_id 
_pdbx_nonpoly_scheme.entity_id 
_pdbx_nonpoly_scheme.mon_id 
_pdbx_nonpoly_scheme.ndb_seq_num 
_pdbx_nonpoly_scheme.pdb_seq_num 
_pdbx_nonpoly_scheme.auth_seq_num 
_pdbx_nonpoly_scheme.pdb_mon_id 
_pdbx_nonpoly_scheme.auth_mon_id 
_pdbx_nonpoly_scheme.pdb_strand_id 
_pdbx_nonpoly_scheme.pdb_ins_code 
B 2 MPD 1  1110 1110 MPD MPD A . 
C 3 SO4 1  1111 1111 SO4 SO4 A . 
D 3 SO4 1  1112 1112 SO4 SO4 A . 
E 4 HOH 1  2001 2001 HOH HOH A . 
E 4 HOH 2  2002 2002 HOH HOH A . 
E 4 HOH 3  2003 2003 HOH HOH A . 
E 4 HOH 4  2004 2004 HOH HOH A . 
E 4 HOH 5  2005 2005 HOH HOH A . 
E 4 HOH 6  2006 2006 HOH HOH A . 
E 4 HOH 7  2007 2007 HOH HOH A . 
E 4 HOH 8  2008 2008 HOH HOH A . 
E 4 HOH 9  2009 2009 HOH HOH A . 
E 4 HOH 10 2010 2010 HOH HOH A . 
E 4 HOH 11 2011 2011 HOH HOH A . 
E 4 HOH 12 2012 2012 HOH HOH A . 
E 4 HOH 13 2013 2013 HOH HOH A . 
E 4 HOH 14 2014 2014 HOH HOH A . 
E 4 HOH 15 2015 2015 HOH HOH A . 
E 4 HOH 16 2016 2016 HOH HOH A . 
E 4 HOH 17 2017 2017 HOH HOH A . 
E 4 HOH 18 2018 2018 HOH HOH A . 
E 4 HOH 19 2019 2019 HOH HOH A . 
E 4 HOH 20 2020 2020 HOH HOH A . 
E 4 HOH 21 2021 2021 HOH HOH A . 
E 4 HOH 22 2022 2022 HOH HOH A . 
E 4 HOH 23 2023 2023 HOH HOH A . 
E 4 HOH 24 2024 2024 HOH HOH A . 
E 4 HOH 25 2025 2025 HOH HOH A . 
E 4 HOH 26 2026 2026 HOH HOH A . 
E 4 HOH 27 2027 2027 HOH HOH A . 
E 4 HOH 28 2028 2028 HOH HOH A . 
E 4 HOH 29 2029 2029 HOH HOH A . 
E 4 HOH 30 2030 2030 HOH HOH A . 
E 4 HOH 31 2031 2031 HOH HOH A . 
E 4 HOH 32 2032 2032 HOH HOH A . 
E 4 HOH 33 2033 2033 HOH HOH A . 
E 4 HOH 34 2034 2034 HOH HOH A . 
E 4 HOH 35 2035 2035 HOH HOH A . 
E 4 HOH 36 2036 2036 HOH HOH A . 
E 4 HOH 37 2037 2037 HOH HOH A . 
E 4 HOH 38 2038 2038 HOH HOH A . 
E 4 HOH 39 2039 2039 HOH HOH A . 
E 4 HOH 40 2040 2040 HOH HOH A . 
E 4 HOH 41 2041 2041 HOH HOH A . 
E 4 HOH 42 2042 2042 HOH HOH A . 
E 4 HOH 43 2043 2043 HOH HOH A . 
E 4 HOH 44 2044 2044 HOH HOH A . 
E 4 HOH 45 2045 2045 HOH HOH A . 
E 4 HOH 46 2046 2046 HOH HOH A . 
E 4 HOH 47 2047 2047 HOH HOH A . 
E 4 HOH 48 2048 2048 HOH HOH A . 
E 4 HOH 49 2049 2049 HOH HOH A . 
E 4 HOH 50 2050 2050 HOH HOH A . 
E 4 HOH 51 2051 2051 HOH HOH A . 
E 4 HOH 52 2052 2052 HOH HOH A . 
E 4 HOH 53 2053 2053 HOH HOH A . 
E 4 HOH 54 2054 2054 HOH HOH A . 
E 4 HOH 55 2055 2055 HOH HOH A . 
E 4 HOH 56 2056 2056 HOH HOH A . 
E 4 HOH 57 2057 2057 HOH HOH A . 
E 4 HOH 58 2058 2058 HOH HOH A . 
E 4 HOH 59 2059 2059 HOH HOH A . 
E 4 HOH 60 2060 2060 HOH HOH A . 
E 4 HOH 61 2061 2061 HOH HOH A . 
E 4 HOH 62 2062 2062 HOH HOH A . 
E 4 HOH 63 2063 2063 HOH HOH A . 
E 4 HOH 64 2064 2064 HOH HOH A . 
E 4 HOH 65 2065 2065 HOH HOH A . 
# 
loop_
_software.name 
_software.classification 
_software.version 
_software.citation_id 
_software.pdbx_ordinal 
REFMAC    refinement       5.2.0005 ? 1 
HKLSUITE  'data reduction' .        ? 2 
SCALEPACK 'data scaling'   .        ? 3 
PHASER    phasing          .        ? 4 
# 
_cell.entry_id           2J97 
_cell.length_a           85.629 
_cell.length_b           85.629 
_cell.length_c           48.689 
_cell.angle_alpha        90.00 
_cell.angle_beta         90.00 
_cell.angle_gamma        120.00 
_cell.Z_PDB              12 
_cell.pdbx_unique_axis   ? 
# 
_symmetry.entry_id                         2J97 
_symmetry.space_group_name_H-M             'P 6 2 2' 
_symmetry.pdbx_full_space_group_name_H-M   ? 
_symmetry.cell_setting                     ? 
_symmetry.Int_Tables_number                177 
# 
_exptl.entry_id          2J97 
_exptl.method            'X-RAY DIFFRACTION' 
_exptl.crystals_number   1 
# 
_exptl_crystal.id                    1 
_exptl_crystal.density_meas          ? 
_exptl_crystal.density_Matthews      2.14 
_exptl_crystal.density_percent_sol   42 
_exptl_crystal.description           NONE 
# 
_exptl_crystal_grow.crystal_id      1 
_exptl_crystal_grow.method          ? 
_exptl_crystal_grow.temp            ? 
_exptl_crystal_grow.temp_details    ? 
_exptl_crystal_grow.pH              4.5 
_exptl_crystal_grow.pdbx_pH_range   ? 
_exptl_crystal_grow.pdbx_details    '1.9M AMMONIUM SULFATE 0.1M NA ACETATE PH 4.0 5% MPD' 
# 
_diffrn.id                     1 
_diffrn.ambient_temp           100 
_diffrn.ambient_temp_details   ? 
_diffrn.crystal_id             1 
# 
_diffrn_detector.diffrn_id              1 
_diffrn_detector.detector               CCD 
_diffrn_detector.type                   MARRESEARCH 
_diffrn_detector.pdbx_collection_date   2005-09-11 
_diffrn_detector.details                MIRRORS 
# 
_diffrn_radiation.diffrn_id                        1 
_diffrn_radiation.wavelength_id                    1 
_diffrn_radiation.pdbx_monochromatic_or_laue_m_l   M 
_diffrn_radiation.monochromator                    ? 
_diffrn_radiation.pdbx_diffrn_protocol             'SINGLE WAVELENGTH' 
_diffrn_radiation.pdbx_scattering_type             x-ray 
# 
_diffrn_radiation_wavelength.id           1 
_diffrn_radiation_wavelength.wavelength   0.8075 
_diffrn_radiation_wavelength.wt           1.0 
# 
_diffrn_source.diffrn_id                   1 
_diffrn_source.source                      SYNCHROTRON 
_diffrn_source.type                        'EMBL/DESY, HAMBURG BEAMLINE X13' 
_diffrn_source.pdbx_synchrotron_site       'EMBL/DESY, HAMBURG' 
_diffrn_source.pdbx_synchrotron_beamline   X13 
_diffrn_source.pdbx_wavelength             0.8075 
_diffrn_source.pdbx_wavelength_list        ? 
# 
_reflns.pdbx_diffrn_id               1 
_reflns.pdbx_ordinal                 1 
_reflns.entry_id                     2J97 
_reflns.observed_criterion_sigma_I   2.0 
_reflns.observed_criterion_sigma_F   ? 
_reflns.d_resolution_low             40.00 
_reflns.d_resolution_high            1.59 
_reflns.number_obs                   14777 
_reflns.number_all                   ? 
_reflns.percent_possible_obs         98.7 
_reflns.pdbx_Rmerge_I_obs            0.11 
_reflns.pdbx_Rsym_value              ? 
_reflns.pdbx_netI_over_sigmaI        11.40 
_reflns.B_iso_Wilson_estimate        25.40 
_reflns.pdbx_redundancy              11.3 
# 
_reflns_shell.pdbx_diffrn_id         1 
_reflns_shell.pdbx_ordinal           1 
_reflns_shell.d_res_high             1.59 
_reflns_shell.d_res_low              1.62 
_reflns_shell.percent_possible_all   73.4 
_reflns_shell.Rmerge_I_obs           0.82 
_reflns_shell.pdbx_Rsym_value        ? 
_reflns_shell.meanI_over_sigI_obs    2.60 
_reflns_shell.pdbx_redundancy        9.1 
# 
_refine.pdbx_refine_id                           'X-RAY DIFFRACTION' 
_refine.entry_id                                 2J97 
_refine.pdbx_diffrn_id                           1 
_refine.pdbx_TLS_residual_ADP_flag               ? 
_refine.ls_number_reflns_obs                     10557 
_refine.ls_number_reflns_all                     ? 
_refine.pdbx_ls_sigma_I                          ? 
_refine.pdbx_ls_sigma_F                          ? 
_refine.pdbx_data_cutoff_high_absF               ? 
_refine.pdbx_data_cutoff_low_absF                ? 
_refine.pdbx_data_cutoff_high_rms_absF           ? 
_refine.ls_d_res_low                             74.12 
_refine.ls_d_res_high                            1.75 
_refine.ls_percent_reflns_obs                    100.0 
_refine.ls_R_factor_obs                          0.192 
_refine.ls_R_factor_all                          ? 
_refine.ls_R_factor_R_work                       0.191 
_refine.ls_R_factor_R_free                       0.225 
_refine.ls_R_factor_R_free_error                 ? 
_refine.ls_R_factor_R_free_error_details         ? 
_refine.ls_percent_reflns_R_free                 4.800 
_refine.ls_number_reflns_R_free                  527 
_refine.ls_number_parameters                     ? 
_refine.ls_number_restraints                     ? 
_refine.occupancy_min                            ? 
_refine.occupancy_max                            ? 
_refine.correlation_coeff_Fo_to_Fc               0.949 
_refine.correlation_coeff_Fo_to_Fc_free          0.936 
_refine.B_iso_mean                               19.49 
_refine.aniso_B[1][1]                            -1.00000 
_refine.aniso_B[2][2]                            -1.00000 
_refine.aniso_B[3][3]                            1.49000 
_refine.aniso_B[1][2]                            -0.50000 
_refine.aniso_B[1][3]                            0.00000 
_refine.aniso_B[2][3]                            0.00000 
_refine.solvent_model_details                    MASK 
_refine.solvent_model_param_ksol                 ? 
_refine.solvent_model_param_bsol                 ? 
_refine.pdbx_solvent_vdw_probe_radii             1.20 
_refine.pdbx_solvent_ion_probe_radii             0.80 
_refine.pdbx_solvent_shrinkage_radii             0.80 
_refine.pdbx_ls_cross_valid_method               THROUGHOUT 
_refine.details                                  
;HYDROGENS HAVE BEEN ADDED IN THE RIDING POSITIONS. RESIDUES 1,2 AND 107,108 FROM CHAIN A ARE DISORDERED. RESIDUES 55-59 MODELED INTO DISCONTINUOUS ELECTRON DENSITY MAPS AND OCCUPANCY SETTED TO ZERO. VIZIER. VIRAL ENZYME INVOLVED IN REPLICATION. DOUBLE CONFORMATIONS WERE SEEN FOR THE SIDE CHAINS OF RESIDUES 9 MET, 82 LYS
;
_refine.pdbx_starting_model                      'PDB ENTRY 1QZ8' 
_refine.pdbx_method_to_determine_struct          'MOLECULAR REPLACEMENT' 
_refine.pdbx_isotropic_thermal_model             ? 
_refine.pdbx_stereochemistry_target_values       'MAXIMUM LIKELIHOOD' 
_refine.pdbx_stereochem_target_val_spec_case     ? 
_refine.pdbx_R_Free_selection_details            RANDOM 
_refine.pdbx_overall_ESU_R                       0.114 
_refine.pdbx_overall_ESU_R_Free                  0.112 
_refine.overall_SU_ML                            0.072 
_refine.pdbx_overall_phase_error                 ? 
_refine.overall_SU_B                             2.187 
_refine.overall_SU_R_Cruickshank_DPI             ? 
_refine.pdbx_overall_SU_R_free_Cruickshank_DPI   ? 
_refine.pdbx_overall_SU_R_Blow_DPI               ? 
_refine.pdbx_overall_SU_R_free_Blow_DPI          ? 
# 
_refine_hist.pdbx_refine_id                   'X-RAY DIFFRACTION' 
_refine_hist.cycle_id                         LAST 
_refine_hist.pdbx_number_atoms_protein        767 
_refine_hist.pdbx_number_atoms_nucleic_acid   0 
_refine_hist.pdbx_number_atoms_ligand         18 
_refine_hist.number_atoms_solvent             65 
_refine_hist.number_atoms_total               850 
_refine_hist.d_res_high                       1.75 
_refine_hist.d_res_low                        74.12 
# 
loop_
_refine_ls_restr.type 
_refine_ls_restr.dev_ideal 
_refine_ls_restr.dev_ideal_target 
_refine_ls_restr.weight 
_refine_ls_restr.number 
_refine_ls_restr.pdbx_refine_id 
_refine_ls_restr.pdbx_restraint_function 
r_bond_refined_d             0.013  0.022  ? 772  'X-RAY DIFFRACTION' ? 
r_bond_other_d               ?      ?      ? ?    'X-RAY DIFFRACTION' ? 
r_angle_refined_deg          1.417  2.003  ? 1045 'X-RAY DIFFRACTION' ? 
r_angle_other_deg            ?      ?      ? ?    'X-RAY DIFFRACTION' ? 
r_dihedral_angle_1_deg       5.563  5.000  ? 94   'X-RAY DIFFRACTION' ? 
r_dihedral_angle_2_deg       28.935 23.448 ? 29   'X-RAY DIFFRACTION' ? 
r_dihedral_angle_3_deg       13.846 15.000 ? 137  'X-RAY DIFFRACTION' ? 
r_dihedral_angle_4_deg       6.471  15.000 ? 4    'X-RAY DIFFRACTION' ? 
r_chiral_restr               0.100  0.200  ? 115  'X-RAY DIFFRACTION' ? 
r_gen_planes_refined         0.007  0.020  ? 555  'X-RAY DIFFRACTION' ? 
r_gen_planes_other           ?      ?      ? ?    'X-RAY DIFFRACTION' ? 
r_nbd_refined                0.197  0.200  ? 313  'X-RAY DIFFRACTION' ? 
r_nbd_other                  ?      ?      ? ?    'X-RAY DIFFRACTION' ? 
r_nbtor_refined              0.315  0.200  ? 528  'X-RAY DIFFRACTION' ? 
r_nbtor_other                ?      ?      ? ?    'X-RAY DIFFRACTION' ? 
r_xyhbond_nbd_refined        0.115  0.200  ? 47   'X-RAY DIFFRACTION' ? 
r_xyhbond_nbd_other          ?      ?      ? ?    'X-RAY DIFFRACTION' ? 
r_metal_ion_refined          ?      ?      ? ?    'X-RAY DIFFRACTION' ? 
r_metal_ion_other            ?      ?      ? ?    'X-RAY DIFFRACTION' ? 
r_symmetry_vdw_refined       0.307  0.200  ? 41   'X-RAY DIFFRACTION' ? 
r_symmetry_vdw_other         ?      ?      ? ?    'X-RAY DIFFRACTION' ? 
r_symmetry_hbond_refined     0.147  0.200  ? 13   'X-RAY DIFFRACTION' ? 
r_symmetry_hbond_other       ?      ?      ? ?    'X-RAY DIFFRACTION' ? 
r_symmetry_metal_ion_refined ?      ?      ? ?    'X-RAY DIFFRACTION' ? 
r_symmetry_metal_ion_other   ?      ?      ? ?    'X-RAY DIFFRACTION' ? 
r_mcbond_it                  1.039  1.500  ? 479  'X-RAY DIFFRACTION' ? 
r_mcbond_other               ?      ?      ? ?    'X-RAY DIFFRACTION' ? 
r_mcangle_it                 1.723  2.000  ? 750  'X-RAY DIFFRACTION' ? 
r_mcangle_other              ?      ?      ? ?    'X-RAY DIFFRACTION' ? 
r_scbond_it                  2.643  3.000  ? 340  'X-RAY DIFFRACTION' ? 
r_scbond_other               ?      ?      ? ?    'X-RAY DIFFRACTION' ? 
r_scangle_it                 4.161  4.500  ? 293  'X-RAY DIFFRACTION' ? 
r_scangle_other              ?      ?      ? ?    'X-RAY DIFFRACTION' ? 
r_long_range_B_refined       ?      ?      ? ?    'X-RAY DIFFRACTION' ? 
r_long_range_B_other         ?      ?      ? ?    'X-RAY DIFFRACTION' ? 
r_rigid_bond_restr           ?      ?      ? ?    'X-RAY DIFFRACTION' ? 
r_sphericity_free            ?      ?      ? ?    'X-RAY DIFFRACTION' ? 
r_sphericity_bonded          ?      ?      ? ?    'X-RAY DIFFRACTION' ? 
# 
_refine_ls_shell.pdbx_refine_id                   'X-RAY DIFFRACTION' 
_refine_ls_shell.pdbx_total_number_of_bins_used   20 
_refine_ls_shell.d_res_high                       1.75 
_refine_ls_shell.d_res_low                        1.80 
_refine_ls_shell.number_reflns_R_work             757 
_refine_ls_shell.R_factor_R_work                  0.2060 
_refine_ls_shell.percent_reflns_obs               ? 
_refine_ls_shell.R_factor_R_free                  0.1990 
_refine_ls_shell.R_factor_R_free_error            ? 
_refine_ls_shell.percent_reflns_R_free            ? 
_refine_ls_shell.number_reflns_R_free             37 
_refine_ls_shell.number_reflns_all                ? 
_refine_ls_shell.R_factor_all                     ? 
# 
_struct.entry_id                  2J97 
_struct.title                     'Human coronavirus 229E non structural protein 9 (Nsp9)' 
_struct.pdbx_model_details        ? 
_struct.pdbx_CASP_flag            ? 
_struct.pdbx_model_type_details   ? 
# 
_struct_keywords.entry_id        2J97 
_struct_keywords.pdbx_keywords   'RNA BINDING PROTEIN' 
_struct_keywords.text            
;SSB, ZINC, HCOV, MEMBRANE, HELICASE, SARS COV, VIRAL REPLICASE, RNA REPLICATION, ATP-BINDING, NUCLEOTIDE-BINDING, RIBOSOMAL FRAMESHIFT, RNA-BINDING PROTEIN, RNA BINDING PROTEIN
;
# 
loop_
_struct_asym.id 
_struct_asym.pdbx_blank_PDB_chainid_flag 
_struct_asym.pdbx_modified 
_struct_asym.entity_id 
_struct_asym.details 
A N N 1 ? 
B N N 2 ? 
C N N 3 ? 
D N N 3 ? 
E N N 4 ? 
# 
_struct_ref.id                         1 
_struct_ref.db_name                    UNP 
_struct_ref.db_code                    R1A_CVH22 
_struct_ref.entity_id                  1 
_struct_ref.pdbx_seq_one_letter_code   ? 
_struct_ref.pdbx_align_begin           ? 
_struct_ref.pdbx_db_accession          P0C6U2 
_struct_ref.pdbx_db_isoform            ? 
# 
_struct_ref_seq.align_id                      1 
_struct_ref_seq.ref_id                        1 
_struct_ref_seq.pdbx_PDB_id_code              2J97 
_struct_ref_seq.pdbx_strand_id                A 
_struct_ref_seq.seq_align_beg                 1 
_struct_ref_seq.pdbx_seq_align_beg_ins_code   ? 
_struct_ref_seq.seq_align_end                 109 
_struct_ref_seq.pdbx_seq_align_end_ins_code   ? 
_struct_ref_seq.pdbx_db_accession             P0C6U2 
_struct_ref_seq.db_align_beg                  3825 
_struct_ref_seq.pdbx_db_align_beg_ins_code    ? 
_struct_ref_seq.db_align_end                  3933 
_struct_ref_seq.pdbx_db_align_end_ins_code    ? 
_struct_ref_seq.pdbx_auth_seq_align_beg       1 
_struct_ref_seq.pdbx_auth_seq_align_end       109 
# 
_pdbx_struct_assembly.id                   1 
_pdbx_struct_assembly.details              author_and_software_defined_assembly 
_pdbx_struct_assembly.method_details       PQS 
_pdbx_struct_assembly.oligomeric_details   dimeric 
_pdbx_struct_assembly.oligomeric_count     2 
# 
loop_
_pdbx_struct_assembly_prop.biol_id 
_pdbx_struct_assembly_prop.type 
_pdbx_struct_assembly_prop.value 
_pdbx_struct_assembly_prop.details 
1 'ABSA (A^2)' 2280  ? 
1 MORE         -15.8 ? 
1 'SSA (A^2)'  12290 ? 
# 
_pdbx_struct_assembly_gen.assembly_id       1 
_pdbx_struct_assembly_gen.oper_expression   1,2 
_pdbx_struct_assembly_gen.asym_id_list      A,B,C,D,E 
# 
loop_
_pdbx_struct_oper_list.id 
_pdbx_struct_oper_list.type 
_pdbx_struct_oper_list.name 
_pdbx_struct_oper_list.symmetry_operation 
_pdbx_struct_oper_list.matrix[1][1] 
_pdbx_struct_oper_list.matrix[1][2] 
_pdbx_struct_oper_list.matrix[1][3] 
_pdbx_struct_oper_list.vector[1] 
_pdbx_struct_oper_list.matrix[2][1] 
_pdbx_struct_oper_list.matrix[2][2] 
_pdbx_struct_oper_list.matrix[2][3] 
_pdbx_struct_oper_list.vector[2] 
_pdbx_struct_oper_list.matrix[3][1] 
_pdbx_struct_oper_list.matrix[3][2] 
_pdbx_struct_oper_list.matrix[3][3] 
_pdbx_struct_oper_list.vector[3] 
1 'identity operation'         1_555  x,y,z        1.0000000000  0.0000000000 0.0000000000 0.0000000000   0.0000000000 1.0000000000 0.0000000000 0.0000000000 0.0000000000 0.0000000000 1.0000000000  0.0000000000   
2 'crystal symmetry operation' 12_549 x,x-y-1,-z+4 -0.9999936614 0.0032054480 0.0015499110 -12.1015600451 0.0032054480 0.6210090927 0.7837968052 7.9669095363 0.0015499110 0.7837968052 -0.6210154313 -16.4272701684 
# 
_struct_biol.id   1 
# 
_struct_conf.conf_type_id            HELX_P 
_struct_conf.id                      HELX_P1 
_struct_conf.pdbx_PDB_helix_id       1 
_struct_conf.beg_label_comp_id       ASN 
_struct_conf.beg_label_asym_id       A 
_struct_conf.beg_label_seq_id        91 
_struct_conf.pdbx_beg_PDB_ins_code   ? 
_struct_conf.end_label_comp_id       ARG 
_struct_conf.end_label_asym_id       A 
_struct_conf.end_label_seq_id        107 
_struct_conf.pdbx_end_PDB_ins_code   ? 
_struct_conf.beg_auth_comp_id        ASN 
_struct_conf.beg_auth_asym_id        A 
_struct_conf.beg_auth_seq_id         91 
_struct_conf.end_auth_comp_id        ARG 
_struct_conf.end_auth_asym_id        A 
_struct_conf.end_auth_seq_id         107 
_struct_conf.pdbx_PDB_helix_class    1 
_struct_conf.details                 ? 
_struct_conf.pdbx_PDB_helix_length   17 
# 
_struct_conf_type.id          HELX_P 
_struct_conf_type.criteria    ? 
_struct_conf_type.reference   ? 
# 
_struct_conn.id                            disulf1 
_struct_conn.conn_type_id                  disulf 
_struct_conn.pdbx_leaving_atom_flag        ? 
_struct_conn.pdbx_PDB_id                   ? 
_struct_conn.ptnr1_label_asym_id           A 
_struct_conn.ptnr1_label_comp_id           CYS 
_struct_conn.ptnr1_label_seq_id            69 
_struct_conn.ptnr1_label_atom_id           SG 
_struct_conn.pdbx_ptnr1_label_alt_id       ? 
_struct_conn.pdbx_ptnr1_PDB_ins_code       ? 
_struct_conn.pdbx_ptnr1_standard_comp_id   ? 
_struct_conn.ptnr1_symmetry                1_555 
_struct_conn.ptnr2_label_asym_id           A 
_struct_conn.ptnr2_label_comp_id           CYS 
_struct_conn.ptnr2_label_seq_id            69 
_struct_conn.ptnr2_label_atom_id           SG 
_struct_conn.pdbx_ptnr2_label_alt_id       ? 
_struct_conn.pdbx_ptnr2_PDB_ins_code       ? 
_struct_conn.ptnr1_auth_asym_id            A 
_struct_conn.ptnr1_auth_comp_id            CYS 
_struct_conn.ptnr1_auth_seq_id             69 
_struct_conn.ptnr2_auth_asym_id            A 
_struct_conn.ptnr2_auth_comp_id            CYS 
_struct_conn.ptnr2_auth_seq_id             69 
_struct_conn.ptnr2_symmetry                12_549 
_struct_conn.pdbx_ptnr3_label_atom_id      ? 
_struct_conn.pdbx_ptnr3_label_seq_id       ? 
_struct_conn.pdbx_ptnr3_label_comp_id      ? 
_struct_conn.pdbx_ptnr3_label_asym_id      ? 
_struct_conn.pdbx_ptnr3_label_alt_id       ? 
_struct_conn.pdbx_ptnr3_PDB_ins_code       ? 
_struct_conn.details                       ? 
_struct_conn.pdbx_dist_value               2.114 
_struct_conn.pdbx_value_order              ? 
_struct_conn.pdbx_role                     ? 
# 
_struct_conn_type.id          disulf 
_struct_conn_type.criteria    ? 
_struct_conn_type.reference   ? 
# 
_pdbx_modification_feature.ordinal                            1 
_pdbx_modification_feature.label_comp_id                      CYS 
_pdbx_modification_feature.label_asym_id                      A 
_pdbx_modification_feature.label_seq_id                       69 
_pdbx_modification_feature.label_alt_id                       ? 
_pdbx_modification_feature.modified_residue_label_comp_id     CYS 
_pdbx_modification_feature.modified_residue_label_asym_id     A 
_pdbx_modification_feature.modified_residue_label_seq_id      69 
_pdbx_modification_feature.modified_residue_label_alt_id      ? 
_pdbx_modification_feature.auth_comp_id                       CYS 
_pdbx_modification_feature.auth_asym_id                       A 
_pdbx_modification_feature.auth_seq_id                        69 
_pdbx_modification_feature.PDB_ins_code                       ? 
_pdbx_modification_feature.symmetry                           1_555 
_pdbx_modification_feature.modified_residue_auth_comp_id      CYS 
_pdbx_modification_feature.modified_residue_auth_asym_id      A 
_pdbx_modification_feature.modified_residue_auth_seq_id       69 
_pdbx_modification_feature.modified_residue_PDB_ins_code      ? 
_pdbx_modification_feature.modified_residue_symmetry          12_549 
_pdbx_modification_feature.comp_id_linking_atom               SG 
_pdbx_modification_feature.modified_residue_id_linking_atom   SG 
_pdbx_modification_feature.modified_residue_id                . 
_pdbx_modification_feature.ref_pcm_id                         . 
_pdbx_modification_feature.ref_comp_id                        . 
_pdbx_modification_feature.type                               None 
_pdbx_modification_feature.category                           'Disulfide bridge' 
# 
_struct_mon_prot_cis.pdbx_id                1 
_struct_mon_prot_cis.label_comp_id          SER 
_struct_mon_prot_cis.label_seq_id           58 
_struct_mon_prot_cis.label_asym_id          A 
_struct_mon_prot_cis.label_alt_id           . 
_struct_mon_prot_cis.pdbx_PDB_ins_code      ? 
_struct_mon_prot_cis.auth_comp_id           SER 
_struct_mon_prot_cis.auth_seq_id            58 
_struct_mon_prot_cis.auth_asym_id           A 
_struct_mon_prot_cis.pdbx_label_comp_id_2   GLY 
_struct_mon_prot_cis.pdbx_label_seq_id_2    59 
_struct_mon_prot_cis.pdbx_label_asym_id_2   A 
_struct_mon_prot_cis.pdbx_PDB_ins_code_2    ? 
_struct_mon_prot_cis.pdbx_auth_comp_id_2    GLY 
_struct_mon_prot_cis.pdbx_auth_seq_id_2     59 
_struct_mon_prot_cis.pdbx_auth_asym_id_2    A 
_struct_mon_prot_cis.pdbx_PDB_model_num     1 
_struct_mon_prot_cis.pdbx_omega_angle       20.91 
# 
_struct_sheet.id               AA 
_struct_sheet.type             ? 
_struct_sheet.number_strands   7 
_struct_sheet.details          ? 
# 
loop_
_struct_sheet_order.sheet_id 
_struct_sheet_order.range_id_1 
_struct_sheet_order.range_id_2 
_struct_sheet_order.offset 
_struct_sheet_order.sense 
AA 1 2 ? anti-parallel 
AA 2 3 ? anti-parallel 
AA 3 4 ? anti-parallel 
AA 4 5 ? anti-parallel 
AA 5 6 ? anti-parallel 
AA 6 7 ? anti-parallel 
# 
loop_
_struct_sheet_range.sheet_id 
_struct_sheet_range.id 
_struct_sheet_range.beg_label_comp_id 
_struct_sheet_range.beg_label_asym_id 
_struct_sheet_range.beg_label_seq_id 
_struct_sheet_range.pdbx_beg_PDB_ins_code 
_struct_sheet_range.end_label_comp_id 
_struct_sheet_range.end_label_asym_id 
_struct_sheet_range.end_label_seq_id 
_struct_sheet_range.pdbx_end_PDB_ins_code 
_struct_sheet_range.beg_auth_comp_id 
_struct_sheet_range.beg_auth_asym_id 
_struct_sheet_range.beg_auth_seq_id 
_struct_sheet_range.end_auth_comp_id 
_struct_sheet_range.end_auth_asym_id 
_struct_sheet_range.end_auth_seq_id 
AA 1 VAL A 61 ? GLU A 64 ? VAL A 61 GLU A 64 
AA 2 MET A 49 ? TRP A 54 ? MET A 49 TRP A 54 
AA 3 LYS A 10 ? GLY A 18 ? LYS A 10 GLY A 18 
AA 4 THR A 23 ? ASN A 31 ? THR A 23 ASN A 31 
AA 5 PHE A 38 ? THR A 44 ? PHE A 38 THR A 44 
AA 6 GLN A 80 ? PHE A 86 ? GLN A 80 PHE A 86 
AA 7 CYS A 69 ? ILE A 73 ? CYS A 69 ILE A 73 
# 
loop_
_pdbx_struct_sheet_hbond.sheet_id 
_pdbx_struct_sheet_hbond.range_id_1 
_pdbx_struct_sheet_hbond.range_id_2 
_pdbx_struct_sheet_hbond.range_1_label_atom_id 
_pdbx_struct_sheet_hbond.range_1_label_comp_id 
_pdbx_struct_sheet_hbond.range_1_label_asym_id 
_pdbx_struct_sheet_hbond.range_1_label_seq_id 
_pdbx_struct_sheet_hbond.range_1_PDB_ins_code 
_pdbx_struct_sheet_hbond.range_1_auth_atom_id 
_pdbx_struct_sheet_hbond.range_1_auth_comp_id 
_pdbx_struct_sheet_hbond.range_1_auth_asym_id 
_pdbx_struct_sheet_hbond.range_1_auth_seq_id 
_pdbx_struct_sheet_hbond.range_2_label_atom_id 
_pdbx_struct_sheet_hbond.range_2_label_comp_id 
_pdbx_struct_sheet_hbond.range_2_label_asym_id 
_pdbx_struct_sheet_hbond.range_2_label_seq_id 
_pdbx_struct_sheet_hbond.range_2_PDB_ins_code 
_pdbx_struct_sheet_hbond.range_2_auth_atom_id 
_pdbx_struct_sheet_hbond.range_2_auth_comp_id 
_pdbx_struct_sheet_hbond.range_2_auth_asym_id 
_pdbx_struct_sheet_hbond.range_2_auth_seq_id 
AA 1 2 N VAL A 63 ? N VAL A 63 O VAL A 52 ? O VAL A 52 
AA 2 3 N LYS A 53 ? N LYS A 53 O LYS A 15 ? O LYS A 15 
AA 3 4 N GLY A 16 ? N GLY A 16 O SER A 24 ? O SER A 24 
AA 4 5 N ASN A 31 ? N ASN A 31 O PHE A 38 ? O PHE A 38 
AA 5 6 N THR A 44 ? N THR A 44 O TYR A 83 ? O TYR A 83 
AA 6 7 N LEU A 84 ? N LEU A 84 O CYS A 69 ? O CYS A 69 
# 
loop_
_struct_site.id 
_struct_site.pdbx_evidence_code 
_struct_site.pdbx_auth_asym_id 
_struct_site.pdbx_auth_comp_id 
_struct_site.pdbx_auth_seq_id 
_struct_site.pdbx_auth_ins_code 
_struct_site.pdbx_num_residues 
_struct_site.details 
AC1 Software ? ? ? ? 2 'BINDING SITE FOR RESIDUE MPD A1110' 
AC2 Software ? ? ? ? 6 'BINDING SITE FOR RESIDUE SO4 A1111' 
AC3 Software ? ? ? ? 2 'BINDING SITE FOR RESIDUE SO4 A1112' 
# 
loop_
_struct_site_gen.id 
_struct_site_gen.site_id 
_struct_site_gen.pdbx_num_res 
_struct_site_gen.label_comp_id 
_struct_site_gen.label_asym_id 
_struct_site_gen.label_seq_id 
_struct_site_gen.pdbx_auth_ins_code 
_struct_site_gen.auth_comp_id 
_struct_site_gen.auth_asym_id 
_struct_site_gen.auth_seq_id 
_struct_site_gen.label_atom_id 
_struct_site_gen.label_alt_id 
_struct_site_gen.symmetry 
_struct_site_gen.details 
1  AC1 2 ASN A 27 ? ASN A 27   . ? 1_555 ? 
2  AC1 2 SO4 C .  ? SO4 A 1111 . ? 1_555 ? 
3  AC2 6 VAL A 43 ? VAL A 43   . ? 1_555 ? 
4  AC2 6 THR A 44 ? THR A 44   . ? 1_555 ? 
5  AC2 6 THR A 45 ? THR A 45   . ? 1_555 ? 
6  AC2 6 LYS A 82 ? LYS A 82   . ? 1_555 ? 
7  AC2 6 MPD B .  ? MPD A 1110 . ? 1_555 ? 
8  AC2 6 HOH E .  ? HOH A 2065 . ? 1_555 ? 
9  AC3 2 ASP A 19 ? ASP A 19   . ? 1_555 ? 
10 AC3 2 LYS A 50 ? LYS A 50   . ? 1_555 ? 
# 
_pdbx_entry_details.entry_id                   2J97 
_pdbx_entry_details.compound_details           ? 
_pdbx_entry_details.source_details             ? 
_pdbx_entry_details.nonpolymer_details         ? 
_pdbx_entry_details.sequence_details           ? 
_pdbx_entry_details.has_ligand_of_interest     ? 
_pdbx_entry_details.has_protein_modification   Y 
# 
loop_
_pdbx_validate_close_contact.id 
_pdbx_validate_close_contact.PDB_model_num 
_pdbx_validate_close_contact.auth_atom_id_1 
_pdbx_validate_close_contact.auth_asym_id_1 
_pdbx_validate_close_contact.auth_comp_id_1 
_pdbx_validate_close_contact.auth_seq_id_1 
_pdbx_validate_close_contact.PDB_ins_code_1 
_pdbx_validate_close_contact.label_alt_id_1 
_pdbx_validate_close_contact.auth_atom_id_2 
_pdbx_validate_close_contact.auth_asym_id_2 
_pdbx_validate_close_contact.auth_comp_id_2 
_pdbx_validate_close_contact.auth_seq_id_2 
_pdbx_validate_close_contact.PDB_ins_code_2 
_pdbx_validate_close_contact.label_alt_id_2 
_pdbx_validate_close_contact.dist 
1 1 CE A LYS 12 ? ? OE1 A GLU 55 ? ? 0.47 
2 1 CE A LYS 12 ? ? CD  A GLU 55 ? ? 1.47 
3 1 NZ A LYS 12 ? ? OE1 A GLU 55 ? ? 1.64 
4 1 CD A LYS 12 ? ? OE1 A GLU 55 ? ? 1.92 
5 1 CE A LYS 12 ? ? OE2 A GLU 55 ? ? 2.18 
# 
loop_
_pdbx_validate_torsion.id 
_pdbx_validate_torsion.PDB_model_num 
_pdbx_validate_torsion.auth_comp_id 
_pdbx_validate_torsion.auth_asym_id 
_pdbx_validate_torsion.auth_seq_id 
_pdbx_validate_torsion.PDB_ins_code 
_pdbx_validate_torsion.label_alt_id 
_pdbx_validate_torsion.phi 
_pdbx_validate_torsion.psi 
1 1 GLU A 55 ? ? -31.35 135.03 
2 1 SER A 58 ? ? 176.96 161.67 
# 
loop_
_pdbx_validate_peptide_omega.id 
_pdbx_validate_peptide_omega.PDB_model_num 
_pdbx_validate_peptide_omega.auth_comp_id_1 
_pdbx_validate_peptide_omega.auth_asym_id_1 
_pdbx_validate_peptide_omega.auth_seq_id_1 
_pdbx_validate_peptide_omega.PDB_ins_code_1 
_pdbx_validate_peptide_omega.label_alt_id_1 
_pdbx_validate_peptide_omega.auth_comp_id_2 
_pdbx_validate_peptide_omega.auth_asym_id_2 
_pdbx_validate_peptide_omega.auth_seq_id_2 
_pdbx_validate_peptide_omega.PDB_ins_code_2 
_pdbx_validate_peptide_omega.label_alt_id_2 
_pdbx_validate_peptide_omega.omega 
1 1 GLU A 55 ? ? HIS A 56 ? ? 145.63 
2 1 HIS A 56 ? ? ASP A 57 ? ? 137.67 
3 1 ASP A 57 ? ? SER A 58 ? ? -36.35 
# 
loop_
_pdbx_unobs_or_zero_occ_residues.id 
_pdbx_unobs_or_zero_occ_residues.PDB_model_num 
_pdbx_unobs_or_zero_occ_residues.polymer_flag 
_pdbx_unobs_or_zero_occ_residues.occupancy_flag 
_pdbx_unobs_or_zero_occ_residues.auth_asym_id 
_pdbx_unobs_or_zero_occ_residues.auth_comp_id 
_pdbx_unobs_or_zero_occ_residues.auth_seq_id 
_pdbx_unobs_or_zero_occ_residues.PDB_ins_code 
_pdbx_unobs_or_zero_occ_residues.label_asym_id 
_pdbx_unobs_or_zero_occ_residues.label_comp_id 
_pdbx_unobs_or_zero_occ_residues.label_seq_id 
1  1 Y 1 A ASN 1  ? A ASN 1  
2  1 Y 1 A ASN 2  ? A ASN 2  
3  1 Y 1 A GLU 3  ? A GLU 3  
4  1 Y 1 A ILE 4  ? A ILE 4  
5  1 Y 1 A MET 5  ? A MET 5  
6  1 Y 1 A PRO 6  ? A PRO 6  
7  1 Y 1 A GLY 7  ? A GLY 7  
8  1 Y 1 A GLU 33 ? A GLU 33 
9  1 Y 1 A GLY 34 ? A GLY 34 
10 1 Y 1 A GLY 35 ? A GLY 35 
11 1 Y 1 A ARG 36 ? A ARG 36 
12 1 Y 0 A GLU 55 ? A GLU 55 
13 1 Y 0 A HIS 56 ? A HIS 56 
14 1 Y 0 A ASP 57 ? A ASP 57 
15 1 Y 0 A SER 58 ? A SER 58 
16 1 Y 0 A GLY 59 ? A GLY 59 
# 
loop_
_chem_comp_atom.comp_id 
_chem_comp_atom.atom_id 
_chem_comp_atom.type_symbol 
_chem_comp_atom.pdbx_aromatic_flag 
_chem_comp_atom.pdbx_stereo_config 
_chem_comp_atom.pdbx_ordinal 
ALA N    N N N 1   
ALA CA   C N S 2   
ALA C    C N N 3   
ALA O    O N N 4   
ALA CB   C N N 5   
ALA OXT  O N N 6   
ALA H    H N N 7   
ALA H2   H N N 8   
ALA HA   H N N 9   
ALA HB1  H N N 10  
ALA HB2  H N N 11  
ALA HB3  H N N 12  
ALA HXT  H N N 13  
ARG N    N N N 14  
ARG CA   C N S 15  
ARG C    C N N 16  
ARG O    O N N 17  
ARG CB   C N N 18  
ARG CG   C N N 19  
ARG CD   C N N 20  
ARG NE   N N N 21  
ARG CZ   C N N 22  
ARG NH1  N N N 23  
ARG NH2  N N N 24  
ARG OXT  O N N 25  
ARG H    H N N 26  
ARG H2   H N N 27  
ARG HA   H N N 28  
ARG HB2  H N N 29  
ARG HB3  H N N 30  
ARG HG2  H N N 31  
ARG HG3  H N N 32  
ARG HD2  H N N 33  
ARG HD3  H N N 34  
ARG HE   H N N 35  
ARG HH11 H N N 36  
ARG HH12 H N N 37  
ARG HH21 H N N 38  
ARG HH22 H N N 39  
ARG HXT  H N N 40  
ASN N    N N N 41  
ASN CA   C N S 42  
ASN C    C N N 43  
ASN O    O N N 44  
ASN CB   C N N 45  
ASN CG   C N N 46  
ASN OD1  O N N 47  
ASN ND2  N N N 48  
ASN OXT  O N N 49  
ASN H    H N N 50  
ASN H2   H N N 51  
ASN HA   H N N 52  
ASN HB2  H N N 53  
ASN HB3  H N N 54  
ASN HD21 H N N 55  
ASN HD22 H N N 56  
ASN HXT  H N N 57  
ASP N    N N N 58  
ASP CA   C N S 59  
ASP C    C N N 60  
ASP O    O N N 61  
ASP CB   C N N 62  
ASP CG   C N N 63  
ASP OD1  O N N 64  
ASP OD2  O N N 65  
ASP OXT  O N N 66  
ASP H    H N N 67  
ASP H2   H N N 68  
ASP HA   H N N 69  
ASP HB2  H N N 70  
ASP HB3  H N N 71  
ASP HD2  H N N 72  
ASP HXT  H N N 73  
CYS N    N N N 74  
CYS CA   C N R 75  
CYS C    C N N 76  
CYS O    O N N 77  
CYS CB   C N N 78  
CYS SG   S N N 79  
CYS OXT  O N N 80  
CYS H    H N N 81  
CYS H2   H N N 82  
CYS HA   H N N 83  
CYS HB2  H N N 84  
CYS HB3  H N N 85  
CYS HG   H N N 86  
CYS HXT  H N N 87  
GLN N    N N N 88  
GLN CA   C N S 89  
GLN C    C N N 90  
GLN O    O N N 91  
GLN CB   C N N 92  
GLN CG   C N N 93  
GLN CD   C N N 94  
GLN OE1  O N N 95  
GLN NE2  N N N 96  
GLN OXT  O N N 97  
GLN H    H N N 98  
GLN H2   H N N 99  
GLN HA   H N N 100 
GLN HB2  H N N 101 
GLN HB3  H N N 102 
GLN HG2  H N N 103 
GLN HG3  H N N 104 
GLN HE21 H N N 105 
GLN HE22 H N N 106 
GLN HXT  H N N 107 
GLU N    N N N 108 
GLU CA   C N S 109 
GLU C    C N N 110 
GLU O    O N N 111 
GLU CB   C N N 112 
GLU CG   C N N 113 
GLU CD   C N N 114 
GLU OE1  O N N 115 
GLU OE2  O N N 116 
GLU OXT  O N N 117 
GLU H    H N N 118 
GLU H2   H N N 119 
GLU HA   H N N 120 
GLU HB2  H N N 121 
GLU HB3  H N N 122 
GLU HG2  H N N 123 
GLU HG3  H N N 124 
GLU HE2  H N N 125 
GLU HXT  H N N 126 
GLY N    N N N 127 
GLY CA   C N N 128 
GLY C    C N N 129 
GLY O    O N N 130 
GLY OXT  O N N 131 
GLY H    H N N 132 
GLY H2   H N N 133 
GLY HA2  H N N 134 
GLY HA3  H N N 135 
GLY HXT  H N N 136 
HIS N    N N N 137 
HIS CA   C N S 138 
HIS C    C N N 139 
HIS O    O N N 140 
HIS CB   C N N 141 
HIS CG   C Y N 142 
HIS ND1  N Y N 143 
HIS CD2  C Y N 144 
HIS CE1  C Y N 145 
HIS NE2  N Y N 146 
HIS OXT  O N N 147 
HIS H    H N N 148 
HIS H2   H N N 149 
HIS HA   H N N 150 
HIS HB2  H N N 151 
HIS HB3  H N N 152 
HIS HD1  H N N 153 
HIS HD2  H N N 154 
HIS HE1  H N N 155 
HIS HE2  H N N 156 
HIS HXT  H N N 157 
HOH O    O N N 158 
HOH H1   H N N 159 
HOH H2   H N N 160 
ILE N    N N N 161 
ILE CA   C N S 162 
ILE C    C N N 163 
ILE O    O N N 164 
ILE CB   C N S 165 
ILE CG1  C N N 166 
ILE CG2  C N N 167 
ILE CD1  C N N 168 
ILE OXT  O N N 169 
ILE H    H N N 170 
ILE H2   H N N 171 
ILE HA   H N N 172 
ILE HB   H N N 173 
ILE HG12 H N N 174 
ILE HG13 H N N 175 
ILE HG21 H N N 176 
ILE HG22 H N N 177 
ILE HG23 H N N 178 
ILE HD11 H N N 179 
ILE HD12 H N N 180 
ILE HD13 H N N 181 
ILE HXT  H N N 182 
LEU N    N N N 183 
LEU CA   C N S 184 
LEU C    C N N 185 
LEU O    O N N 186 
LEU CB   C N N 187 
LEU CG   C N N 188 
LEU CD1  C N N 189 
LEU CD2  C N N 190 
LEU OXT  O N N 191 
LEU H    H N N 192 
LEU H2   H N N 193 
LEU HA   H N N 194 
LEU HB2  H N N 195 
LEU HB3  H N N 196 
LEU HG   H N N 197 
LEU HD11 H N N 198 
LEU HD12 H N N 199 
LEU HD13 H N N 200 
LEU HD21 H N N 201 
LEU HD22 H N N 202 
LEU HD23 H N N 203 
LEU HXT  H N N 204 
LYS N    N N N 205 
LYS CA   C N S 206 
LYS C    C N N 207 
LYS O    O N N 208 
LYS CB   C N N 209 
LYS CG   C N N 210 
LYS CD   C N N 211 
LYS CE   C N N 212 
LYS NZ   N N N 213 
LYS OXT  O N N 214 
LYS H    H N N 215 
LYS H2   H N N 216 
LYS HA   H N N 217 
LYS HB2  H N N 218 
LYS HB3  H N N 219 
LYS HG2  H N N 220 
LYS HG3  H N N 221 
LYS HD2  H N N 222 
LYS HD3  H N N 223 
LYS HE2  H N N 224 
LYS HE3  H N N 225 
LYS HZ1  H N N 226 
LYS HZ2  H N N 227 
LYS HZ3  H N N 228 
LYS HXT  H N N 229 
MET N    N N N 230 
MET CA   C N S 231 
MET C    C N N 232 
MET O    O N N 233 
MET CB   C N N 234 
MET CG   C N N 235 
MET SD   S N N 236 
MET CE   C N N 237 
MET OXT  O N N 238 
MET H    H N N 239 
MET H2   H N N 240 
MET HA   H N N 241 
MET HB2  H N N 242 
MET HB3  H N N 243 
MET HG2  H N N 244 
MET HG3  H N N 245 
MET HE1  H N N 246 
MET HE2  H N N 247 
MET HE3  H N N 248 
MET HXT  H N N 249 
MPD C1   C N N 250 
MPD C2   C N N 251 
MPD O2   O N N 252 
MPD CM   C N N 253 
MPD C3   C N N 254 
MPD C4   C N S 255 
MPD O4   O N N 256 
MPD C5   C N N 257 
MPD H11  H N N 258 
MPD H12  H N N 259 
MPD H13  H N N 260 
MPD HO2  H N N 261 
MPD HM1  H N N 262 
MPD HM2  H N N 263 
MPD HM3  H N N 264 
MPD H31  H N N 265 
MPD H32  H N N 266 
MPD H4   H N N 267 
MPD HO4  H N N 268 
MPD H51  H N N 269 
MPD H52  H N N 270 
MPD H53  H N N 271 
PHE N    N N N 272 
PHE CA   C N S 273 
PHE C    C N N 274 
PHE O    O N N 275 
PHE CB   C N N 276 
PHE CG   C Y N 277 
PHE CD1  C Y N 278 
PHE CD2  C Y N 279 
PHE CE1  C Y N 280 
PHE CE2  C Y N 281 
PHE CZ   C Y N 282 
PHE OXT  O N N 283 
PHE H    H N N 284 
PHE H2   H N N 285 
PHE HA   H N N 286 
PHE HB2  H N N 287 
PHE HB3  H N N 288 
PHE HD1  H N N 289 
PHE HD2  H N N 290 
PHE HE1  H N N 291 
PHE HE2  H N N 292 
PHE HZ   H N N 293 
PHE HXT  H N N 294 
PRO N    N N N 295 
PRO CA   C N S 296 
PRO C    C N N 297 
PRO O    O N N 298 
PRO CB   C N N 299 
PRO CG   C N N 300 
PRO CD   C N N 301 
PRO OXT  O N N 302 
PRO H    H N N 303 
PRO HA   H N N 304 
PRO HB2  H N N 305 
PRO HB3  H N N 306 
PRO HG2  H N N 307 
PRO HG3  H N N 308 
PRO HD2  H N N 309 
PRO HD3  H N N 310 
PRO HXT  H N N 311 
SER N    N N N 312 
SER CA   C N S 313 
SER C    C N N 314 
SER O    O N N 315 
SER CB   C N N 316 
SER OG   O N N 317 
SER OXT  O N N 318 
SER H    H N N 319 
SER H2   H N N 320 
SER HA   H N N 321 
SER HB2  H N N 322 
SER HB3  H N N 323 
SER HG   H N N 324 
SER HXT  H N N 325 
SO4 S    S N N 326 
SO4 O1   O N N 327 
SO4 O2   O N N 328 
SO4 O3   O N N 329 
SO4 O4   O N N 330 
THR N    N N N 331 
THR CA   C N S 332 
THR C    C N N 333 
THR O    O N N 334 
THR CB   C N R 335 
THR OG1  O N N 336 
THR CG2  C N N 337 
THR OXT  O N N 338 
THR H    H N N 339 
THR H2   H N N 340 
THR HA   H N N 341 
THR HB   H N N 342 
THR HG1  H N N 343 
THR HG21 H N N 344 
THR HG22 H N N 345 
THR HG23 H N N 346 
THR HXT  H N N 347 
TRP N    N N N 348 
TRP CA   C N S 349 
TRP C    C N N 350 
TRP O    O N N 351 
TRP CB   C N N 352 
TRP CG   C Y N 353 
TRP CD1  C Y N 354 
TRP CD2  C Y N 355 
TRP NE1  N Y N 356 
TRP CE2  C Y N 357 
TRP CE3  C Y N 358 
TRP CZ2  C Y N 359 
TRP CZ3  C Y N 360 
TRP CH2  C Y N 361 
TRP OXT  O N N 362 
TRP H    H N N 363 
TRP H2   H N N 364 
TRP HA   H N N 365 
TRP HB2  H N N 366 
TRP HB3  H N N 367 
TRP HD1  H N N 368 
TRP HE1  H N N 369 
TRP HE3  H N N 370 
TRP HZ2  H N N 371 
TRP HZ3  H N N 372 
TRP HH2  H N N 373 
TRP HXT  H N N 374 
TYR N    N N N 375 
TYR CA   C N S 376 
TYR C    C N N 377 
TYR O    O N N 378 
TYR CB   C N N 379 
TYR CG   C Y N 380 
TYR CD1  C Y N 381 
TYR CD2  C Y N 382 
TYR CE1  C Y N 383 
TYR CE2  C Y N 384 
TYR CZ   C Y N 385 
TYR OH   O N N 386 
TYR OXT  O N N 387 
TYR H    H N N 388 
TYR H2   H N N 389 
TYR HA   H N N 390 
TYR HB2  H N N 391 
TYR HB3  H N N 392 
TYR HD1  H N N 393 
TYR HD2  H N N 394 
TYR HE1  H N N 395 
TYR HE2  H N N 396 
TYR HH   H N N 397 
TYR HXT  H N N 398 
VAL N    N N N 399 
VAL CA   C N S 400 
VAL C    C N N 401 
VAL O    O N N 402 
VAL CB   C N N 403 
VAL CG1  C N N 404 
VAL CG2  C N N 405 
VAL OXT  O N N 406 
VAL H    H N N 407 
VAL H2   H N N 408 
VAL HA   H N N 409 
VAL HB   H N N 410 
VAL HG11 H N N 411 
VAL HG12 H N N 412 
VAL HG13 H N N 413 
VAL HG21 H N N 414 
VAL HG22 H N N 415 
VAL HG23 H N N 416 
VAL HXT  H N N 417 
# 
loop_
_chem_comp_bond.comp_id 
_chem_comp_bond.atom_id_1 
_chem_comp_bond.atom_id_2 
_chem_comp_bond.value_order 
_chem_comp_bond.pdbx_aromatic_flag 
_chem_comp_bond.pdbx_stereo_config 
_chem_comp_bond.pdbx_ordinal 
ALA N   CA   sing N N 1   
ALA N   H    sing N N 2   
ALA N   H2   sing N N 3   
ALA CA  C    sing N N 4   
ALA CA  CB   sing N N 5   
ALA CA  HA   sing N N 6   
ALA C   O    doub N N 7   
ALA C   OXT  sing N N 8   
ALA CB  HB1  sing N N 9   
ALA CB  HB2  sing N N 10  
ALA CB  HB3  sing N N 11  
ALA OXT HXT  sing N N 12  
ARG N   CA   sing N N 13  
ARG N   H    sing N N 14  
ARG N   H2   sing N N 15  
ARG CA  C    sing N N 16  
ARG CA  CB   sing N N 17  
ARG CA  HA   sing N N 18  
ARG C   O    doub N N 19  
ARG C   OXT  sing N N 20  
ARG CB  CG   sing N N 21  
ARG CB  HB2  sing N N 22  
ARG CB  HB3  sing N N 23  
ARG CG  CD   sing N N 24  
ARG CG  HG2  sing N N 25  
ARG CG  HG3  sing N N 26  
ARG CD  NE   sing N N 27  
ARG CD  HD2  sing N N 28  
ARG CD  HD3  sing N N 29  
ARG NE  CZ   sing N N 30  
ARG NE  HE   sing N N 31  
ARG CZ  NH1  sing N N 32  
ARG CZ  NH2  doub N N 33  
ARG NH1 HH11 sing N N 34  
ARG NH1 HH12 sing N N 35  
ARG NH2 HH21 sing N N 36  
ARG NH2 HH22 sing N N 37  
ARG OXT HXT  sing N N 38  
ASN N   CA   sing N N 39  
ASN N   H    sing N N 40  
ASN N   H2   sing N N 41  
ASN CA  C    sing N N 42  
ASN CA  CB   sing N N 43  
ASN CA  HA   sing N N 44  
ASN C   O    doub N N 45  
ASN C   OXT  sing N N 46  
ASN CB  CG   sing N N 47  
ASN CB  HB2  sing N N 48  
ASN CB  HB3  sing N N 49  
ASN CG  OD1  doub N N 50  
ASN CG  ND2  sing N N 51  
ASN ND2 HD21 sing N N 52  
ASN ND2 HD22 sing N N 53  
ASN OXT HXT  sing N N 54  
ASP N   CA   sing N N 55  
ASP N   H    sing N N 56  
ASP N   H2   sing N N 57  
ASP CA  C    sing N N 58  
ASP CA  CB   sing N N 59  
ASP CA  HA   sing N N 60  
ASP C   O    doub N N 61  
ASP C   OXT  sing N N 62  
ASP CB  CG   sing N N 63  
ASP CB  HB2  sing N N 64  
ASP CB  HB3  sing N N 65  
ASP CG  OD1  doub N N 66  
ASP CG  OD2  sing N N 67  
ASP OD2 HD2  sing N N 68  
ASP OXT HXT  sing N N 69  
CYS N   CA   sing N N 70  
CYS N   H    sing N N 71  
CYS N   H2   sing N N 72  
CYS CA  C    sing N N 73  
CYS CA  CB   sing N N 74  
CYS CA  HA   sing N N 75  
CYS C   O    doub N N 76  
CYS C   OXT  sing N N 77  
CYS CB  SG   sing N N 78  
CYS CB  HB2  sing N N 79  
CYS CB  HB3  sing N N 80  
CYS SG  HG   sing N N 81  
CYS OXT HXT  sing N N 82  
GLN N   CA   sing N N 83  
GLN N   H    sing N N 84  
GLN N   H2   sing N N 85  
GLN CA  C    sing N N 86  
GLN CA  CB   sing N N 87  
GLN CA  HA   sing N N 88  
GLN C   O    doub N N 89  
GLN C   OXT  sing N N 90  
GLN CB  CG   sing N N 91  
GLN CB  HB2  sing N N 92  
GLN CB  HB3  sing N N 93  
GLN CG  CD   sing N N 94  
GLN CG  HG2  sing N N 95  
GLN CG  HG3  sing N N 96  
GLN CD  OE1  doub N N 97  
GLN CD  NE2  sing N N 98  
GLN NE2 HE21 sing N N 99  
GLN NE2 HE22 sing N N 100 
GLN OXT HXT  sing N N 101 
GLU N   CA   sing N N 102 
GLU N   H    sing N N 103 
GLU N   H2   sing N N 104 
GLU CA  C    sing N N 105 
GLU CA  CB   sing N N 106 
GLU CA  HA   sing N N 107 
GLU C   O    doub N N 108 
GLU C   OXT  sing N N 109 
GLU CB  CG   sing N N 110 
GLU CB  HB2  sing N N 111 
GLU CB  HB3  sing N N 112 
GLU CG  CD   sing N N 113 
GLU CG  HG2  sing N N 114 
GLU CG  HG3  sing N N 115 
GLU CD  OE1  doub N N 116 
GLU CD  OE2  sing N N 117 
GLU OE2 HE2  sing N N 118 
GLU OXT HXT  sing N N 119 
GLY N   CA   sing N N 120 
GLY N   H    sing N N 121 
GLY N   H2   sing N N 122 
GLY CA  C    sing N N 123 
GLY CA  HA2  sing N N 124 
GLY CA  HA3  sing N N 125 
GLY C   O    doub N N 126 
GLY C   OXT  sing N N 127 
GLY OXT HXT  sing N N 128 
HIS N   CA   sing N N 129 
HIS N   H    sing N N 130 
HIS N   H2   sing N N 131 
HIS CA  C    sing N N 132 
HIS CA  CB   sing N N 133 
HIS CA  HA   sing N N 134 
HIS C   O    doub N N 135 
HIS C   OXT  sing N N 136 
HIS CB  CG   sing N N 137 
HIS CB  HB2  sing N N 138 
HIS CB  HB3  sing N N 139 
HIS CG  ND1  sing Y N 140 
HIS CG  CD2  doub Y N 141 
HIS ND1 CE1  doub Y N 142 
HIS ND1 HD1  sing N N 143 
HIS CD2 NE2  sing Y N 144 
HIS CD2 HD2  sing N N 145 
HIS CE1 NE2  sing Y N 146 
HIS CE1 HE1  sing N N 147 
HIS NE2 HE2  sing N N 148 
HIS OXT HXT  sing N N 149 
HOH O   H1   sing N N 150 
HOH O   H2   sing N N 151 
ILE N   CA   sing N N 152 
ILE N   H    sing N N 153 
ILE N   H2   sing N N 154 
ILE CA  C    sing N N 155 
ILE CA  CB   sing N N 156 
ILE CA  HA   sing N N 157 
ILE C   O    doub N N 158 
ILE C   OXT  sing N N 159 
ILE CB  CG1  sing N N 160 
ILE CB  CG2  sing N N 161 
ILE CB  HB   sing N N 162 
ILE CG1 CD1  sing N N 163 
ILE CG1 HG12 sing N N 164 
ILE CG1 HG13 sing N N 165 
ILE CG2 HG21 sing N N 166 
ILE CG2 HG22 sing N N 167 
ILE CG2 HG23 sing N N 168 
ILE CD1 HD11 sing N N 169 
ILE CD1 HD12 sing N N 170 
ILE CD1 HD13 sing N N 171 
ILE OXT HXT  sing N N 172 
LEU N   CA   sing N N 173 
LEU N   H    sing N N 174 
LEU N   H2   sing N N 175 
LEU CA  C    sing N N 176 
LEU CA  CB   sing N N 177 
LEU CA  HA   sing N N 178 
LEU C   O    doub N N 179 
LEU C   OXT  sing N N 180 
LEU CB  CG   sing N N 181 
LEU CB  HB2  sing N N 182 
LEU CB  HB3  sing N N 183 
LEU CG  CD1  sing N N 184 
LEU CG  CD2  sing N N 185 
LEU CG  HG   sing N N 186 
LEU CD1 HD11 sing N N 187 
LEU CD1 HD12 sing N N 188 
LEU CD1 HD13 sing N N 189 
LEU CD2 HD21 sing N N 190 
LEU CD2 HD22 sing N N 191 
LEU CD2 HD23 sing N N 192 
LEU OXT HXT  sing N N 193 
LYS N   CA   sing N N 194 
LYS N   H    sing N N 195 
LYS N   H2   sing N N 196 
LYS CA  C    sing N N 197 
LYS CA  CB   sing N N 198 
LYS CA  HA   sing N N 199 
LYS C   O    doub N N 200 
LYS C   OXT  sing N N 201 
LYS CB  CG   sing N N 202 
LYS CB  HB2  sing N N 203 
LYS CB  HB3  sing N N 204 
LYS CG  CD   sing N N 205 
LYS CG  HG2  sing N N 206 
LYS CG  HG3  sing N N 207 
LYS CD  CE   sing N N 208 
LYS CD  HD2  sing N N 209 
LYS CD  HD3  sing N N 210 
LYS CE  NZ   sing N N 211 
LYS CE  HE2  sing N N 212 
LYS CE  HE3  sing N N 213 
LYS NZ  HZ1  sing N N 214 
LYS NZ  HZ2  sing N N 215 
LYS NZ  HZ3  sing N N 216 
LYS OXT HXT  sing N N 217 
MET N   CA   sing N N 218 
MET N   H    sing N N 219 
MET N   H2   sing N N 220 
MET CA  C    sing N N 221 
MET CA  CB   sing N N 222 
MET CA  HA   sing N N 223 
MET C   O    doub N N 224 
MET C   OXT  sing N N 225 
MET CB  CG   sing N N 226 
MET CB  HB2  sing N N 227 
MET CB  HB3  sing N N 228 
MET CG  SD   sing N N 229 
MET CG  HG2  sing N N 230 
MET CG  HG3  sing N N 231 
MET SD  CE   sing N N 232 
MET CE  HE1  sing N N 233 
MET CE  HE2  sing N N 234 
MET CE  HE3  sing N N 235 
MET OXT HXT  sing N N 236 
MPD C1  C2   sing N N 237 
MPD C1  H11  sing N N 238 
MPD C1  H12  sing N N 239 
MPD C1  H13  sing N N 240 
MPD C2  O2   sing N N 241 
MPD C2  CM   sing N N 242 
MPD C2  C3   sing N N 243 
MPD O2  HO2  sing N N 244 
MPD CM  HM1  sing N N 245 
MPD CM  HM2  sing N N 246 
MPD CM  HM3  sing N N 247 
MPD C3  C4   sing N N 248 
MPD C3  H31  sing N N 249 
MPD C3  H32  sing N N 250 
MPD C4  O4   sing N N 251 
MPD C4  C5   sing N N 252 
MPD C4  H4   sing N N 253 
MPD O4  HO4  sing N N 254 
MPD C5  H51  sing N N 255 
MPD C5  H52  sing N N 256 
MPD C5  H53  sing N N 257 
PHE N   CA   sing N N 258 
PHE N   H    sing N N 259 
PHE N   H2   sing N N 260 
PHE CA  C    sing N N 261 
PHE CA  CB   sing N N 262 
PHE CA  HA   sing N N 263 
PHE C   O    doub N N 264 
PHE C   OXT  sing N N 265 
PHE CB  CG   sing N N 266 
PHE CB  HB2  sing N N 267 
PHE CB  HB3  sing N N 268 
PHE CG  CD1  doub Y N 269 
PHE CG  CD2  sing Y N 270 
PHE CD1 CE1  sing Y N 271 
PHE CD1 HD1  sing N N 272 
PHE CD2 CE2  doub Y N 273 
PHE CD2 HD2  sing N N 274 
PHE CE1 CZ   doub Y N 275 
PHE CE1 HE1  sing N N 276 
PHE CE2 CZ   sing Y N 277 
PHE CE2 HE2  sing N N 278 
PHE CZ  HZ   sing N N 279 
PHE OXT HXT  sing N N 280 
PRO N   CA   sing N N 281 
PRO N   CD   sing N N 282 
PRO N   H    sing N N 283 
PRO CA  C    sing N N 284 
PRO CA  CB   sing N N 285 
PRO CA  HA   sing N N 286 
PRO C   O    doub N N 287 
PRO C   OXT  sing N N 288 
PRO CB  CG   sing N N 289 
PRO CB  HB2  sing N N 290 
PRO CB  HB3  sing N N 291 
PRO CG  CD   sing N N 292 
PRO CG  HG2  sing N N 293 
PRO CG  HG3  sing N N 294 
PRO CD  HD2  sing N N 295 
PRO CD  HD3  sing N N 296 
PRO OXT HXT  sing N N 297 
SER N   CA   sing N N 298 
SER N   H    sing N N 299 
SER N   H2   sing N N 300 
SER CA  C    sing N N 301 
SER CA  CB   sing N N 302 
SER CA  HA   sing N N 303 
SER C   O    doub N N 304 
SER C   OXT  sing N N 305 
SER CB  OG   sing N N 306 
SER CB  HB2  sing N N 307 
SER CB  HB3  sing N N 308 
SER OG  HG   sing N N 309 
SER OXT HXT  sing N N 310 
SO4 S   O1   doub N N 311 
SO4 S   O2   doub N N 312 
SO4 S   O3   sing N N 313 
SO4 S   O4   sing N N 314 
THR N   CA   sing N N 315 
THR N   H    sing N N 316 
THR N   H2   sing N N 317 
THR CA  C    sing N N 318 
THR CA  CB   sing N N 319 
THR CA  HA   sing N N 320 
THR C   O    doub N N 321 
THR C   OXT  sing N N 322 
THR CB  OG1  sing N N 323 
THR CB  CG2  sing N N 324 
THR CB  HB   sing N N 325 
THR OG1 HG1  sing N N 326 
THR CG2 HG21 sing N N 327 
THR CG2 HG22 sing N N 328 
THR CG2 HG23 sing N N 329 
THR OXT HXT  sing N N 330 
TRP N   CA   sing N N 331 
TRP N   H    sing N N 332 
TRP N   H2   sing N N 333 
TRP CA  C    sing N N 334 
TRP CA  CB   sing N N 335 
TRP CA  HA   sing N N 336 
TRP C   O    doub N N 337 
TRP C   OXT  sing N N 338 
TRP CB  CG   sing N N 339 
TRP CB  HB2  sing N N 340 
TRP CB  HB3  sing N N 341 
TRP CG  CD1  doub Y N 342 
TRP CG  CD2  sing Y N 343 
TRP CD1 NE1  sing Y N 344 
TRP CD1 HD1  sing N N 345 
TRP CD2 CE2  doub Y N 346 
TRP CD2 CE3  sing Y N 347 
TRP NE1 CE2  sing Y N 348 
TRP NE1 HE1  sing N N 349 
TRP CE2 CZ2  sing Y N 350 
TRP CE3 CZ3  doub Y N 351 
TRP CE3 HE3  sing N N 352 
TRP CZ2 CH2  doub Y N 353 
TRP CZ2 HZ2  sing N N 354 
TRP CZ3 CH2  sing Y N 355 
TRP CZ3 HZ3  sing N N 356 
TRP CH2 HH2  sing N N 357 
TRP OXT HXT  sing N N 358 
TYR N   CA   sing N N 359 
TYR N   H    sing N N 360 
TYR N   H2   sing N N 361 
TYR CA  C    sing N N 362 
TYR CA  CB   sing N N 363 
TYR CA  HA   sing N N 364 
TYR C   O    doub N N 365 
TYR C   OXT  sing N N 366 
TYR CB  CG   sing N N 367 
TYR CB  HB2  sing N N 368 
TYR CB  HB3  sing N N 369 
TYR CG  CD1  doub Y N 370 
TYR CG  CD2  sing Y N 371 
TYR CD1 CE1  sing Y N 372 
TYR CD1 HD1  sing N N 373 
TYR CD2 CE2  doub Y N 374 
TYR CD2 HD2  sing N N 375 
TYR CE1 CZ   doub Y N 376 
TYR CE1 HE1  sing N N 377 
TYR CE2 CZ   sing Y N 378 
TYR CE2 HE2  sing N N 379 
TYR CZ  OH   sing N N 380 
TYR OH  HH   sing N N 381 
TYR OXT HXT  sing N N 382 
VAL N   CA   sing N N 383 
VAL N   H    sing N N 384 
VAL N   H2   sing N N 385 
VAL CA  C    sing N N 386 
VAL CA  CB   sing N N 387 
VAL CA  HA   sing N N 388 
VAL C   O    doub N N 389 
VAL C   OXT  sing N N 390 
VAL CB  CG1  sing N N 391 
VAL CB  CG2  sing N N 392 
VAL CB  HB   sing N N 393 
VAL CG1 HG11 sing N N 394 
VAL CG1 HG12 sing N N 395 
VAL CG1 HG13 sing N N 396 
VAL CG2 HG21 sing N N 397 
VAL CG2 HG22 sing N N 398 
VAL CG2 HG23 sing N N 399 
VAL OXT HXT  sing N N 400 
# 
_pdbx_initial_refinement_model.id               1 
_pdbx_initial_refinement_model.entity_id_list   ? 
_pdbx_initial_refinement_model.type             'experimental model' 
_pdbx_initial_refinement_model.source_name      PDB 
_pdbx_initial_refinement_model.accession_code   1QZ8 
_pdbx_initial_refinement_model.details          'PDB ENTRY 1QZ8' 
# 
_atom_sites.entry_id                    2J97 
_atom_sites.fract_transf_matrix[1][1]   0.00002410 
_atom_sites.fract_transf_matrix[1][2]   0.01213988 
_atom_sites.fract_transf_matrix[1][3]   0.00586966 
_atom_sites.fract_transf_matrix[2][1]   -0.00412839 
_atom_sites.fract_transf_matrix[2][2]   0.00132332 
_atom_sites.fract_transf_matrix[2][3]   0.01276912 
_atom_sites.fract_transf_matrix[3][1]   0.01920480 
_atom_sites.fract_transf_matrix[3][2]   -0.00320061 
_atom_sites.fract_transf_matrix[3][3]   0.00654081 
_atom_sites.fract_transf_vector[1]      1.435028 
_atom_sites.fract_transf_vector[2]      0.292166 
_atom_sites.fract_transf_vector[3]      2.182724 
# 
loop_
_atom_type.symbol 
C 
N 
O 
S 
# 
loop_
_atom_site.group_PDB 
_atom_site.id 
_atom_site.type_symbol 
_atom_site.label_atom_id 
_atom_site.label_alt_id 
_atom_site.label_comp_id 
_atom_site.label_asym_id 
_atom_site.label_entity_id 
_atom_site.label_seq_id 
_atom_site.pdbx_PDB_ins_code 
_atom_site.Cartn_x 
_atom_site.Cartn_y 
_atom_site.Cartn_z 
_atom_site.occupancy 
_atom_site.B_iso_or_equiv 
_atom_site.pdbx_formal_charge 
_atom_site.auth_seq_id 
_atom_site.auth_comp_id 
_atom_site.auth_asym_id 
_atom_site.auth_atom_id 
_atom_site.pdbx_PDB_model_num 
ATOM   1   N N   . LYS A 1 8   ? 4.501   -14.159 -8.035  1.00   33.98  ? 8    LYS A N   1 
ATOM   2   C CA  . LYS A 1 8   ? 3.114   -13.857 -7.579  1.00   32.99  ? 8    LYS A CA  1 
ATOM   3   C C   . LYS A 1 8   ? 3.118   -12.875 -6.407  1.00   30.79  ? 8    LYS A C   1 
ATOM   4   O O   . LYS A 1 8   ? 3.908   -12.995 -5.454  1.00   31.88  ? 8    LYS A O   1 
ATOM   5   C CB  . LYS A 1 8   ? 2.353   -15.139 -7.204  1.00   33.66  ? 8    LYS A CB  1 
ATOM   6   C CG  . LYS A 1 8   ? 1.653   -15.789 -8.380  1.00   36.72  ? 8    LYS A CG  1 
ATOM   7   C CD  . LYS A 1 8   ? 1.357   -17.267 -8.107  1.00   41.36  ? 8    LYS A CD  1 
ATOM   8   C CE  . LYS A 1 8   ? 0.919   -17.983 -9.396  1.00   43.55  ? 8    LYS A CE  1 
ATOM   9   N NZ  . LYS A 1 8   ? 1.465   -19.379 -9.480  1.00   45.09  ? 8    LYS A NZ  1 
ATOM   10  N N   . MET A 1 9   ? 2.199   -11.923 -6.480  1.00   27.88  ? 9    MET A N   1 
ATOM   11  C CA  A MET A 1 9   ? 2.098   -10.854 -5.499  0.50   25.86  ? 9    MET A CA  1 
ATOM   12  C CA  B MET A 1 9   ? 2.136   -10.867 -5.487  0.50   26.59  ? 9    MET A CA  1 
ATOM   13  C C   . MET A 1 9   ? 1.615   -11.366 -4.144  1.00   24.97  ? 9    MET A C   1 
ATOM   14  O O   . MET A 1 9   ? 0.704   -12.200 -4.082  1.00   24.21  ? 9    MET A O   1 
ATOM   15  C CB  A MET A 1 9   ? 1.121   -9.801  -6.004  0.50   25.28  ? 9    MET A CB  1 
ATOM   16  C CB  B MET A 1 9   ? 1.264   -9.726  -5.981  0.50   26.23  ? 9    MET A CB  1 
ATOM   17  C CG  A MET A 1 9   ? 1.155   -8.501  -5.225  0.50   24.56  ? 9    MET A CG  1 
ATOM   18  C CG  B MET A 1 9   ? 1.552   -8.409  -5.279  0.50   26.96  ? 9    MET A CG  1 
ATOM   19  S SD  A MET A 1 9   ? 2.413   -7.371  -5.834  0.50   19.65  ? 9    MET A SD  1 
ATOM   20  S SD  B MET A 1 9   ? 0.973   -7.013  -6.247  0.50   28.16  ? 9    MET A SD  1 
ATOM   21  C CE  A MET A 1 9   ? 1.730   -6.935  -7.431  0.50   22.30  ? 9    MET A CE  1 
ATOM   22  C CE  B MET A 1 9   ? 1.971   -7.209  -7.716  0.50   28.79  ? 9    MET A CE  1 
ATOM   23  N N   . LYS A 1 10  ? 2.212   -10.843 -3.079  1.00   23.30  ? 10   LYS A N   1 
ATOM   24  C CA  . LYS A 1 10  ? 1.826   -11.205 -1.712  1.00   22.38  ? 10   LYS A CA  1 
ATOM   25  C C   . LYS A 1 10  ? 1.508   -9.945  -0.950  1.00   20.98  ? 10   LYS A C   1 
ATOM   26  O O   . LYS A 1 10  ? 1.849   -8.835  -1.387  1.00   18.83  ? 10   LYS A O   1 
ATOM   27  C CB  . LYS A 1 10  ? 2.936   -11.997 -1.017  1.00   23.33  ? 10   LYS A CB  1 
ATOM   28  C CG  . LYS A 1 10  ? 3.189   -13.376 -1.646  1.00   27.81  ? 10   LYS A CG  1 
ATOM   29  C CD  . LYS A 1 10  ? 4.155   -14.184 -0.796  1.00   31.94  ? 10   LYS A CD  1 
ATOM   30  C CE  . LYS A 1 10  ? 4.444   -15.562 -1.392  1.00   36.15  ? 10   LYS A CE  1 
ATOM   31  N NZ  . LYS A 1 10  ? 3.280   -16.504 -1.335  1.00   37.60  ? 10   LYS A NZ  1 
ATOM   32  N N   . VAL A 1 11  ? 0.828   -10.114 0.177   1.00   19.76  ? 11   VAL A N   1 
ATOM   33  C CA  . VAL A 1 11  ? 0.461   -8.983  1.011   1.00   20.81  ? 11   VAL A CA  1 
ATOM   34  C C   . VAL A 1 11  ? 0.988   -9.212  2.443   1.00   20.86  ? 11   VAL A C   1 
ATOM   35  O O   . VAL A 1 11  ? 0.942   -10.328 2.951   1.00   19.98  ? 11   VAL A O   1 
ATOM   36  C CB  . VAL A 1 11  ? -1.082  -8.800  0.981   1.00   21.79  ? 11   VAL A CB  1 
ATOM   37  C CG1 . VAL A 1 11  ? -1.545  -7.975  2.118   1.00   24.09  ? 11   VAL A CG1 1 
ATOM   38  C CG2 . VAL A 1 11  ? -1.539  -8.165  -0.382  1.00   23.81  ? 11   VAL A CG2 1 
ATOM   39  N N   . LYS A 1 12  ? 1.453   -8.152  3.092   1.00   19.91  ? 12   LYS A N   1 
ATOM   40  C CA  . LYS A 1 12  ? 1.999   -8.246  4.456   1.00   20.77  ? 12   LYS A CA  1 
ATOM   41  C C   . LYS A 1 12  ? 1.620   -6.983  5.211   1.00   20.48  ? 12   LYS A C   1 
ATOM   42  O O   . LYS A 1 12  ? 1.828   -5.883  4.688   1.00   19.49  ? 12   LYS A O   1 
ATOM   43  C CB  . LYS A 1 12  ? 3.520   -8.329  4.364   1.00   21.58  ? 12   LYS A CB  1 
ATOM   44  C CG  . LYS A 1 12  ? 4.242   -8.308  5.682   1.00   26.32  ? 12   LYS A CG  1 
ATOM   45  C CD  . LYS A 1 12  ? 5.699   -8.676  5.518   1.00   30.77  ? 12   LYS A CD  1 
ATOM   46  C CE  . LYS A 1 12  ? 6.442   -8.495  6.838   1.00   35.77  ? 12   LYS A CE  1 
ATOM   47  N NZ  . LYS A 1 12  ? 5.741   -9.140  7.993   1.00   37.25  ? 12   LYS A NZ  1 
ATOM   48  N N   . ALA A 1 13  ? 1.064   -7.130  6.420   1.00   19.63  ? 13   ALA A N   1 
ATOM   49  C CA  . ALA A 1 13  ? 0.703   -5.960  7.222   1.00   19.62  ? 13   ALA A CA  1 
ATOM   50  C C   . ALA A 1 13  ? 1.961   -5.166  7.550   1.00   19.58  ? 13   ALA A C   1 
ATOM   51  O O   . ALA A 1 13  ? 2.993   -5.730  7.944   1.00   20.14  ? 13   ALA A O   1 
ATOM   52  C CB  . ALA A 1 13  ? -0.017  -6.369  8.508   1.00   19.08  ? 13   ALA A CB  1 
ATOM   53  N N   . THR A 1 14  ? 1.862   -3.844  7.407   1.00   19.00  ? 14   THR A N   1 
ATOM   54  C CA  . THR A 1 14  ? 3.019   -2.964  7.475   1.00   19.42  ? 14   THR A CA  1 
ATOM   55  C C   . THR A 1 14  ? 2.590   -1.607  8.048   1.00   18.55  ? 14   THR A C   1 
ATOM   56  O O   . THR A 1 14  ? 1.476   -1.143  7.798   1.00   17.66  ? 14   THR A O   1 
ATOM   57  C CB  . THR A 1 14  ? 3.600   -2.749  6.056   1.00   20.60  ? 14   THR A CB  1 
ATOM   58  O OG1 . THR A 1 14  ? 4.169   -3.989  5.615   1.00   22.10  ? 14   THR A OG1 1 
ATOM   59  C CG2 . THR A 1 14  ? 4.694   -1.712  6.052   1.00   22.45  ? 14   THR A CG2 1 
ATOM   60  N N   . LYS A 1 15  ? 3.473   -0.996  8.828   1.00   17.82  ? 15   LYS A N   1 
ATOM   61  C CA  . LYS A 1 15  ? 3.185   0.299   9.445   1.00   17.91  ? 15   LYS A CA  1 
ATOM   62  C C   . LYS A 1 15  ? 3.698   1.449   8.582   1.00   16.45  ? 15   LYS A C   1 
ATOM   63  O O   . LYS A 1 15  ? 4.806   1.370   8.046   1.00   17.61  ? 15   LYS A O   1 
ATOM   64  C CB  . LYS A 1 15  ? 3.833   0.350   10.829  1.00   18.91  ? 15   LYS A CB  1 
ATOM   65  C CG  . LYS A 1 15  ? 3.316   1.483   11.723  1.00   22.61  ? 15   LYS A CG  1 
ATOM   66  C CD  . LYS A 1 15  ? 3.670   1.171   13.193  1.00   28.75  ? 15   LYS A CD  1 
ATOM   67  C CE  . LYS A 1 15  ? 3.953   2.443   13.983  1.00   32.72  ? 15   LYS A CE  1 
ATOM   68  N NZ  . LYS A 1 15  ? 4.623   2.157   15.303  1.00   35.95  ? 15   LYS A NZ  1 
ATOM   69  N N   . GLY A 1 16  ? 2.888   2.498   8.423   1.00   15.09  ? 16   GLY A N   1 
ATOM   70  C CA  . GLY A 1 16  ? 3.274   3.693   7.671   1.00   13.92  ? 16   GLY A CA  1 
ATOM   71  C C   . GLY A 1 16  ? 3.318   4.898   8.607   1.00   14.51  ? 16   GLY A C   1 
ATOM   72  O O   . GLY A 1 16  ? 2.783   4.843   9.716   1.00   14.66  ? 16   GLY A O   1 
ATOM   73  N N   . GLU A 1 17  ? 3.951   5.989   8.174   1.00   14.54  ? 17   GLU A N   1 
ATOM   74  C CA  . GLU A 1 17  ? 4.030   7.188   8.997   1.00   14.90  ? 17   GLU A CA  1 
ATOM   75  C C   . GLU A 1 17  ? 4.129   8.428   8.101   1.00   15.82  ? 17   GLU A C   1 
ATOM   76  O O   . GLU A 1 17  ? 4.680   8.351   6.982   1.00   15.87  ? 17   GLU A O   1 
ATOM   77  C CB  . GLU A 1 17  ? 5.224   7.120   9.958   1.00   15.76  ? 17   GLU A CB  1 
ATOM   78  C CG  . GLU A 1 17  ? 5.233   8.278   10.989  1.00   16.18  ? 17   GLU A CG  1 
ATOM   79  C CD  . GLU A 1 17  ? 6.140   8.023   12.182  1.00   19.06  ? 17   GLU A CD  1 
ATOM   80  O OE1 . GLU A 1 17  ? 6.570   6.864   12.395  1.00   20.71  ? 17   GLU A OE1 1 
ATOM   81  O OE2 . GLU A 1 17  ? 6.407   9.003   12.906  1.00   20.06  ? 17   GLU A OE2 1 
ATOM   82  N N   . GLY A 1 18  ? 3.563   9.539   8.582   1.00   15.09  ? 18   GLY A N   1 
ATOM   83  C CA  . GLY A 1 18  ? 3.665   10.811  7.870   1.00   15.78  ? 18   GLY A CA  1 
ATOM   84  C C   . GLY A 1 18  ? 3.917   11.976  8.790   1.00   16.32  ? 18   GLY A C   1 
ATOM   85  O O   . GLY A 1 18  ? 4.364   11.820  9.929   1.00   15.58  ? 18   GLY A O   1 
ATOM   86  N N   . ASP A 1 19  ? 3.603   13.166  8.289   1.00   16.79  ? 19   ASP A N   1 
ATOM   87  C CA  . ASP A 1 19  ? 3.822   14.398  9.064   1.00   18.05  ? 19   ASP A CA  1 
ATOM   88  C C   . ASP A 1 19  ? 3.166   14.373  10.440  1.00   17.37  ? 19   ASP A C   1 
ATOM   89  O O   . ASP A 1 19  ? 2.049   13.881  10.609  1.00   17.75  ? 19   ASP A O   1 
ATOM   90  C CB  . ASP A 1 19  ? 3.298   15.601  8.273   1.00   19.28  ? 19   ASP A CB  1 
ATOM   91  C CG  . ASP A 1 19  ? 4.125   15.882  7.026   1.00   23.60  ? 19   ASP A CG  1 
ATOM   92  O OD1 . ASP A 1 19  ? 5.098   15.149  6.779   1.00   24.87  ? 19   ASP A OD1 1 
ATOM   93  O OD2 . ASP A 1 19  ? 3.786   16.838  6.300   1.00   27.56  ? 19   ASP A OD2 1 
ATOM   94  N N   . GLY A 1 20  ? 3.881   14.910  11.422  1.00   16.81  ? 20   GLY A N   1 
ATOM   95  C CA  . GLY A 1 20  ? 3.368   15.011  12.772  1.00   16.49  ? 20   GLY A CA  1 
ATOM   96  C C   . GLY A 1 20  ? 3.407   13.700  13.510  1.00   15.66  ? 20   GLY A C   1 
ATOM   97  O O   . GLY A 1 20  ? 2.845   13.589  14.588  1.00   15.70  ? 20   GLY A O   1 
ATOM   98  N N   . GLY A 1 21  ? 4.061   12.699  12.919  1.00   16.15  ? 21   GLY A N   1 
ATOM   99  C CA  . GLY A 1 21  ? 4.184   11.384  13.554  1.00   16.26  ? 21   GLY A CA  1 
ATOM   100 C C   . GLY A 1 21  ? 2.913   10.544  13.507  1.00   16.28  ? 21   GLY A C   1 
ATOM   101 O O   . GLY A 1 21  ? 2.795   9.549   14.239  1.00   16.29  ? 21   GLY A O   1 
ATOM   102 N N   . ILE A 1 22  ? 1.971   10.916  12.646  1.00   15.10  ? 22   ILE A N   1 
ATOM   103 C CA  . ILE A 1 22  ? 0.749   10.125  12.481  1.00   14.86  ? 22   ILE A CA  1 
ATOM   104 C C   . ILE A 1 22  ? 1.117   8.827   11.759  1.00   15.00  ? 22   ILE A C   1 
ATOM   105 O O   . ILE A 1 22  ? 1.800   8.856   10.741  1.00   14.66  ? 22   ILE A O   1 
ATOM   106 C CB  . ILE A 1 22  ? -0.317  10.894  11.694  1.00   14.74  ? 22   ILE A CB  1 
ATOM   107 C CG1 . ILE A 1 22  ? -0.668  12.195  12.437  1.00   16.95  ? 22   ILE A CG1 1 
ATOM   108 C CG2 . ILE A 1 22  ? -1.572  10.006  11.480  1.00   13.32  ? 22   ILE A CG2 1 
ATOM   109 C CD1 . ILE A 1 22  ? -1.572  13.122  11.663  1.00   19.47  ? 22   ILE A CD1 1 
ATOM   110 N N   . THR A 1 23  ? 0.708   7.698   12.333  1.00   14.06  ? 23   THR A N   1 
ATOM   111 C CA  . THR A 1 23  ? 1.014   6.380   11.751  1.00   14.37  ? 23   THR A CA  1 
ATOM   112 C C   . THR A 1 23  ? -0.229  5.737   11.165  1.00   14.86  ? 23   THR A C   1 
ATOM   113 O O   . THR A 1 23  ? -1.369  6.178   11.418  1.00   14.07  ? 23   THR A O   1 
ATOM   114 C CB  . THR A 1 23  ? 1.593   5.436   12.821  1.00   14.22  ? 23   THR A CB  1 
ATOM   115 O OG1 . THR A 1 23  ? 0.679   5.389   13.929  1.00   14.81  ? 23   THR A OG1 1 
ATOM   116 C CG2 . THR A 1 23  ? 2.950   5.947   13.300  1.00   16.78  ? 23   THR A CG2 1 
ATOM   117 N N   . SER A 1 24  ? -0.011  4.700   10.361  1.00   13.85  ? 24   SER A N   1 
ATOM   118 C CA  . SER A 1 24  ? -1.111  3.951   9.763   1.00   15.14  ? 24   SER A CA  1 
ATOM   119 C C   . SER A 1 24  ? -0.762  2.492   9.806   1.00   14.57  ? 24   SER A C   1 
ATOM   120 O O   . SER A 1 24  ? 0.413   2.135   9.892   1.00   14.70  ? 24   SER A O   1 
ATOM   121 C CB  . SER A 1 24  ? -1.299  4.330   8.288   1.00   14.75  ? 24   SER A CB  1 
ATOM   122 O OG  . SER A 1 24  ? -0.116  4.058   7.553   1.00   14.45  ? 24   SER A OG  1 
ATOM   123 N N   . GLU A 1 25  ? -1.788  1.659   9.707   1.00   16.40  ? 25   GLU A N   1 
ATOM   124 C CA  . GLU A 1 25  ? -1.562  0.230   9.500   1.00   16.65  ? 25   GLU A CA  1 
ATOM   125 C C   . GLU A 1 25  ? -2.209  -0.080  8.168   1.00   15.31  ? 25   GLU A C   1 
ATOM   126 O O   . GLU A 1 25  ? -3.278  0.444   7.840   1.00   15.84  ? 25   GLU A O   1 
ATOM   127 C CB  . GLU A 1 25  ? -2.222  -0.615  10.602  1.00   17.83  ? 25   GLU A CB  1 
ATOM   128 C CG  . GLU A 1 25  ? -1.598  -0.409  11.988  1.00   22.21  ? 25   GLU A CG  1 
ATOM   129 C CD  . GLU A 1 25  ? -0.160  -0.856  12.056  1.00   28.66  ? 25   GLU A CD  1 
ATOM   130 O OE1 . GLU A 1 25  ? 0.286   -1.655  11.205  1.00   33.61  ? 25   GLU A OE1 1 
ATOM   131 O OE2 . GLU A 1 25  ? 0.555   -0.392  12.971  1.00   37.30  ? 25   GLU A OE2 1 
ATOM   132 N N   . GLY A 1 26  ? -1.572  -0.948  7.408   1.00   15.07  ? 26   GLY A N   1 
ATOM   133 C CA  . GLY A 1 26  ? -2.046  -1.193  6.060   1.00   13.77  ? 26   GLY A CA  1 
ATOM   134 C C   . GLY A 1 26  ? -1.421  -2.450  5.524   1.00   15.11  ? 26   GLY A C   1 
ATOM   135 O O   . GLY A 1 26  ? -0.689  -3.128  6.237   1.00   15.60  ? 26   GLY A O   1 
ATOM   136 N N   . ASN A 1 27  ? -1.730  -2.752  4.262   1.00   15.50  ? 27   ASN A N   1 
ATOM   137 C CA  . ASN A 1 27  ? -1.167  -3.901  3.586   1.00   15.49  ? 27   ASN A CA  1 
ATOM   138 C C   . ASN A 1 27  ? -0.096  -3.451  2.599   1.00   16.02  ? 27   ASN A C   1 
ATOM   139 O O   . ASN A 1 27  ? -0.384  -2.659  1.709   1.00   14.98  ? 27   ASN A O   1 
ATOM   140 C CB  . ASN A 1 27  ? -2.266  -4.614  2.797   1.00   15.86  ? 27   ASN A CB  1 
ATOM   141 C CG  . ASN A 1 27  ? -3.042  -5.646  3.638   1.00   19.05  ? 27   ASN A CG  1 
ATOM   142 O OD1 . ASN A 1 27  ? -4.180  -5.980  3.316   1.00   24.92  ? 27   ASN A OD1 1 
ATOM   143 N ND2 . ASN A 1 27  ? -2.403  -6.182  4.669   1.00   16.88  ? 27   ASN A ND2 1 
ATOM   144 N N   . ALA A 1 28  ? 1.119   -3.979  2.745   1.00   15.48  ? 28   ALA A N   1 
ATOM   145 C CA  . ALA A 1 28  ? 2.138   -3.830  1.690   1.00   16.38  ? 28   ALA A CA  1 
ATOM   146 C C   . ALA A 1 28  ? 1.946   -4.955  0.675   1.00   17.08  ? 28   ALA A C   1 
ATOM   147 O O   . ALA A 1 28  ? 1.729   -6.129  1.030   1.00   18.21  ? 28   ALA A O   1 
ATOM   148 C CB  . ALA A 1 28  ? 3.534   -3.882  2.248   1.00   17.01  ? 28   ALA A CB  1 
ATOM   149 N N   . LEU A 1 29  ? 2.026   -4.588  -0.596  1.00   16.59  ? 29   LEU A N   1 
ATOM   150 C CA  . LEU A 1 29  ? 1.990   -5.556  -1.683  1.00   15.78  ? 29   LEU A CA  1 
ATOM   151 C C   . LEU A 1 29  ? 3.427   -5.696  -2.120  1.00   16.61  ? 29   LEU A C   1 
ATOM   152 O O   . LEU A 1 29  ? 4.112   -4.695  -2.346  1.00   17.20  ? 29   LEU A O   1 
ATOM   153 C CB  . LEU A 1 29  ? 1.165   -5.010  -2.851  1.00   16.37  ? 29   LEU A CB  1 
ATOM   154 C CG  . LEU A 1 29  ? -0.339  -4.875  -2.653  1.00   19.10  ? 29   LEU A CG  1 
ATOM   155 C CD1 . LEU A 1 29  ? -0.687  -3.582  -1.910  1.00   23.38  ? 29   LEU A CD1 1 
ATOM   156 C CD2 . LEU A 1 29  ? -1.056  -4.889  -3.981  1.00   24.76  ? 29   LEU A CD2 1 
ATOM   157 N N   . TYR A 1 30  ? 3.893   -6.933  -2.210  1.00   16.81  ? 30   TYR A N   1 
ATOM   158 C CA  . TYR A 1 30  ? 5.303   -7.183  -2.498  1.00   20.06  ? 30   TYR A CA  1 
ATOM   159 C C   . TYR A 1 30  ? 5.456   -8.478  -3.270  1.00   22.02  ? 30   TYR A C   1 
ATOM   160 O O   . TYR A 1 30  ? 4.498   -9.229  -3.413  1.00   21.07  ? 30   TYR A O   1 
ATOM   161 C CB  . TYR A 1 30  ? 6.109   -7.226  -1.198  1.00   19.63  ? 30   TYR A CB  1 
ATOM   162 C CG  . TYR A 1 30  ? 5.873   -8.469  -0.381  1.00   20.80  ? 30   TYR A CG  1 
ATOM   163 C CD1 . TYR A 1 30  ? 6.750   -9.561  -0.465  1.00   23.42  ? 30   TYR A CD1 1 
ATOM   164 C CD2 . TYR A 1 30  ? 4.789   -8.563  0.481   1.00   19.62  ? 30   TYR A CD2 1 
ATOM   165 C CE1 . TYR A 1 30  ? 6.543   -10.712 0.293   1.00   22.90  ? 30   TYR A CE1 1 
ATOM   166 C CE2 . TYR A 1 30  ? 4.574   -9.719  1.238   1.00   19.86  ? 30   TYR A CE2 1 
ATOM   167 C CZ  . TYR A 1 30  ? 5.455   -10.784 1.139   1.00   22.72  ? 30   TYR A CZ  1 
ATOM   168 O OH  . TYR A 1 30  ? 5.228   -11.932 1.896   1.00   24.43  ? 30   TYR A OH  1 
ATOM   169 N N   . ASN A 1 31  ? 6.683   -8.720  -3.740  1.00   25.94  ? 31   ASN A N   1 
ATOM   170 C CA  . ASN A 1 31  ? 7.089   -9.974  -4.380  1.00   30.35  ? 31   ASN A CA  1 
ATOM   171 C C   . ASN A 1 31  ? 8.383   -10.482 -3.776  1.00   31.90  ? 31   ASN A C   1 
ATOM   172 O O   . ASN A 1 31  ? 9.237   -9.685  -3.419  1.00   32.65  ? 31   ASN A O   1 
ATOM   173 C CB  . ASN A 1 31  ? 7.332   -9.748  -5.865  1.00   31.82  ? 31   ASN A CB  1 
ATOM   174 C CG  . ASN A 1 31  ? 6.186   -10.226 -6.718  1.00   35.85  ? 31   ASN A CG  1 
ATOM   175 O OD1 . ASN A 1 31  ? 6.103   -11.408 -7.066  1.00   40.30  ? 31   ASN A OD1 1 
ATOM   176 N ND2 . ASN A 1 31  ? 5.302   -9.308  -7.084  1.00   40.42  ? 31   ASN A ND2 1 
ATOM   177 N N   . ASN A 1 32  ? 8.500   -11.811 -3.685  1.00   33.92  ? 32   ASN A N   1 
ATOM   178 C CA  . ASN A 1 32  ? 9.676   -12.544 -3.166  1.00   35.99  ? 32   ASN A CA  1 
ATOM   179 C C   . ASN A 1 32  ? 9.936   -12.400 -1.664  1.00   36.59  ? 32   ASN A C   1 
ATOM   180 O O   . ASN A 1 32  ? 9.355   -13.122 -0.847  1.00   37.35  ? 32   ASN A O   1 
ATOM   181 C CB  . ASN A 1 32  ? 10.941  -12.208 -3.966  1.00   36.76  ? 32   ASN A CB  1 
ATOM   182 C CG  . ASN A 1 32  ? 10.715  -12.264 -5.472  1.00   38.28  ? 32   ASN A CG  1 
ATOM   183 O OD1 . ASN A 1 32  ? 11.130  -11.360 -6.200  1.00   40.99  ? 32   ASN A OD1 1 
ATOM   184 N ND2 . ASN A 1 32  ? 10.054  -13.319 -5.942  1.00   41.56  ? 32   ASN A ND2 1 
ATOM   185 N N   . ALA A 1 37  ? 12.604  -9.858  -0.961  1.00   32.20  ? 37   ALA A N   1 
ATOM   186 C CA  . ALA A 1 37  ? 11.256  -9.268  -0.774  1.00   31.21  ? 37   ALA A CA  1 
ATOM   187 C C   . ALA A 1 37  ? 11.191  -7.772  -1.094  1.00   30.45  ? 37   ALA A C   1 
ATOM   188 O O   . ALA A 1 37  ? 11.583  -6.923  -0.268  1.00   31.12  ? 37   ALA A O   1 
ATOM   189 C CB  . ALA A 1 37  ? 10.710  -9.531  0.631   1.00   31.79  ? 37   ALA A CB  1 
ATOM   190 N N   . PHE A 1 38  ? 10.628  -7.473  -2.268  1.00   28.36  ? 38   PHE A N   1 
ATOM   191 C CA  . PHE A 1 38  ? 10.587  -6.140  -2.830  0.50   25.90  ? 38   PHE A CA  1 
ATOM   192 C C   . PHE A 1 38  ? 9.167   -5.585  -2.767  1.00   24.03  ? 38   PHE A C   1 
ATOM   193 O O   . PHE A 1 38  ? 8.251   -6.131  -3.366  1.00   23.18  ? 38   PHE A O   1 
ATOM   194 C CB  . PHE A 1 38  ? 11.090  -6.191  -4.270  0.50   26.11  ? 38   PHE A CB  1 
ATOM   195 C CG  . PHE A 1 38  ? 12.460  -6.810  -4.399  0.50   27.12  ? 38   PHE A CG  1 
ATOM   196 C CD1 . PHE A 1 38  ? 13.596  -6.012  -4.428  0.50   28.30  ? 38   PHE A CD1 1 
ATOM   197 C CD2 . PHE A 1 38  ? 12.611  -8.194  -4.466  0.50   28.09  ? 38   PHE A CD2 1 
ATOM   198 C CE1 . PHE A 1 38  ? 14.864  -6.578  -4.538  0.50   28.18  ? 38   PHE A CE1 1 
ATOM   199 C CE2 . PHE A 1 38  ? 13.883  -8.774  -4.579  0.50   29.67  ? 38   PHE A CE2 1 
ATOM   200 C CZ  . PHE A 1 38  ? 15.008  -7.958  -4.610  0.50   28.19  ? 38   PHE A CZ  1 
ATOM   201 N N   . MET A 1 39  ? 9.017   -4.509  -2.012  1.00   22.42  ? 39   MET A N   1 
ATOM   202 C CA  . MET A 1 39  ? 7.737   -3.878  -1.829  1.00   20.73  ? 39   MET A CA  1 
ATOM   203 C C   . MET A 1 39  ? 7.413   -3.020  -3.033  1.00   19.72  ? 39   MET A C   1 
ATOM   204 O O   . MET A 1 39  ? 8.290   -2.283  -3.544  1.00   18.35  ? 39   MET A O   1 
ATOM   205 C CB  . MET A 1 39  ? 7.787   -3.020  -0.583  1.00   21.23  ? 39   MET A CB  1 
ATOM   206 C CG  . MET A 1 39  ? 6.459   -2.469  -0.203  1.00   21.79  ? 39   MET A CG  1 
ATOM   207 S SD  . MET A 1 39  ? 6.578   -1.382  1.211   1.00   22.01  ? 39   MET A SD  1 
ATOM   208 C CE  . MET A 1 39  ? 5.102   -0.419  0.951   1.00   20.29  ? 39   MET A CE  1 
ATOM   209 N N   . TYR A 1 40  ? 6.160   -3.114  -3.478  1.00   17.46  ? 40   TYR A N   1 
ATOM   210 C CA  . TYR A 1 40  ? 5.663   -2.287  -4.600  1.00   16.54  ? 40   TYR A CA  1 
ATOM   211 C C   . TYR A 1 40  ? 4.718   -1.177  -4.180  1.00   16.01  ? 40   TYR A C   1 
ATOM   212 O O   . TYR A 1 40  ? 4.692   -0.117  -4.812  1.00   14.94  ? 40   TYR A O   1 
ATOM   213 C CB  . TYR A 1 40  ? 4.893   -3.083  -5.638  1.00   18.39  ? 40   TYR A CB  1 
ATOM   214 C CG  . TYR A 1 40  ? 5.601   -4.212  -6.316  1.00   21.18  ? 40   TYR A CG  1 
ATOM   215 C CD1 . TYR A 1 40  ? 6.988   -4.358  -6.232  1.00   21.17  ? 40   TYR A CD1 1 
ATOM   216 C CD2 . TYR A 1 40  ? 4.878   -5.086  -7.117  1.00   24.88  ? 40   TYR A CD2 1 
ATOM   217 C CE1 . TYR A 1 40  ? 7.642   -5.439  -6.866  1.00   25.13  ? 40   TYR A CE1 1 
ATOM   218 C CE2 . TYR A 1 40  ? 5.507   -6.149  -7.778  1.00   29.17  ? 40   TYR A CE2 1 
ATOM   219 C CZ  . TYR A 1 40  ? 6.892   -6.309  -7.639  1.00   25.85  ? 40   TYR A CZ  1 
ATOM   220 O OH  . TYR A 1 40  ? 7.496   -7.352  -8.306  1.00   27.66  ? 40   TYR A OH  1 
ATOM   221 N N   . ALA A 1 41  ? 3.891   -1.441  -3.173  1.00   14.62  ? 41   ALA A N   1 
ATOM   222 C CA  . ALA A 1 41  ? 2.815   -0.495  -2.867  1.00   14.02  ? 41   ALA A CA  1 
ATOM   223 C C   . ALA A 1 41  ? 2.268   -0.767  -1.490  1.00   13.74  ? 41   ALA A C   1 
ATOM   224 O O   . ALA A 1 41  ? 2.545   -1.829  -0.898  1.00   13.16  ? 41   ALA A O   1 
ATOM   225 C CB  . ALA A 1 41  ? 1.681   -0.608  -3.916  1.00   13.05  ? 41   ALA A CB  1 
ATOM   226 N N   . TYR A 1 42  ? 1.464   0.179   -1.021  1.00   13.36  ? 42   TYR A N   1 
ATOM   227 C CA  . TYR A 1 42  ? 0.928   0.159   0.334   1.00   12.39  ? 42   TYR A CA  1 
ATOM   228 C C   . TYR A 1 42  ? -0.513  0.629   0.262   1.00   13.31  ? 42   TYR A C   1 
ATOM   229 O O   . TYR A 1 42  ? -0.797  1.649   -0.380  1.00   13.04  ? 42   TYR A O   1 
ATOM   230 C CB  . TYR A 1 42  ? 1.760   1.106   1.187   1.00   13.47  ? 42   TYR A CB  1 
ATOM   231 C CG  . TYR A 1 42  ? 1.371   1.204   2.648   1.00   12.40  ? 42   TYR A CG  1 
ATOM   232 C CD1 . TYR A 1 42  ? 1.368   0.064   3.457   1.00   13.96  ? 42   TYR A CD1 1 
ATOM   233 C CD2 . TYR A 1 42  ? 1.035   2.434   3.215   1.00   11.13  ? 42   TYR A CD2 1 
ATOM   234 C CE1 . TYR A 1 42  ? 1.047   0.129   4.804   1.00   12.98  ? 42   TYR A CE1 1 
ATOM   235 C CE2 . TYR A 1 42  ? 0.674   2.522   4.601   1.00   12.95  ? 42   TYR A CE2 1 
ATOM   236 C CZ  . TYR A 1 42  ? 0.703   1.337   5.374   1.00   12.37  ? 42   TYR A CZ  1 
ATOM   237 O OH  . TYR A 1 42  ? 0.405   1.368   6.716   1.00   14.28  ? 42   TYR A OH  1 
ATOM   238 N N   . VAL A 1 43  ? -1.420  -0.118  0.883   1.00   12.80  ? 43   VAL A N   1 
ATOM   239 C CA  . VAL A 1 43  ? -2.844  0.286   0.933   1.00   12.84  ? 43   VAL A CA  1 
ATOM   240 C C   . VAL A 1 43  ? -3.229  0.481   2.400   1.00   13.20  ? 43   VAL A C   1 
ATOM   241 O O   . VAL A 1 43  ? -3.077  -0.435  3.225   1.00   12.88  ? 43   VAL A O   1 
ATOM   242 C CB  . VAL A 1 43  ? -3.759  -0.763  0.283   1.00   13.75  ? 43   VAL A CB  1 
ATOM   243 C CG1 . VAL A 1 43  ? -5.252  -0.322  0.321   1.00   14.44  ? 43   VAL A CG1 1 
ATOM   244 C CG2 . VAL A 1 43  ? -3.357  -0.989  -1.188  1.00   15.27  ? 43   VAL A CG2 1 
ATOM   245 N N   . THR A 1 44  ? -3.771  1.648   2.713   1.00   13.41  ? 44   THR A N   1 
ATOM   246 C CA  . THR A 1 44  ? -4.213  1.923   4.090   1.00   12.74  ? 44   THR A CA  1 
ATOM   247 C C   . THR A 1 44  ? -5.470  2.808   4.082   1.00   12.44  ? 44   THR A C   1 
ATOM   248 O O   . THR A 1 44  ? -6.116  2.957   3.051   1.00   13.85  ? 44   THR A O   1 
ATOM   249 C CB  . THR A 1 44  ? -3.040  2.466   4.948   1.00   12.72  ? 44   THR A CB  1 
ATOM   250 O OG1 . THR A 1 44  ? -3.464  2.666   6.296   1.00   13.34  ? 44   THR A OG1 1 
ATOM   251 C CG2 . THR A 1 44  ? -2.496  3.808   4.383   1.00   14.17  ? 44   THR A CG2 1 
ATOM   252 N N   . THR A 1 45  ? -5.837  3.339   5.241   1.00   12.96  ? 45   THR A N   1 
ATOM   253 C CA  . THR A 1 45  ? -7.145  3.999   5.421   1.00   13.61  ? 45   THR A CA  1 
ATOM   254 C C   . THR A 1 45  ? -6.995  5.507   5.667   1.00   13.42  ? 45   THR A C   1 
ATOM   255 O O   . THR A 1 45  ? -7.969  6.185   5.908   1.00   14.14  ? 45   THR A O   1 
ATOM   256 C CB  . THR A 1 45  ? -7.842  3.422   6.624   1.00   14.81  ? 45   THR A CB  1 
ATOM   257 O OG1 . THR A 1 45  ? -6.977  3.577   7.759   1.00   17.86  ? 45   THR A OG1 1 
ATOM   258 C CG2 . THR A 1 45  ? -8.124  1.949   6.383   1.00   17.18  ? 45   THR A CG2 1 
ATOM   259 N N   . LYS A 1 46  ? -5.768  6.006   5.608   1.00   13.69  ? 46   LYS A N   1 
ATOM   260 C CA  . LYS A 1 46  ? -5.533  7.437   5.809   1.00   14.54  ? 46   LYS A CA  1 
ATOM   261 C C   . LYS A 1 46  ? -4.580  8.025   4.776   1.00   14.32  ? 46   LYS A C   1 
ATOM   262 O O   . LYS A 1 46  ? -3.706  7.291   4.269   1.00   13.16  ? 46   LYS A O   1 
ATOM   263 C CB  . LYS A 1 46  ? -5.074  7.760   7.238   1.00   16.30  ? 46   LYS A CB  1 
ATOM   264 C CG  . LYS A 1 46  ? -3.762  7.205   7.677   1.00   14.39  ? 46   LYS A CG  1 
ATOM   265 C CD  . LYS A 1 46  ? -3.257  7.890   9.029   1.00   16.79  ? 46   LYS A CD  1 
ATOM   266 C CE  . LYS A 1 46  ? -4.174  7.697   10.243  1.00   19.42  ? 46   LYS A CE  1 
ATOM   267 N NZ  . LYS A 1 46  ? -4.156  6.312   10.815  1.00   20.96  ? 46   LYS A NZ  1 
ATOM   268 N N   . PRO A 1 47  ? -4.760  9.328   4.473   1.00   14.43  ? 47   PRO A N   1 
ATOM   269 C CA  . PRO A 1 47  ? -3.874  10.103  3.617   1.00   14.47  ? 47   PRO A CA  1 
ATOM   270 C C   . PRO A 1 47  ? -2.658  10.534  4.404   1.00   15.27  ? 47   PRO A C   1 
ATOM   271 O O   . PRO A 1 47  ? -2.573  10.329  5.631   1.00   16.52  ? 47   PRO A O   1 
ATOM   272 C CB  . PRO A 1 47  ? -4.716  11.360  3.288   1.00   15.53  ? 47   PRO A CB  1 
ATOM   273 C CG  . PRO A 1 47  ? -5.564  11.551  4.521   1.00   14.93  ? 47   PRO A CG  1 
ATOM   274 C CD  . PRO A 1 47  ? -5.870  10.156  5.004   1.00   15.05  ? 47   PRO A CD  1 
ATOM   275 N N   . GLY A 1 48  ? -1.707  11.109  3.687   1.00   15.64  ? 48   GLY A N   1 
ATOM   276 C CA  . GLY A 1 48  ? -0.603  11.794  4.322   1.00   15.96  ? 48   GLY A CA  1 
ATOM   277 C C   . GLY A 1 48  ? 0.584   10.930  4.671   1.00   14.97  ? 48   GLY A C   1 
ATOM   278 O O   . GLY A 1 48  ? 1.551   11.440  5.234   1.00   15.27  ? 48   GLY A O   1 
ATOM   279 N N   . MET A 1 49  ? 0.537   9.615   4.394   1.00   13.97  ? 49   MET A N   1 
ATOM   280 C CA  . MET A 1 49  ? 1.675   8.780   4.806   1.00   14.56  ? 49   MET A CA  1 
ATOM   281 C C   . MET A 1 49  ? 2.809   9.035   3.821   1.00   14.84  ? 49   MET A C   1 
ATOM   282 O O   . MET A 1 49  ? 2.561   9.230   2.626   1.00   15.62  ? 49   MET A O   1 
ATOM   283 C CB  . MET A 1 49  ? 1.291   7.298   4.855   1.00   13.35  ? 49   MET A CB  1 
ATOM   284 C CG  . MET A 1 49  ? 0.141   7.065   5.854   1.00   15.27  ? 49   MET A CG  1 
ATOM   285 S SD  . MET A 1 49  ? 0.623   7.449   7.581   1.00   15.46  ? 49   MET A SD  1 
ATOM   286 C CE  . MET A 1 49  ? 0.002   9.102   7.806   1.00   16.28  ? 49   MET A CE  1 
ATOM   287 N N   . LYS A 1 50  ? 4.022   9.100   4.348   1.00   15.05  ? 50   LYS A N   1 
ATOM   288 C CA  . LYS A 1 50  ? 5.194   9.450   3.548   1.00   16.02  ? 50   LYS A CA  1 
ATOM   289 C C   . LYS A 1 50  ? 6.160   8.293   3.371   1.00   15.97  ? 50   LYS A C   1 
ATOM   290 O O   . LYS A 1 50  ? 6.942   8.276   2.432   1.00   15.53  ? 50   LYS A O   1 
ATOM   291 C CB  . LYS A 1 50  ? 5.924   10.611  4.208   1.00   15.17  ? 50   LYS A CB  1 
ATOM   292 C CG  . LYS A 1 50  ? 5.070   11.837  4.414   1.00   19.95  ? 50   LYS A CG  1 
ATOM   293 C CD  . LYS A 1 50  ? 4.720   12.506  3.142   1.00   24.56  ? 50   LYS A CD  1 
ATOM   294 C CE  . LYS A 1 50  ? 4.089   13.861  3.447   1.00   27.69  ? 50   LYS A CE  1 
ATOM   295 N NZ  . LYS A 1 50  ? 3.205   14.283  2.329   1.00   33.72  ? 50   LYS A NZ  1 
ATOM   296 N N   . TYR A 1 51  ? 6.164   7.374   4.322   1.00   16.56  ? 51   TYR A N   1 
ATOM   297 C CA  . TYR A 1 51  ? 7.055   6.247   4.237   1.00   17.43  ? 51   TYR A CA  1 
ATOM   298 C C   . TYR A 1 51  ? 6.509   5.069   5.029   1.00   17.73  ? 51   TYR A C   1 
ATOM   299 O O   . TYR A 1 51  ? 5.614   5.230   5.870   1.00   16.88  ? 51   TYR A O   1 
ATOM   300 C CB  . TYR A 1 51  ? 8.463   6.616   4.724   1.00   19.18  ? 51   TYR A CB  1 
ATOM   301 C CG  . TYR A 1 51  ? 8.512   7.111   6.139   1.00   19.18  ? 51   TYR A CG  1 
ATOM   302 C CD1 . TYR A 1 51  ? 8.756   6.244   7.189   1.00   21.42  ? 51   TYR A CD1 1 
ATOM   303 C CD2 . TYR A 1 51  ? 8.320   8.472   6.424   1.00   21.91  ? 51   TYR A CD2 1 
ATOM   304 C CE1 . TYR A 1 51  ? 8.796   6.724   8.513   1.00   22.30  ? 51   TYR A CE1 1 
ATOM   305 C CE2 . TYR A 1 51  ? 8.344   8.946   7.726   1.00   23.10  ? 51   TYR A CE2 1 
ATOM   306 C CZ  . TYR A 1 51  ? 8.600   8.065   8.757   1.00   23.53  ? 51   TYR A CZ  1 
ATOM   307 O OH  . TYR A 1 51  ? 8.634   8.551   10.049  1.00   25.68  ? 51   TYR A OH  1 
ATOM   308 N N   . VAL A 1 52  ? 7.060   3.897   4.748   1.00   18.16  ? 52   VAL A N   1 
ATOM   309 C CA  . VAL A 1 52  ? 6.780   2.723   5.565   1.00   19.54  ? 52   VAL A CA  1 
ATOM   310 C C   . VAL A 1 52  ? 8.088   2.190   6.122   1.00   21.46  ? 52   VAL A C   1 
ATOM   311 O O   . VAL A 1 52  ? 9.153   2.401   5.556   1.00   20.74  ? 52   VAL A O   1 
ATOM   312 C CB  . VAL A 1 52  ? 6.030   1.597   4.794   1.00   19.60  ? 52   VAL A CB  1 
ATOM   313 C CG1 . VAL A 1 52  ? 4.677   2.087   4.269   1.00   21.83  ? 52   VAL A CG1 1 
ATOM   314 C CG2 . VAL A 1 52  ? 6.882   1.046   3.668   1.00   17.67  ? 52   VAL A CG2 1 
ATOM   315 N N   . LYS A 1 53  ? 7.965   1.504   7.251   1.00   23.85  ? 53   LYS A N   1 
ATOM   316 C CA  . LYS A 1 53  ? 9.047   0.773   7.861   1.00   26.97  ? 53   LYS A CA  1 
ATOM   317 C C   . LYS A 1 53  ? 8.923   -0.687  7.425   1.00   27.72  ? 53   LYS A C   1 
ATOM   318 O O   . LYS A 1 53  ? 8.067   -1.428  7.917   1.00   28.07  ? 53   LYS A O   1 
ATOM   319 C CB  . LYS A 1 53  ? 8.949   0.920   9.379   1.00   27.82  ? 53   LYS A CB  1 
ATOM   320 C CG  . LYS A 1 53  ? 9.272   2.315   9.897   1.00   32.37  ? 53   LYS A CG  1 
ATOM   321 C CD  . LYS A 1 53  ? 10.671  2.780   9.415   1.00   37.13  ? 53   LYS A CD  1 
ATOM   322 C CE  . LYS A 1 53  ? 11.413  3.579   10.480  1.00   40.16  ? 53   LYS A CE  1 
ATOM   323 N NZ  . LYS A 1 53  ? 10.546  4.615   11.141  1.00   41.15  ? 53   LYS A NZ  1 
ATOM   324 N N   . TRP A 1 54  ? 9.773   -1.084  6.485   1.00   28.98  ? 54   TRP A N   1 
ATOM   325 C CA  . TRP A 1 54  ? 9.654   -2.362  5.789   1.00   29.41  ? 54   TRP A CA  1 
ATOM   326 C C   . TRP A 1 54  ? 10.674  -3.354  6.327   1.00   30.47  ? 54   TRP A C   1 
ATOM   327 O O   . TRP A 1 54  ? 11.870  -3.044  6.390   1.00   31.34  ? 54   TRP A O   1 
ATOM   328 C CB  . TRP A 1 54  ? 9.855   -2.128  4.284   1.00   30.03  ? 54   TRP A CB  1 
ATOM   329 C CG  . TRP A 1 54  ? 9.747   -3.336  3.392   1.00   30.04  ? 54   TRP A CG  1 
ATOM   330 C CD1 . TRP A 1 54  ? 10.714  -3.815  2.548   1.00   30.41  ? 54   TRP A CD1 1 
ATOM   331 C CD2 . TRP A 1 54  ? 8.603   -4.199  3.222   1.00   29.73  ? 54   TRP A CD2 1 
ATOM   332 N NE1 . TRP A 1 54  ? 10.243  -4.924  1.870   1.00   31.55  ? 54   TRP A NE1 1 
ATOM   333 C CE2 . TRP A 1 54  ? 8.956   -5.178  2.267   1.00   30.32  ? 54   TRP A CE2 1 
ATOM   334 C CE3 . TRP A 1 54  ? 7.321   -4.234  3.779   1.00   30.31  ? 54   TRP A CE3 1 
ATOM   335 C CZ2 . TRP A 1 54  ? 8.072   -6.200  1.872   1.00   30.52  ? 54   TRP A CZ2 1 
ATOM   336 C CZ3 . TRP A 1 54  ? 6.453   -5.244  3.385   1.00   30.30  ? 54   TRP A CZ3 1 
ATOM   337 C CH2 . TRP A 1 54  ? 6.830   -6.208  2.442   1.00   29.90  ? 54   TRP A CH2 1 
ATOM   338 N N   . GLU A 1 55  ? 9.955   -4.438  6.986   0.0000 35.52  ? 55   GLU A N   1 
ATOM   339 C CA  . GLU A 1 55  ? 10.712  -5.624  7.375   0.0000 35.54  ? 55   GLU A CA  1 
ATOM   340 C C   . GLU A 1 55  ? 11.856  -5.857  6.401   0.0000 35.54  ? 55   GLU A C   1 
ATOM   341 O O   . GLU A 1 55  ? 11.676  -5.753  5.190   0.0000 35.55  ? 55   GLU A O   1 
ATOM   342 C CB  . GLU A 1 55  ? 9.795   -6.854  7.439   0.0000 35.53  ? 55   GLU A CB  1 
ATOM   343 C CG  . GLU A 1 55  ? 8.565   -6.760  6.549   0.0000 35.53  ? 55   GLU A CG  1 
ATOM   344 C CD  . GLU A 1 55  ? 7.788   -8.061  6.440   0.0000 35.52  ? 55   GLU A CD  1 
ATOM   345 O OE1 . GLU A 1 55  ? 6.711   -8.193  7.076   0.0000 35.55  ? 55   GLU A OE1 1 
ATOM   346 O OE2 . GLU A 1 55  ? 8.244   -8.959  5.697   0.0000 35.50  ? 55   GLU A OE2 1 
ATOM   347 N N   . HIS A 1 56  ? 13.035  -6.152  6.928   0.0000 100.00 ? 56   HIS A N   1 
ATOM   348 C CA  . HIS A 1 56  ? 13.955  -7.066  6.261   0.0000 100.00 ? 56   HIS A CA  1 
ATOM   349 C C   . HIS A 1 56  ? 14.675  -7.901  7.319   0.0000 100.00 ? 56   HIS A C   1 
ATOM   350 O O   . HIS A 1 56  ? 14.696  -7.534  8.491   0.0000 100.00 ? 56   HIS A O   1 
ATOM   351 C CB  . HIS A 1 56  ? 14.991  -6.286  5.459   0.0000 100.00 ? 56   HIS A CB  1 
ATOM   352 C CG  . HIS A 1 56  ? 14.668  -6.142  4.007   0.0000 100.00 ? 56   HIS A CG  1 
ATOM   353 N ND1 . HIS A 1 56  ? 13.751  -6.938  3.362   0.0000 100.00 ? 56   HIS A ND1 1 
ATOM   354 C CD2 . HIS A 1 56  ? 15.151  -5.290  3.071   0.0000 100.00 ? 56   HIS A CD2 1 
ATOM   355 C CE1 . HIS A 1 56  ? 13.682  -6.587  2.091   0.0000 100.00 ? 56   HIS A CE1 1 
ATOM   356 N NE2 . HIS A 1 56  ? 14.516  -5.584  1.890   0.0000 100.00 ? 56   HIS A NE2 1 
ATOM   357 N N   . ASP A 1 57  ? 15.268  -9.012  6.891   0.0000 100.00 ? 57   ASP A N   1 
ATOM   358 C CA  . ASP A 1 57  ? 16.590  -9.387  7.369   0.0000 100.00 ? 57   ASP A CA  1 
ATOM   359 C C   . ASP A 1 57  ? 17.775  -8.780  6.609   0.0000 100.00 ? 57   ASP A C   1 
ATOM   360 O O   . ASP A 1 57  ? 18.023  -9.080  5.444   0.0000 100.00 ? 57   ASP A O   1 
ATOM   361 C CB  . ASP A 1 57  ? 16.737  -10.893 7.577   0.0000 100.00 ? 57   ASP A CB  1 
ATOM   362 C CG  . ASP A 1 57  ? 16.132  -11.705 6.459   0.0000 100.00 ? 57   ASP A CG  1 
ATOM   363 O OD1 . ASP A 1 57  ? 14.908  -11.596 6.246   0.0000 100.00 ? 57   ASP A OD1 1 
ATOM   364 O OD2 . ASP A 1 57  ? 16.797  -12.501 5.755   0.0000 100.00 ? 57   ASP A OD2 1 
ATOM   365 N N   . SER A 1 58  ? 18.481  -7.889  7.289   0.0000 100.00 ? 58   SER A N   1 
ATOM   366 C CA  . SER A 1 58  ? 17.791  -6.999  8.191   0.0000 100.00 ? 58   SER A CA  1 
ATOM   367 C C   . SER A 1 58  ? 18.643  -6.050  8.995   0.0000 100.00 ? 58   SER A C   1 
ATOM   368 O O   . SER A 1 58  ? 19.835  -6.230  9.168   0.0000 100.00 ? 58   SER A O   1 
ATOM   369 C CB  . SER A 1 58  ? 16.891  -7.800  9.119   0.0000 100.00 ? 58   SER A CB  1 
ATOM   370 O OG  . SER A 1 58  ? 17.487  -9.033  9.453   0.0000 100.00 ? 58   SER A OG  1 
ATOM   371 N N   . GLY A 1 59  ? 17.994  -5.015  9.510   0.0000 100.00 ? 59   GLY A N   1 
ATOM   372 C CA  . GLY A 1 59  ? 16.560  -5.039  9.698   0.0000 100.00 ? 59   GLY A CA  1 
ATOM   373 C C   . GLY A 1 59  ? 15.815  -4.002  8.872   0.0000 100.00 ? 59   GLY A C   1 
ATOM   374 O O   . GLY A 1 59  ? 15.555  -4.221  7.702   0.0000 100.00 ? 59   GLY A O   1 
ATOM   375 N N   . VAL A 1 60  ? 15.425  -2.929  9.457   1.00   35.70  ? 60   VAL A N   1 
ATOM   376 C CA  . VAL A 1 60  ? 14.305  -2.120  8.959   1.00   36.31  ? 60   VAL A CA  1 
ATOM   377 C C   . VAL A 1 60  ? 14.780  -1.230  7.817   1.00   35.43  ? 60   VAL A C   1 
ATOM   378 O O   . VAL A 1 60  ? 15.811  -0.565  7.922   1.00   35.88  ? 60   VAL A O   1 
ATOM   379 C CB  . VAL A 1 60  ? 13.671  -1.218  10.066  1.00   36.40  ? 60   VAL A CB  1 
ATOM   380 C CG1 . VAL A 1 60  ? 12.423  -0.498  9.536   1.00   38.33  ? 60   VAL A CG1 1 
ATOM   381 C CG2 . VAL A 1 60  ? 13.311  -2.031  11.307  1.00   37.86  ? 60   VAL A CG2 1 
ATOM   382 N N   . VAL A 1 61  ? 14.023  -1.228  6.726   1.00   34.28  ? 61   VAL A N   1 
ATOM   383 C CA  . VAL A 1 61  ? 14.289  -0.329  5.614   1.00   32.71  ? 61   VAL A CA  1 
ATOM   384 C C   . VAL A 1 61  ? 13.131  0.662   5.552   1.00   31.21  ? 61   VAL A C   1 
ATOM   385 O O   . VAL A 1 61  ? 11.969  0.281   5.730   1.00   30.96  ? 61   VAL A O   1 
ATOM   386 C CB  . VAL A 1 61  ? 14.421  -1.088  4.283   1.00   32.88  ? 61   VAL A CB  1 
ATOM   387 C CG1 . VAL A 1 61  ? 14.542  -0.111  3.111   1.00   34.31  ? 61   VAL A CG1 1 
ATOM   388 C CG2 . VAL A 1 61  ? 15.640  -2.002  4.311   1.00   34.00  ? 61   VAL A CG2 1 
ATOM   389 N N   . THR A 1 62  ? 13.464  1.927   5.336   1.00   29.02  ? 62   THR A N   1 
ATOM   390 C CA  . THR A 1 62  ? 12.483  2.989   5.183   1.00   27.41  ? 62   THR A CA  1 
ATOM   391 C C   . THR A 1 62  ? 12.180  3.076   3.703   1.00   25.43  ? 62   THR A C   1 
ATOM   392 O O   . THR A 1 62  ? 13.085  3.252   2.899   1.00   25.33  ? 62   THR A O   1 
ATOM   393 C CB  . THR A 1 62  ? 13.077  4.312   5.685   1.00   27.91  ? 62   THR A CB  1 
ATOM   394 O OG1 . THR A 1 62  ? 13.432  4.154   7.060   1.00   30.82  ? 62   THR A OG1 1 
ATOM   395 C CG2 . THR A 1 62  ? 12.105  5.457   5.559   1.00   28.38  ? 62   THR A CG2 1 
ATOM   396 N N   . VAL A 1 63  ? 10.914  2.943   3.335   1.00   22.29  ? 63   VAL A N   1 
ATOM   397 C CA  . VAL A 1 63  ? 10.546  2.988   1.916   1.00   20.26  ? 63   VAL A CA  1 
ATOM   398 C C   . VAL A 1 63  ? 9.670   4.213   1.690   1.00   19.89  ? 63   VAL A C   1 
ATOM   399 O O   . VAL A 1 63  ? 8.632   4.366   2.343   1.00   19.01  ? 63   VAL A O   1 
ATOM   400 C CB  . VAL A 1 63  ? 9.826   1.706   1.451   1.00   20.11  ? 63   VAL A CB  1 
ATOM   401 C CG1 . VAL A 1 63  ? 9.438   1.838   -0.014  1.00   20.31  ? 63   VAL A CG1 1 
ATOM   402 C CG2 . VAL A 1 63  ? 10.707  0.467   1.636   1.00   20.71  ? 63   VAL A CG2 1 
ATOM   403 N N   . GLU A 1 64  ? 10.094  5.097   0.781   1.00   18.13  ? 64   GLU A N   1 
ATOM   404 C CA  . GLU A 1 64  ? 9.364   6.351   0.577   1.00   17.81  ? 64   GLU A CA  1 
ATOM   405 C C   . GLU A 1 64  ? 8.166   6.100   -0.314  1.00   16.50  ? 64   GLU A C   1 
ATOM   406 O O   . GLU A 1 64  ? 8.232   5.278   -1.241  1.00   16.49  ? 64   GLU A O   1 
ATOM   407 C CB  . GLU A 1 64  ? 10.287  7.408   -0.028  1.00   18.07  ? 64   GLU A CB  1 
ATOM   408 C CG  . GLU A 1 64  ? 9.653   8.787   -0.113  1.00   21.92  ? 64   GLU A CG  1 
ATOM   409 C CD  . GLU A 1 64  ? 10.633  9.854   -0.596  1.00   22.39  ? 64   GLU A CD  1 
ATOM   410 O OE1 . GLU A 1 64  ? 11.864  9.589   -0.578  1.00   25.70  ? 64   GLU A OE1 1 
ATOM   411 O OE2 . GLU A 1 64  ? 10.150  10.957  -0.946  1.00   28.73  ? 64   GLU A OE2 1 
ATOM   412 N N   . LEU A 1 65  ? 7.062   6.795   -0.036  1.00   15.28  ? 65   LEU A N   1 
ATOM   413 C CA  . LEU A 1 65  ? 5.838   6.618   -0.809  1.00   14.25  ? 65   LEU A CA  1 
ATOM   414 C C   . LEU A 1 65  ? 5.468   7.808   -1.684  1.00   14.54  ? 65   LEU A C   1 
ATOM   415 O O   . LEU A 1 65  ? 5.641   8.966   -1.300  1.00   15.15  ? 65   LEU A O   1 
ATOM   416 C CB  . LEU A 1 65  ? 4.636   6.375   0.126   1.00   13.78  ? 65   LEU A CB  1 
ATOM   417 C CG  . LEU A 1 65  ? 4.782   5.226   1.117   1.00   13.83  ? 65   LEU A CG  1 
ATOM   418 C CD1 . LEU A 1 65  ? 3.582   5.267   2.098   1.00   14.96  ? 65   LEU A CD1 1 
ATOM   419 C CD2 . LEU A 1 65  ? 4.885   3.883   0.371   1.00   14.92  ? 65   LEU A CD2 1 
ATOM   420 N N   . GLU A 1 66  ? 4.894   7.528   -2.841  1.00   14.16  ? 66   GLU A N   1 
ATOM   421 C CA  . GLU A 1 66  ? 4.271   8.609   -3.626  1.00   14.49  ? 66   GLU A CA  1 
ATOM   422 C C   . GLU A 1 66  ? 2.957   9.041   -2.999  1.00   15.13  ? 66   GLU A C   1 
ATOM   423 O O   . GLU A 1 66  ? 2.309   8.234   -2.318  1.00   15.78  ? 66   GLU A O   1 
ATOM   424 C CB  . GLU A 1 66  ? 4.012   8.141   -5.060  1.00   14.39  ? 66   GLU A CB  1 
ATOM   425 C CG  . GLU A 1 66  ? 5.298   7.766   -5.777  1.00   13.98  ? 66   GLU A CG  1 
ATOM   426 C CD  . GLU A 1 66  ? 5.066   7.282   -7.189  1.00   15.41  ? 66   GLU A CD  1 
ATOM   427 O OE1 . GLU A 1 66  ? 3.924   6.954   -7.514  1.00   13.27  ? 66   GLU A OE1 1 
ATOM   428 O OE2 . GLU A 1 66  ? 6.042   7.238   -7.968  1.00   17.29  ? 66   GLU A OE2 1 
ATOM   429 N N   . PRO A 1 67  ? 2.535   10.300  -3.236  1.00   14.84  ? 67   PRO A N   1 
ATOM   430 C CA  . PRO A 1 67  ? 1.225   10.764  -2.747  1.00   14.32  ? 67   PRO A CA  1 
ATOM   431 C C   . PRO A 1 67  ? 0.125   9.819   -3.219  1.00   13.97  ? 67   PRO A C   1 
ATOM   432 O O   . PRO A 1 67  ? 0.185   9.333   -4.342  1.00   13.55  ? 67   PRO A O   1 
ATOM   433 C CB  . PRO A 1 67  ? 1.069   12.157  -3.395  1.00   14.80  ? 67   PRO A CB  1 
ATOM   434 C CG  . PRO A 1 67  ? 2.469   12.658  -3.500  1.00   14.43  ? 67   PRO A CG  1 
ATOM   435 C CD  . PRO A 1 67  ? 3.300   11.394  -3.863  1.00   15.48  ? 67   PRO A CD  1 
ATOM   436 N N   . PRO A 1 68  ? -0.861  9.548   -2.348  1.00   14.41  ? 68   PRO A N   1 
ATOM   437 C CA  . PRO A 1 68  ? -1.777  8.428   -2.585  1.00   14.48  ? 68   PRO A CA  1 
ATOM   438 C C   . PRO A 1 68  ? -2.892  8.648   -3.594  1.00   15.55  ? 68   PRO A C   1 
ATOM   439 O O   . PRO A 1 68  ? -3.322  9.768   -3.835  1.00   15.56  ? 68   PRO A O   1 
ATOM   440 C CB  . PRO A 1 68  ? -2.388  8.172   -1.203  1.00   13.89  ? 68   PRO A CB  1 
ATOM   441 C CG  . PRO A 1 68  ? -2.319  9.499   -0.507  1.00   14.41  ? 68   PRO A CG  1 
ATOM   442 C CD  . PRO A 1 68  ? -1.111  10.212  -1.054  1.00   14.62  ? 68   PRO A CD  1 
ATOM   443 N N   . CYS A 1 69  ? -3.356  7.525   -4.111  1.00   15.80  ? 69   CYS A N   1 
ATOM   444 C CA  . CYS A 1 69  ? -4.525  7.410   -4.942  1.00   16.24  ? 69   CYS A CA  1 
ATOM   445 C C   . CYS A 1 69  ? -5.652  7.074   -3.989  1.00   16.60  ? 69   CYS A C   1 
ATOM   446 O O   . CYS A 1 69  ? -5.672  5.956   -3.442  1.00   16.22  ? 69   CYS A O   1 
ATOM   447 C CB  . CYS A 1 69  ? -4.295  6.234   -5.894  1.00   16.40  ? 69   CYS A CB  1 
ATOM   448 S SG  . CYS A 1 69  ? -5.805  5.357   -6.407  1.00   19.85  ? 69   CYS A SG  1 
ATOM   449 N N   . ARG A 1 70  ? -6.568  8.014   -3.767  1.00   16.25  ? 70   ARG A N   1 
ATOM   450 C CA  . ARG A 1 70  ? -7.743  7.710   -2.958  1.00   16.74  ? 70   ARG A CA  1 
ATOM   451 C C   . ARG A 1 70  ? -8.796  7.017   -3.830  1.00   16.76  ? 70   ARG A C   1 
ATOM   452 O O   . ARG A 1 70  ? -9.035  7.424   -4.977  1.00   15.98  ? 70   ARG A O   1 
ATOM   453 C CB  . ARG A 1 70  ? -8.325  8.967   -2.272  1.00   17.41  ? 70   ARG A CB  1 
ATOM   454 C CG  . ARG A 1 70  ? -8.991  9.976   -3.163  1.00   20.25  ? 70   ARG A CG  1 
ATOM   455 C CD  . ARG A 1 70  ? -9.903  10.908  -2.301  1.00   19.63  ? 70   ARG A CD  1 
ATOM   456 N NE  . ARG A 1 70  ? -11.289 10.440  -2.249  1.00   25.14  ? 70   ARG A NE  1 
ATOM   457 C CZ  . ARG A 1 70  ? -12.261 11.033  -1.544  1.00   26.94  ? 70   ARG A CZ  1 
ATOM   458 N NH1 . ARG A 1 70  ? -12.001 12.109  -0.796  1.00   26.75  ? 70   ARG A NH1 1 
ATOM   459 N NH2 . ARG A 1 70  ? -13.494 10.564  -1.594  1.00   25.43  ? 70   ARG A NH2 1 
ATOM   460 N N   . PHE A 1 71  ? -9.418  5.961   -3.306  1.00   14.94  ? 71   PHE A N   1 
ATOM   461 C CA  . PHE A 1 71  ? -10.465 5.282   -4.071  1.00   15.90  ? 71   PHE A CA  1 
ATOM   462 C C   . PHE A 1 71  ? -11.447 4.693   -3.097  1.00   15.39  ? 71   PHE A C   1 
ATOM   463 O O   . PHE A 1 71  ? -11.055 4.169   -2.067  1.00   15.03  ? 71   PHE A O   1 
ATOM   464 C CB  . PHE A 1 71  ? -9.917  4.178   -5.012  1.00   16.15  ? 71   PHE A CB  1 
ATOM   465 C CG  . PHE A 1 71  ? -9.224  3.028   -4.317  1.00   15.69  ? 71   PHE A CG  1 
ATOM   466 C CD1 . PHE A 1 71  ? -9.839  1.777   -4.211  1.00   16.35  ? 71   PHE A CD1 1 
ATOM   467 C CD2 . PHE A 1 71  ? -7.922  3.166   -3.808  1.00   15.53  ? 71   PHE A CD2 1 
ATOM   468 C CE1 . PHE A 1 71  ? -9.194  0.724   -3.599  1.00   14.93  ? 71   PHE A CE1 1 
ATOM   469 C CE2 . PHE A 1 71  ? -7.259  2.101   -3.183  1.00   17.37  ? 71   PHE A CE2 1 
ATOM   470 C CZ  . PHE A 1 71  ? -7.909  0.864   -3.070  1.00   18.19  ? 71   PHE A CZ  1 
ATOM   471 N N   . VAL A 1 72  ? -12.720 4.813   -3.452  1.00   15.22  ? 72   VAL A N   1 
ATOM   472 C CA  . VAL A 1 72  ? -13.824 4.232   -2.689  1.00   14.99  ? 72   VAL A CA  1 
ATOM   473 C C   . VAL A 1 72  ? -14.052 2.772   -3.045  1.00   15.02  ? 72   VAL A C   1 
ATOM   474 O O   . VAL A 1 72  ? -13.946 2.365   -4.204  1.00   14.80  ? 72   VAL A O   1 
ATOM   475 C CB  . VAL A 1 72  ? -15.092 5.039   -2.925  1.00   16.15  ? 72   VAL A CB  1 
ATOM   476 C CG1 . VAL A 1 72  ? -16.373 4.278   -2.507  1.00   14.80  ? 72   VAL A CG1 1 
ATOM   477 C CG2 . VAL A 1 72  ? -14.977 6.380   -2.159  1.00   16.51  ? 72   VAL A CG2 1 
ATOM   478 N N   . ILE A 1 73  ? -14.326 1.971   -2.019  1.00   14.62  ? 73   ILE A N   1 
ATOM   479 C CA  . ILE A 1 73  ? -14.897 0.660   -2.262  1.00   15.55  ? 73   ILE A CA  1 
ATOM   480 C C   . ILE A 1 73  ? -16.213 0.581   -1.485  1.00   14.98  ? 73   ILE A C   1 
ATOM   481 O O   . ILE A 1 73  ? -16.366 1.223   -0.426  1.00   14.98  ? 73   ILE A O   1 
ATOM   482 C CB  . ILE A 1 73  ? -13.925 -0.475  -1.873  1.00   15.19  ? 73   ILE A CB  1 
ATOM   483 C CG1 . ILE A 1 73  ? -13.702 -0.574  -0.380  1.00   15.21  ? 73   ILE A CG1 1 
ATOM   484 C CG2 . ILE A 1 73  ? -12.593 -0.307  -2.590  1.00   17.58  ? 73   ILE A CG2 1 
ATOM   485 C CD1 . ILE A 1 73  ? -13.125 -1.941  0.068   1.00   18.10  ? 73   ILE A CD1 1 
ATOM   486 N N   . ASP A 1 74  ? -17.164 -0.174  -2.021  1.00   15.12  ? 74   ASP A N   1 
ATOM   487 C CA  . ASP A 1 74  ? -18.398 -0.436  -1.293  1.00   16.01  ? 74   ASP A CA  1 
ATOM   488 C C   . ASP A 1 74  ? -18.122 -1.425  -0.154  1.00   15.32  ? 74   ASP A C   1 
ATOM   489 O O   . ASP A 1 74  ? -17.278 -2.334  -0.266  1.00   16.27  ? 74   ASP A O   1 
ATOM   490 C CB  . ASP A 1 74  ? -19.461 -1.023  -2.234  1.00   16.18  ? 74   ASP A CB  1 
ATOM   491 C CG  . ASP A 1 74  ? -20.059 0.003   -3.170  1.00   21.72  ? 74   ASP A CG  1 
ATOM   492 O OD1 . ASP A 1 74  ? -19.862 1.228   -2.940  1.00   26.00  ? 74   ASP A OD1 1 
ATOM   493 O OD2 . ASP A 1 74  ? -20.763 -0.440  -4.121  1.00   25.15  ? 74   ASP A OD2 1 
ATOM   494 N N   . THR A 1 75  ? -18.819 -1.223  0.966   1.00   15.27  ? 75   THR A N   1 
ATOM   495 C CA  . THR A 1 75  ? -18.734 -2.168  2.092   1.00   16.44  ? 75   THR A CA  1 
ATOM   496 C C   . THR A 1 75  ? -20.125 -2.295  2.709   1.00   16.59  ? 75   THR A C   1 
ATOM   497 O O   . THR A 1 75  ? -21.006 -1.464  2.432   1.00   16.34  ? 75   THR A O   1 
ATOM   498 C CB  . THR A 1 75  ? -17.716 -1.739  3.185   1.00   16.44  ? 75   THR A CB  1 
ATOM   499 O OG1 . THR A 1 75  ? -18.325 -0.783  4.068   1.00   16.34  ? 75   THR A OG1 1 
ATOM   500 C CG2 . THR A 1 75  ? -16.412 -1.171  2.573   1.00   15.99  ? 75   THR A CG2 1 
ATOM   501 N N   . PRO A 1 76  ? -20.323 -3.322  3.559   1.00   18.03  ? 76   PRO A N   1 
ATOM   502 C CA  . PRO A 1 76  ? -21.619 -3.492  4.199   1.00   18.87  ? 76   PRO A CA  1 
ATOM   503 C C   . PRO A 1 76  ? -22.039 -2.290  5.056   1.00   19.40  ? 76   PRO A C   1 
ATOM   504 O O   . PRO A 1 76  ? -23.225 -2.113  5.279   1.00   18.82  ? 76   PRO A O   1 
ATOM   505 C CB  . PRO A 1 76  ? -21.402 -4.694  5.109   1.00   19.44  ? 76   PRO A CB  1 
ATOM   506 C CG  . PRO A 1 76  ? -20.320 -5.483  4.425   1.00   20.60  ? 76   PRO A CG  1 
ATOM   507 C CD  . PRO A 1 76  ? -19.384 -4.401  3.926   1.00   17.35  ? 76   PRO A CD  1 
ATOM   508 N N   . THR A 1 77  ? -21.076 -1.506  5.540   1.00   18.66  ? 77   THR A N   1 
ATOM   509 C CA  . THR A 1 77  ? -21.399 -0.264  6.280   1.00   18.95  ? 77   THR A CA  1 
ATOM   510 C C   . THR A 1 77  ? -21.461 1.009   5.410   1.00   19.26  ? 77   THR A C   1 
ATOM   511 O O   . THR A 1 77  ? -21.669 2.114   5.933   1.00   20.56  ? 77   THR A O   1 
ATOM   512 C CB  . THR A 1 77  ? -20.465 -0.045  7.487   1.00   18.79  ? 77   THR A CB  1 
ATOM   513 O OG1 . THR A 1 77  ? -19.091 -0.043  7.073   1.00   18.56  ? 77   THR A OG1 1 
ATOM   514 C CG2 . THR A 1 77  ? -20.669 -1.174  8.521   1.00   20.53  ? 77   THR A CG2 1 
ATOM   515 N N   . GLY A 1 78  ? -21.297 0.853   4.105   1.00   17.68  ? 78   GLY A N   1 
ATOM   516 C CA  . GLY A 1 78  ? -21.373 1.981   3.160   1.00   17.65  ? 78   GLY A CA  1 
ATOM   517 C C   . GLY A 1 78  ? -20.017 2.182   2.498   1.00   17.20  ? 78   GLY A C   1 
ATOM   518 O O   . GLY A 1 78  ? -19.069 1.440   2.768   1.00   17.50  ? 78   GLY A O   1 
ATOM   519 N N   . PRO A 1 79  ? -19.904 3.203   1.646   1.00   17.06  ? 79   PRO A N   1 
ATOM   520 C CA  . PRO A 1 79  ? -18.636 3.373   0.934   1.00   16.18  ? 79   PRO A CA  1 
ATOM   521 C C   . PRO A 1 79  ? -17.508 3.713   1.895   1.00   16.22  ? 79   PRO A C   1 
ATOM   522 O O   . PRO A 1 79  ? -17.730 4.449   2.870   1.00   17.80  ? 79   PRO A O   1 
ATOM   523 C CB  . PRO A 1 79  ? -18.914 4.562   -0.003  1.00   16.53  ? 79   PRO A CB  1 
ATOM   524 C CG  . PRO A 1 79  ? -20.053 5.285   0.596   1.00   17.87  ? 79   PRO A CG  1 
ATOM   525 C CD  . PRO A 1 79  ? -20.886 4.238   1.296   1.00   17.47  ? 79   PRO A CD  1 
ATOM   526 N N   . GLN A 1 80  ? -16.313 3.190   1.638   1.00   15.49  ? 80   GLN A N   1 
ATOM   527 C CA  . GLN A 1 80  ? -15.156 3.458   2.496   1.00   16.02  ? 80   GLN A CA  1 
ATOM   528 C C   . GLN A 1 80  ? -14.009 3.897   1.612   1.00   15.69  ? 80   GLN A C   1 
ATOM   529 O O   . GLN A 1 80  ? -13.776 3.292   0.565   1.00   15.25  ? 80   GLN A O   1 
ATOM   530 C CB  . GLN A 1 80  ? -14.757 2.217   3.287   1.00   17.43  ? 80   GLN A CB  1 
ATOM   531 C CG  . GLN A 1 80  ? -15.767 1.919   4.416   1.00   20.69  ? 80   GLN A CG  1 
ATOM   532 C CD  . GLN A 1 80  ? -15.271 0.865   5.400   1.00   29.34  ? 80   GLN A CD  1 
ATOM   533 O OE1 . GLN A 1 80  ? -14.111 0.416   5.348   1.00   33.60  ? 80   GLN A OE1 1 
ATOM   534 N NE2 . GLN A 1 80  ? -16.165 0.434   6.287   1.00   29.71  ? 80   GLN A NE2 1 
ATOM   535 N N   . ILE A 1 81  ? -13.271 4.916   2.047   1.00   14.84  ? 81   ILE A N   1 
ATOM   536 C CA  . ILE A 1 81  ? -12.150 5.426   1.248   1.00   14.66  ? 81   ILE A CA  1 
ATOM   537 C C   . ILE A 1 81  ? -10.856 4.717   1.634   1.00   14.61  ? 81   ILE A C   1 
ATOM   538 O O   . ILE A 1 81  ? -10.498 4.649   2.827   1.00   14.85  ? 81   ILE A O   1 
ATOM   539 C CB  . ILE A 1 81  ? -11.930 6.965   1.485   1.00   15.13  ? 81   ILE A CB  1 
ATOM   540 C CG1 . ILE A 1 81  ? -13.224 7.729   1.190   1.00   15.38  ? 81   ILE A CG1 1 
ATOM   541 C CG2 . ILE A 1 81  ? -10.748 7.469   0.623   1.00   14.31  ? 81   ILE A CG2 1 
ATOM   542 C CD1 . ILE A 1 81  ? -13.166 9.200   1.648   1.00   16.81  ? 81   ILE A CD1 1 
ATOM   543 N N   . LYS A 1 82  ? -10.186 4.179   0.612   1.00   13.62  ? 82   LYS A N   1 
ATOM   544 C CA  A LYS A 1 82  ? -8.880  3.549   0.753   0.50   13.91  ? 82   LYS A CA  1 
ATOM   545 C CA  B LYS A 1 82  ? -8.873  3.564   0.768   0.50   13.97  ? 82   LYS A CA  1 
ATOM   546 C C   . LYS A 1 82  ? -7.841  4.450   0.094   1.00   12.95  ? 82   LYS A C   1 
ATOM   547 O O   . LYS A 1 82  ? -8.182  5.268   -0.763  1.00   13.39  ? 82   LYS A O   1 
ATOM   548 C CB  A LYS A 1 82  ? -8.878  2.179   0.061   0.50   13.91  ? 82   LYS A CB  1 
ATOM   549 C CB  B LYS A 1 82  ? -8.852  2.172   0.126   0.50   14.03  ? 82   LYS A CB  1 
ATOM   550 C CG  A LYS A 1 82  ? -10.002 1.228   0.514   0.50   16.27  ? 82   LYS A CG  1 
ATOM   551 C CG  B LYS A 1 82  ? -9.932  1.229   0.665   0.50   16.63  ? 82   LYS A CG  1 
ATOM   552 C CD  A LYS A 1 82  ? -9.939  1.008   2.014   0.50   18.54  ? 82   LYS A CD  1 
ATOM   553 C CD  B LYS A 1 82  ? -9.837  1.127   2.175   0.50   18.59  ? 82   LYS A CD  1 
ATOM   554 C CE  A LYS A 1 82  ? -11.138 0.198   2.511   0.50   18.46  ? 82   LYS A CE  1 
ATOM   555 C CE  B LYS A 1 82  ? -9.172  -0.166  2.601   0.50   20.39  ? 82   LYS A CE  1 
ATOM   556 N NZ  A LYS A 1 82  ? -11.098 0.088   3.995   0.50   20.32  ? 82   LYS A NZ  1 
ATOM   557 N NZ  B LYS A 1 82  ? -9.599  -0.525  3.991   0.50   21.64  ? 82   LYS A NZ  1 
ATOM   558 N N   . TYR A 1 83  ? -6.588  4.292   0.493   1.00   13.36  ? 83   TYR A N   1 
ATOM   559 C CA  . TYR A 1 83  ? -5.497  5.077   -0.065  1.00   12.61  ? 83   TYR A CA  1 
ATOM   560 C C   . TYR A 1 83  ? -4.441  4.107   -0.545  1.00   12.60  ? 83   TYR A C   1 
ATOM   561 O O   . TYR A 1 83  ? -3.889  3.360   0.252   1.00   12.98  ? 83   TYR A O   1 
ATOM   562 C CB  . TYR A 1 83  ? -4.937  6.003   1.005   1.00   12.81  ? 83   TYR A CB  1 
ATOM   563 C CG  . TYR A 1 83  ? -5.953  7.045   1.394   1.00   13.21  ? 83   TYR A CG  1 
ATOM   564 C CD1 . TYR A 1 83  ? -6.857  6.830   2.443   1.00   14.42  ? 83   TYR A CD1 1 
ATOM   565 C CD2 . TYR A 1 83  ? -6.018  8.249   0.700   1.00   13.56  ? 83   TYR A CD2 1 
ATOM   566 C CE1 . TYR A 1 83  ? -7.794  7.805   2.781   1.00   12.03  ? 83   TYR A CE1 1 
ATOM   567 C CE2 . TYR A 1 83  ? -6.934  9.228   1.030   1.00   15.75  ? 83   TYR A CE2 1 
ATOM   568 C CZ  . TYR A 1 83  ? -7.820  9.004   2.072   1.00   13.81  ? 83   TYR A CZ  1 
ATOM   569 O OH  . TYR A 1 83  ? -8.728  10.002  2.346   1.00   14.66  ? 83   TYR A OH  1 
ATOM   570 N N   . LEU A 1 84  ? -4.151  4.151   -1.844  1.00   12.56  ? 84   LEU A N   1 
ATOM   571 C CA  . LEU A 1 84  ? -3.074  3.367   -2.445  1.00   12.83  ? 84   LEU A CA  1 
ATOM   572 C C   . LEU A 1 84  ? -1.818  4.209   -2.683  1.00   13.46  ? 84   LEU A C   1 
ATOM   573 O O   . LEU A 1 84  ? -1.876  5.242   -3.375  1.00   13.54  ? 84   LEU A O   1 
ATOM   574 C CB  . LEU A 1 84  ? -3.558  2.806   -3.792  1.00   13.19  ? 84   LEU A CB  1 
ATOM   575 C CG  . LEU A 1 84  ? -2.548  2.299   -4.826  1.00   13.70  ? 84   LEU A CG  1 
ATOM   576 C CD1 . LEU A 1 84  ? -1.720  1.162   -4.226  1.00   14.87  ? 84   LEU A CD1 1 
ATOM   577 C CD2 . LEU A 1 84  ? -3.260  1.871   -6.151  1.00   13.41  ? 84   LEU A CD2 1 
ATOM   578 N N   . TYR A 1 85  ? -0.690  3.773   -2.131  1.00   13.92  ? 85   TYR A N   1 
ATOM   579 C CA  . TYR A 1 85  ? 0.571   4.497   -2.276  1.00   14.08  ? 85   TYR A CA  1 
ATOM   580 C C   . TYR A 1 85  ? 1.550   3.628   -3.047  1.00   14.28  ? 85   TYR A C   1 
ATOM   581 O O   . TYR A 1 85  ? 1.873   2.529   -2.595  1.00   14.45  ? 85   TYR A O   1 
ATOM   582 C CB  . TYR A 1 85  ? 1.194   4.758   -0.899  1.00   14.62  ? 85   TYR A CB  1 
ATOM   583 C CG  . TYR A 1 85  ? 0.416   5.641   0.061   1.00   13.09  ? 85   TYR A CG  1 
ATOM   584 C CD1 . TYR A 1 85  ? -0.659  5.123   0.801   1.00   11.84  ? 85   TYR A CD1 1 
ATOM   585 C CD2 . TYR A 1 85  ? 0.823   6.938   0.300   1.00   13.30  ? 85   TYR A CD2 1 
ATOM   586 C CE1 . TYR A 1 85  ? -1.330  5.906   1.736   1.00   11.98  ? 85   TYR A CE1 1 
ATOM   587 C CE2 . TYR A 1 85  ? 0.156   7.745   1.237   1.00   15.18  ? 85   TYR A CE2 1 
ATOM   588 C CZ  . TYR A 1 85  ? -0.923  7.224   1.944   1.00   13.74  ? 85   TYR A CZ  1 
ATOM   589 O OH  . TYR A 1 85  ? -1.564  8.041   2.860   1.00   14.20  ? 85   TYR A OH  1 
ATOM   590 N N   . PHE A 1 86  ? 2.039   4.095   -4.191  1.00   13.62  ? 86   PHE A N   1 
ATOM   591 C CA  . PHE A 1 86  ? 3.064   3.350   -4.887  1.00   13.53  ? 86   PHE A CA  1 
ATOM   592 C C   . PHE A 1 86  ? 4.384   3.738   -4.270  1.00   12.85  ? 86   PHE A C   1 
ATOM   593 O O   . PHE A 1 86  ? 4.542   4.873   -3.807  1.00   14.73  ? 86   PHE A O   1 
ATOM   594 C CB  . PHE A 1 86  ? 3.073   3.723   -6.381  1.00   12.58  ? 86   PHE A CB  1 
ATOM   595 C CG  . PHE A 1 86  ? 1.901   3.206   -7.156  1.00   15.17  ? 86   PHE A CG  1 
ATOM   596 C CD1 . PHE A 1 86  ? 0.942   4.087   -7.635  1.00   16.54  ? 86   PHE A CD1 1 
ATOM   597 C CD2 . PHE A 1 86  ? 1.773   1.847   -7.426  1.00   13.98  ? 86   PHE A CD2 1 
ATOM   598 C CE1 . PHE A 1 86  ? -0.156  3.613   -8.391  1.00   19.78  ? 86   PHE A CE1 1 
ATOM   599 C CE2 . PHE A 1 86  ? 0.696   1.362   -8.173  1.00   15.74  ? 86   PHE A CE2 1 
ATOM   600 C CZ  . PHE A 1 86  ? -0.257  2.223   -8.660  1.00   16.03  ? 86   PHE A CZ  1 
ATOM   601 N N   . VAL A 1 87  ? 5.339   2.812   -4.240  1.00   14.12  ? 87   VAL A N   1 
ATOM   602 C CA  . VAL A 1 87  ? 6.654   3.144   -3.730  1.00   13.85  ? 87   VAL A CA  1 
ATOM   603 C C   . VAL A 1 87  ? 7.405   4.024   -4.719  1.00   14.43  ? 87   VAL A C   1 
ATOM   604 O O   . VAL A 1 87  ? 7.187   3.957   -5.917  1.00   13.67  ? 87   VAL A O   1 
ATOM   605 C CB  . VAL A 1 87  ? 7.514   1.901   -3.393  1.00   14.43  ? 87   VAL A CB  1 
ATOM   606 C CG1 . VAL A 1 87  ? 6.819   1.033   -2.309  1.00   16.80  ? 87   VAL A CG1 1 
ATOM   607 C CG2 . VAL A 1 87  ? 7.762   1.085   -4.626  1.00   15.42  ? 87   VAL A CG2 1 
ATOM   608 N N   . LYS A 1 88  ? 8.311   4.829   -4.170  1.00   13.96  ? 88   LYS A N   1 
ATOM   609 C CA  . LYS A 1 88  ? 9.172   5.707   -4.957  1.00   14.83  ? 88   LYS A CA  1 
ATOM   610 C C   . LYS A 1 88  ? 9.885   4.920   -6.095  1.00   15.09  ? 88   LYS A C   1 
ATOM   611 O O   . LYS A 1 88  ? 10.440  3.828   -5.865  1.00   15.91  ? 88   LYS A O   1 
ATOM   612 C CB  . LYS A 1 88  ? 10.214  6.320   -4.015  1.00   14.25  ? 88   LYS A CB  1 
ATOM   613 C CG  . LYS A 1 88  ? 11.352  7.029   -4.760  1.00   17.04  ? 88   LYS A CG  1 
ATOM   614 C CD  . LYS A 1 88  ? 12.289  7.761   -3.818  1.00   15.62  ? 88   LYS A CD  1 
ATOM   615 C CE  . LYS A 1 88  ? 13.366  8.504   -4.630  1.00   21.13  ? 88   LYS A CE  1 
ATOM   616 N NZ  . LYS A 1 88  ? 14.270  9.272   -3.732  1.00   22.86  ? 88   LYS A NZ  1 
ATOM   617 N N   . ASN A 1 89  ? 9.837   5.500   -7.301  1.00   15.59  ? 89   ASN A N   1 
ATOM   618 C CA  . ASN A 1 89  ? 10.533  4.996   -8.488  1.00   15.51  ? 89   ASN A CA  1 
ATOM   619 C C   . ASN A 1 89  ? 9.970   3.687   -9.066  1.00   16.15  ? 89   ASN A C   1 
ATOM   620 O O   . ASN A 1 89  ? 10.622  3.031   -9.903  1.00   16.86  ? 89   ASN A O   1 
ATOM   621 C CB  . ASN A 1 89  ? 12.055  4.881   -8.229  1.00   16.42  ? 89   ASN A CB  1 
ATOM   622 C CG  . ASN A 1 89  ? 12.749  6.239   -8.134  1.00   18.60  ? 89   ASN A CG  1 
ATOM   623 O OD1 . ASN A 1 89  ? 13.840  6.342   -7.577  1.00   24.48  ? 89   ASN A OD1 1 
ATOM   624 N ND2 . ASN A 1 89  ? 12.129  7.277   -8.671  1.00   18.59  ? 89   ASN A ND2 1 
ATOM   625 N N   . LEU A 1 90  ? 8.770   3.291   -8.651  1.00   14.60  ? 90   LEU A N   1 
ATOM   626 C CA  . LEU A 1 90  ? 8.229   2.032   -9.136  1.00   14.01  ? 90   LEU A CA  1 
ATOM   627 C C   . LEU A 1 90  ? 8.031   2.110   -10.639 1.00   14.29  ? 90   LEU A C   1 
ATOM   628 O O   . LEU A 1 90  ? 7.619   3.159   -11.157 1.00   13.71  ? 90   LEU A O   1 
ATOM   629 C CB  . LEU A 1 90  ? 6.893   1.718   -8.454  1.00   13.68  ? 90   LEU A CB  1 
ATOM   630 C CG  . LEU A 1 90  ? 6.404   0.289   -8.651  1.00   13.29  ? 90   LEU A CG  1 
ATOM   631 C CD1 . LEU A 1 90  ? 7.335   -0.696  -7.939  1.00   11.25  ? 90   LEU A CD1 1 
ATOM   632 C CD2 . LEU A 1 90  ? 4.953   0.206   -8.106  1.00   14.72  ? 90   LEU A CD2 1 
ATOM   633 N N   . ASN A 1 91  ? 8.323   1.020   -11.355 1.00   14.61  ? 91   ASN A N   1 
ATOM   634 C CA  . ASN A 1 91  ? 8.164   1.065   -12.818 1.00   14.70  ? 91   ASN A CA  1 
ATOM   635 C C   . ASN A 1 91  ? 6.752   0.686   -13.246 1.00   14.71  ? 91   ASN A C   1 
ATOM   636 O O   . ASN A 1 91  ? 5.960   0.268   -12.405 1.00   14.63  ? 91   ASN A O   1 
ATOM   637 C CB  . ASN A 1 91  ? 9.254   0.257   -13.552 1.00   15.91  ? 91   ASN A CB  1 
ATOM   638 C CG  . ASN A 1 91  ? 9.077   -1.244  -13.439 1.00   17.96  ? 91   ASN A CG  1 
ATOM   639 O OD1 . ASN A 1 91  ? 8.068   -1.766  -12.949 1.00   16.37  ? 91   ASN A OD1 1 
ATOM   640 N ND2 . ASN A 1 91  ? 10.078  -1.967  -13.947 1.00   22.30  ? 91   ASN A ND2 1 
ATOM   641 N N   . ASN A 1 92  ? 6.426   0.875   -14.529 1.00   13.07  ? 92   ASN A N   1 
ATOM   642 C CA  . ASN A 1 92  ? 5.039   0.718   -14.991 1.00   12.29  ? 92   ASN A CA  1 
ATOM   643 C C   . ASN A 1 92  ? 4.601   -0.739  -14.947 1.00   13.77  ? 92   ASN A C   1 
ATOM   644 O O   . ASN A 1 92  ? 3.437   -1.027  -14.719 1.00   14.22  ? 92   ASN A O   1 
ATOM   645 C CB  . ASN A 1 92  ? 4.869   1.275   -16.411 1.00   12.80  ? 92   ASN A CB  1 
ATOM   646 C CG  . ASN A 1 92  ? 4.839   2.763   -16.417 1.00   14.65  ? 92   ASN A CG  1 
ATOM   647 O OD1 . ASN A 1 92  ? 4.644   3.389   -15.354 1.00   14.28  ? 92   ASN A OD1 1 
ATOM   648 N ND2 . ASN A 1 92  ? 5.060   3.370   -17.601 1.00   13.38  ? 92   ASN A ND2 1 
ATOM   649 N N   . LEU A 1 93  ? 5.544   -1.660  -15.143 1.00   14.57  ? 93   LEU A N   1 
ATOM   650 C CA  . LEU A 1 93  ? 5.214   -3.086  -15.112 1.00   16.58  ? 93   LEU A CA  1 
ATOM   651 C C   . LEU A 1 93  ? 4.634   -3.435  -13.739 1.00   16.00  ? 93   LEU A C   1 
ATOM   652 O O   . LEU A 1 93  ? 3.568   -4.074  -13.637 1.00   15.42  ? 93   LEU A O   1 
ATOM   653 C CB  . LEU A 1 93  ? 6.480   -3.905  -15.396 1.00   17.84  ? 93   LEU A CB  1 
ATOM   654 C CG  . LEU A 1 93  ? 6.335   -5.406  -15.584 1.00   22.91  ? 93   LEU A CG  1 
ATOM   655 C CD1 . LEU A 1 93  ? 5.594   -5.690  -16.931 1.00   25.12  ? 93   LEU A CD1 1 
ATOM   656 C CD2 . LEU A 1 93  ? 7.772   -6.020  -15.555 1.00   20.95  ? 93   LEU A CD2 1 
ATOM   657 N N   . ARG A 1 94  ? 5.299   -2.935  -12.705 1.00   15.40  ? 94   ARG A N   1 
ATOM   658 C CA  . ARG A 1 94  ? 4.907   -3.201  -11.326 1.00   15.31  ? 94   ARG A CA  1 
ATOM   659 C C   . ARG A 1 94  ? 3.730   -2.357  -10.894 1.00   15.69  ? 94   ARG A C   1 
ATOM   660 O O   . ARG A 1 94  ? 2.843   -2.846  -10.180 1.00   15.97  ? 94   ARG A O   1 
ATOM   661 C CB  . ARG A 1 94  ? 6.100   -2.985  -10.402 1.00   16.17  ? 94   ARG A CB  1 
ATOM   662 C CG  . ARG A 1 94  ? 7.183   -4.078  -10.612 1.00   16.04  ? 94   ARG A CG  1 
ATOM   663 C CD  . ARG A 1 94  ? 8.445   -3.786  -9.822  1.00   21.32  ? 94   ARG A CD  1 
ATOM   664 N NE  . ARG A 1 94  ? 9.426   -4.853  -10.057 1.00   25.49  ? 94   ARG A NE  1 
ATOM   665 C CZ  . ARG A 1 94  ? 10.471  -4.750  -10.868 1.00   31.19  ? 94   ARG A CZ  1 
ATOM   666 N NH1 . ARG A 1 94  ? 10.693  -3.619  -11.532 1.00   33.28  ? 94   ARG A NH1 1 
ATOM   667 N NH2 . ARG A 1 94  ? 11.313  -5.779  -11.015 1.00   32.96  ? 94   ARG A NH2 1 
ATOM   668 N N   . ARG A 1 95  ? 3.694   -1.091  -11.305 1.00   14.31  ? 95   ARG A N   1 
ATOM   669 C CA  . ARG A 1 95  ? 2.448   -0.310  -11.083 1.00   13.52  ? 95   ARG A CA  1 
ATOM   670 C C   . ARG A 1 95  ? 1.213   -1.038  -11.639 1.00   14.21  ? 95   ARG A C   1 
ATOM   671 O O   . ARG A 1 95  ? 0.148   -1.090  -10.987 1.00   14.09  ? 95   ARG A O   1 
ATOM   672 C CB  . ARG A 1 95  ? 2.533   1.096   -11.714 1.00   13.03  ? 95   ARG A CB  1 
ATOM   673 C CG  . ARG A 1 95  ? 3.542   2.017   -11.071 1.00   11.80  ? 95   ARG A CG  1 
ATOM   674 C CD  . ARG A 1 95  ? 3.747   3.315   -11.954 1.00   12.88  ? 95   ARG A CD  1 
ATOM   675 N NE  . ARG A 1 95  ? 4.903   3.953   -11.375 1.00   14.66  ? 95   ARG A NE  1 
ATOM   676 C CZ  . ARG A 1 95  ? 4.889   4.810   -10.353 1.00   16.55  ? 95   ARG A CZ  1 
ATOM   677 N NH1 . ARG A 1 95  ? 3.740   5.302   -9.880  1.00   13.36  ? 95   ARG A NH1 1 
ATOM   678 N NH2 . ARG A 1 95  ? 6.047   5.208   -9.841  1.00   15.44  ? 95   ARG A NH2 1 
ATOM   679 N N   . GLY A 1 96  ? 1.339   -1.587  -12.848 1.00   13.43  ? 96   GLY A N   1 
ATOM   680 C CA  . GLY A 1 96  ? 0.199   -2.271  -13.468 1.00   14.45  ? 96   GLY A CA  1 
ATOM   681 C C   . GLY A 1 96  ? -0.182  -3.548  -12.716 1.00   13.45  ? 96   GLY A C   1 
ATOM   682 O O   . GLY A 1 96  ? -1.379  -3.867  -12.570 1.00   13.98  ? 96   GLY A O   1 
ATOM   683 N N   . ALA A 1 97  ? 0.829   -4.271  -12.249 1.00   14.09  ? 97   ALA A N   1 
ATOM   684 C CA  . ALA A 1 97  ? 0.588   -5.502  -11.486 1.00   14.24  ? 97   ALA A CA  1 
ATOM   685 C C   . ALA A 1 97  ? -0.162  -5.176  -10.202 1.00   14.32  ? 97   ALA A C   1 
ATOM   686 O O   . ALA A 1 97  ? -1.052  -5.930  -9.802  1.00   13.64  ? 97   ALA A O   1 
ATOM   687 C CB  . ALA A 1 97  ? 1.888   -6.172  -11.135 1.00   14.27  ? 97   ALA A CB  1 
ATOM   688 N N   . VAL A 1 98  ? 0.229   -4.073  -9.562  1.00   13.20  ? 98   VAL A N   1 
ATOM   689 C CA  . VAL A 1 98  ? -0.430  -3.642  -8.316  1.00   13.32  ? 98   VAL A CA  1 
ATOM   690 C C   . VAL A 1 98  ? -1.885  -3.306  -8.583  1.00   13.19  ? 98   VAL A C   1 
ATOM   691 O O   . VAL A 1 98  ? -2.773  -3.759  -7.858  1.00   13.22  ? 98   VAL A O   1 
ATOM   692 C CB  . VAL A 1 98  ? 0.290   -2.431  -7.682  1.00   12.84  ? 98   VAL A CB  1 
ATOM   693 C CG1 . VAL A 1 98  ? -0.575  -1.800  -6.589  1.00   12.14  ? 98   VAL A CG1 1 
ATOM   694 C CG2 . VAL A 1 98  ? 1.662   -2.879  -7.099  1.00   11.53  ? 98   VAL A CG2 1 
ATOM   695 N N   . LEU A 1 99  ? -2.143  -2.494  -9.602  1.00   13.13  ? 99   LEU A N   1 
ATOM   696 C CA  . LEU A 1 99  ? -3.527  -2.146  -9.942  1.00   12.89  ? 99   LEU A CA  1 
ATOM   697 C C   . LEU A 1 99  ? -4.399  -3.393  -10.262 1.00   13.48  ? 99   LEU A C   1 
ATOM   698 O O   . LEU A 1 99  ? -5.562  -3.459  -9.863  1.00   13.48  ? 99   LEU A O   1 
ATOM   699 C CB  . LEU A 1 99  ? -3.564  -1.187  -11.124 1.00   13.10  ? 99   LEU A CB  1 
ATOM   700 C CG  . LEU A 1 99  ? -3.059  0.226   -10.747 1.00   12.66  ? 99   LEU A CG  1 
ATOM   701 C CD1 . LEU A 1 99  ? -2.760  1.074   -11.992 1.00   13.57  ? 99   LEU A CD1 1 
ATOM   702 C CD2 . LEU A 1 99  ? -4.011  0.962   -9.771  1.00   12.16  ? 99   LEU A CD2 1 
ATOM   703 N N   . GLY A 1 100 ? -3.838  -4.326  -11.014 1.00   13.01  ? 100  GLY A N   1 
ATOM   704 C CA  . GLY A 1 100 ? -4.512  -5.578  -11.331 1.00   14.09  ? 100  GLY A CA  1 
ATOM   705 C C   . GLY A 1 100 ? -4.815  -6.398  -10.078 1.00   14.76  ? 100  GLY A C   1 
ATOM   706 O O   . GLY A 1 100 ? -5.918  -6.936  -9.952  1.00   16.24  ? 100  GLY A O   1 
ATOM   707 N N   . TYR A 1 101 ? -3.856  -6.481  -9.160  1.00   14.28  ? 101  TYR A N   1 
ATOM   708 C CA  . TYR A 1 101 ? -4.052  -7.222  -7.907  1.00   15.07  ? 101  TYR A CA  1 
ATOM   709 C C   . TYR A 1 101 ? -5.165  -6.585  -7.068  1.00   15.11  ? 101  TYR A C   1 
ATOM   710 O O   . TYR A 1 101 ? -6.048  -7.284  -6.551  1.00   15.25  ? 101  TYR A O   1 
ATOM   711 C CB  . TYR A 1 101 ? -2.749  -7.319  -7.111  1.00   15.50  ? 101  TYR A CB  1 
ATOM   712 C CG  . TYR A 1 101 ? -2.885  -8.202  -5.881  1.00   16.16  ? 101  TYR A CG  1 
ATOM   713 C CD1 . TYR A 1 101 ? -2.512  -9.544  -5.929  1.00   18.44  ? 101  TYR A CD1 1 
ATOM   714 C CD2 . TYR A 1 101 ? -3.401  -7.706  -4.682  1.00   15.93  ? 101  TYR A CD2 1 
ATOM   715 C CE1 . TYR A 1 101 ? -2.653  -10.367 -4.821  1.00   16.24  ? 101  TYR A CE1 1 
ATOM   716 C CE2 . TYR A 1 101 ? -3.529  -8.533  -3.556  1.00   16.87  ? 101  TYR A CE2 1 
ATOM   717 C CZ  . TYR A 1 101 ? -3.152  -9.850  -3.645  1.00   16.98  ? 101  TYR A CZ  1 
ATOM   718 O OH  . TYR A 1 101 ? -3.283  -10.694 -2.555  1.00   18.06  ? 101  TYR A OH  1 
ATOM   719 N N   . ILE A 1 102 ? -5.148  -5.267  -6.953  1.00   13.80  ? 102  ILE A N   1 
ATOM   720 C CA  . ILE A 1 102 ? -6.194  -4.574  -6.205  1.00   14.16  ? 102  ILE A CA  1 
ATOM   721 C C   . ILE A 1 102 ? -7.544  -4.742  -6.886  1.00   13.78  ? 102  ILE A C   1 
ATOM   722 O O   . ILE A 1 102 ? -8.544  -4.999  -6.230  1.00   14.30  ? 102  ILE A O   1 
ATOM   723 C CB  . ILE A 1 102 ? -5.843  -3.094  -5.995  1.00   13.54  ? 102  ILE A CB  1 
ATOM   724 C CG1 . ILE A 1 102 ? -4.588  -3.005  -5.120  1.00   13.49  ? 102  ILE A CG1 1 
ATOM   725 C CG2 . ILE A 1 102 ? -7.041  -2.305  -5.411  1.00   15.29  ? 102  ILE A CG2 1 
ATOM   726 C CD1 . ILE A 1 102 ? -4.019  -1.622  -4.966  1.00   17.71  ? 102  ILE A CD1 1 
ATOM   727 N N   . GLY A 1 103 ? -7.563  -4.643  -8.211  1.00   14.21  ? 103  GLY A N   1 
ATOM   728 C CA  . GLY A 1 103 ? -8.801  -4.875  -8.954  1.00   14.18  ? 103  GLY A CA  1 
ATOM   729 C C   . GLY A 1 103 ? -9.351  -6.267  -8.642  1.00   15.28  ? 103  GLY A C   1 
ATOM   730 O O   . GLY A 1 103 ? -10.552 -6.412  -8.406  1.00   15.13  ? 103  GLY A O   1 
ATOM   731 N N   . ALA A 1 104 ? -8.462  -7.259  -8.625  1.00   15.62  ? 104  ALA A N   1 
ATOM   732 C CA  . ALA A 1 104 ? -8.865  -8.675  -8.414  1.00   16.56  ? 104  ALA A CA  1 
ATOM   733 C C   . ALA A 1 104 ? -9.456  -8.883  -7.023  1.00   16.76  ? 104  ALA A C   1 
ATOM   734 O O   . ALA A 1 104 ? -10.392 -9.701  -6.847  1.00   19.06  ? 104  ALA A O   1 
ATOM   735 C CB  . ALA A 1 104 ? -7.670  -9.599  -8.617  1.00   15.87  ? 104  ALA A CB  1 
ATOM   736 N N   . THR A 1 105 ? -8.910  -8.159  -6.042  1.00   16.37  ? 105  THR A N   1 
ATOM   737 C CA  . THR A 1 105 ? -9.393  -8.233  -4.651  1.00   16.28  ? 105  THR A CA  1 
ATOM   738 C C   . THR A 1 105 ? -10.715 -7.461  -4.490  1.00   15.68  ? 105  THR A C   1 
ATOM   739 O O   . THR A 1 105 ? -11.693 -7.957  -3.917  1.00   15.16  ? 105  THR A O   1 
ATOM   740 C CB  . THR A 1 105 ? -8.329  -7.698  -3.673  1.00   17.00  ? 105  THR A CB  1 
ATOM   741 O OG1 . THR A 1 105 ? -7.097  -8.422  -3.876  1.00   20.54  ? 105  THR A OG1 1 
ATOM   742 C CG2 . THR A 1 105 ? -8.780  -7.910  -2.216  1.00   18.62  ? 105  THR A CG2 1 
ATOM   743 N N   . VAL A 1 106 ? -10.753 -6.238  -4.997  1.00   14.02  ? 106  VAL A N   1 
ATOM   744 C CA  . VAL A 1 106 ? -11.958 -5.408  -4.869  1.00   14.34  ? 106  VAL A CA  1 
ATOM   745 C C   . VAL A 1 106 ? -13.202 -6.054  -5.515  1.00   14.88  ? 106  VAL A C   1 
ATOM   746 O O   . VAL A 1 106 ? -14.293 -6.028  -4.944  1.00   14.95  ? 106  VAL A O   1 
ATOM   747 C CB  . VAL A 1 106 ? -11.695 -3.999  -5.469  1.00   13.70  ? 106  VAL A CB  1 
ATOM   748 C CG1 . VAL A 1 106 ? -13.010 -3.222  -5.628  1.00   15.05  ? 106  VAL A CG1 1 
ATOM   749 C CG2 . VAL A 1 106 ? -10.677 -3.235  -4.617  1.00   13.83  ? 106  VAL A CG2 1 
ATOM   750 N N   . ARG A 1 107 ? -13.049 -6.681  -6.683  1.00   15.08  ? 107  ARG A N   1 
ATOM   751 C CA  . ARG A 1 107 ? -14.233 -7.248  -7.356  1.00   16.04  ? 107  ARG A CA  1 
ATOM   752 C C   . ARG A 1 107 ? -14.946 -8.351  -6.533  1.00   16.66  ? 107  ARG A C   1 
ATOM   753 O O   . ARG A 1 107 ? -16.105 -8.664  -6.785  1.00   16.55  ? 107  ARG A O   1 
ATOM   754 C CB  . ARG A 1 107 ? -13.861 -7.769  -8.737  1.00   16.66  ? 107  ARG A CB  1 
ATOM   755 C CG  . ARG A 1 107 ? -12.838 -8.895  -8.724  1.00   17.65  ? 107  ARG A CG  1 
ATOM   756 C CD  . ARG A 1 107 ? -12.514 -9.344  -10.135 1.00   22.89  ? 107  ARG A CD  1 
ATOM   757 N NE  . ARG A 1 107 ? -13.726 -9.853  -10.767 1.00   26.06  ? 107  ARG A NE  1 
ATOM   758 C CZ  . ARG A 1 107 ? -14.142 -11.124 -10.683 1.00   30.47  ? 107  ARG A CZ  1 
ATOM   759 N NH1 . ARG A 1 107 ? -13.428 -12.039 -10.026 1.00   27.58  ? 107  ARG A NH1 1 
ATOM   760 N NH2 . ARG A 1 107 ? -15.276 -11.483 -11.269 1.00   29.38  ? 107  ARG A NH2 1 
ATOM   761 N N   . LEU A 1 108 ? -14.242 -8.947  -5.576  1.00   16.81  ? 108  LEU A N   1 
ATOM   762 C CA  . LEU A 1 108 ? -14.797 -10.066 -4.778  1.00   18.14  ? 108  LEU A CA  1 
ATOM   763 C C   . LEU A 1 108 ? -15.597 -9.613  -3.558  1.00   19.68  ? 108  LEU A C   1 
ATOM   764 O O   . LEU A 1 108 ? -16.336 -10.403 -2.949  1.00   20.57  ? 108  LEU A O   1 
ATOM   765 C CB  . LEU A 1 108 ? -13.654 -11.009 -4.326  1.00   18.33  ? 108  LEU A CB  1 
ATOM   766 C CG  . LEU A 1 108 ? -12.934 -11.723 -5.482  1.00   18.99  ? 108  LEU A CG  1 
ATOM   767 C CD1 . LEU A 1 108 ? -11.837 -12.649 -4.916  1.00   21.62  ? 108  LEU A CD1 1 
ATOM   768 C CD2 . LEU A 1 108 ? -13.888 -12.527 -6.395  1.00   18.75  ? 108  LEU A CD2 1 
ATOM   769 N N   . GLN A 1 109 ? -15.472 -8.352  -3.174  1.00   20.13  ? 109  GLN A N   1 
ATOM   770 C CA  . GLN A 1 109 ? -16.066 -7.981  -1.897  1.00   21.86  ? 109  GLN A CA  1 
ATOM   771 C C   . GLN A 1 109 ? -17.202 -6.996  -1.956  1.00   21.49  ? 109  GLN A C   1 
ATOM   772 O O   . GLN A 1 109 ? -17.710 -6.691  -3.021  1.00   20.51  ? 109  GLN A O   1 
ATOM   773 C CB  . GLN A 1 109 ? -15.013 -7.581  -0.887  1.00   23.23  ? 109  GLN A CB  1 
ATOM   774 C CG  . GLN A 1 109 ? -14.034 -6.535  -1.367  1.00   26.88  ? 109  GLN A CG  1 
ATOM   775 C CD  . GLN A 1 109 ? -12.750 -6.623  -0.573  1.00   32.37  ? 109  GLN A CD  1 
ATOM   776 O OE1 . GLN A 1 109 ? -12.394 -5.672  0.131   1.00   35.64  ? 109  GLN A OE1 1 
ATOM   777 N NE2 . GLN A 1 109 ? -12.061 -7.792  -0.643  1.00   33.68  ? 109  GLN A NE2 1 
ATOM   778 O OXT . GLN A 1 109 ? -17.653 -6.552  -0.899  1.00   22.48  ? 109  GLN A OXT 1 
HETATM 779 C C1  . MPD B 2 .   ? -5.762  -6.679  -0.101  1.00   29.64  ? 1110 MPD A C1  1 
HETATM 780 C C2  . MPD B 2 .   ? -5.375  -5.203  -0.182  1.00   29.21  ? 1110 MPD A C2  1 
HETATM 781 O O2  . MPD B 2 .   ? -5.244  -4.651  1.148   1.00   27.78  ? 1110 MPD A O2  1 
HETATM 782 C CM  . MPD B 2 .   ? -3.993  -5.122  -0.811  1.00   28.61  ? 1110 MPD A CM  1 
HETATM 783 C C3  . MPD B 2 .   ? -6.356  -4.336  -0.988  1.00   27.54  ? 1110 MPD A C3  1 
HETATM 784 C C4  . MPD B 2 .   ? -7.807  -4.289  -0.532  1.00   29.83  ? 1110 MPD A C4  1 
HETATM 785 O O4  . MPD B 2 .   ? -7.895  -3.650  0.718   1.00   30.15  ? 1110 MPD A O4  1 
HETATM 786 C C5  . MPD B 2 .   ? -8.648  -3.493  -1.520  1.00   30.67  ? 1110 MPD A C5  1 
HETATM 787 S S   . SO4 C 3 .   ? -6.831  -1.921  4.214   0.50   43.52  ? 1111 SO4 A S   1 
HETATM 788 O O1  . SO4 C 3 .   ? -6.789  -0.541  4.668   0.50   40.92  ? 1111 SO4 A O1  1 
HETATM 789 O O2  . SO4 C 3 .   ? -7.567  -1.973  2.946   0.50   42.14  ? 1111 SO4 A O2  1 
HETATM 790 O O3  . SO4 C 3 .   ? -5.476  -2.434  4.038   0.50   42.17  ? 1111 SO4 A O3  1 
HETATM 791 O O4  . SO4 C 3 .   ? -7.527  -2.752  5.202   0.50   42.78  ? 1111 SO4 A O4  1 
HETATM 792 S S   . SO4 D 3 .   ? 2.708   17.414  2.514   0.33   33.53  ? 1112 SO4 A S   1 
HETATM 793 O O1  . SO4 D 3 .   ? 3.589   17.787  3.615   0.33   34.01  ? 1112 SO4 A O1  1 
HETATM 794 O O2  . SO4 D 3 .   ? 3.524   16.929  1.407   0.33   34.12  ? 1112 SO4 A O2  1 
HETATM 795 O O3  . SO4 D 3 .   ? 1.807   16.353  2.960   0.33   33.38  ? 1112 SO4 A O3  1 
HETATM 796 O O4  . SO4 D 3 .   ? 1.934   18.568  2.074   0.33   33.38  ? 1112 SO4 A O4  1 
HETATM 797 O O   . HOH E 4 .   ? -0.741  -11.356 -8.380  1.00   44.42  ? 2001 HOH A O   1 
HETATM 798 O O   . HOH E 4 .   ? -0.999  -13.405 -6.083  1.00   42.88  ? 2002 HOH A O   1 
HETATM 799 O O   . HOH E 4 .   ? -0.376  -12.715 0.306   1.00   21.15  ? 2003 HOH A O   1 
HETATM 800 O O   . HOH E 4 .   ? 1.284   -9.852  -10.302 1.00   39.95  ? 2004 HOH A O   1 
HETATM 801 O O   . HOH E 4 .   ? -2.865  -12.972 1.766   1.00   20.51  ? 2005 HOH A O   1 
HETATM 802 O O   . HOH E 4 .   ? 0.602   -9.820  7.255   1.00   32.20  ? 2006 HOH A O   1 
HETATM 803 O O   . HOH E 4 .   ? 3.725   -7.895  9.186   1.00   31.69  ? 2007 HOH A O   1 
HETATM 804 O O   . HOH E 4 .   ? 5.854   -2.292  9.547   1.00   32.17  ? 2008 HOH A O   1 
HETATM 805 O O   . HOH E 4 .   ? 7.924   8.908   15.138  0.50   30.91  ? 2009 HOH A O   1 
HETATM 806 O O   . HOH E 4 .   ? 6.970   12.851  7.573   1.00   32.01  ? 2010 HOH A O   1 
HETATM 807 O O   . HOH E 4 .   ? 0.388   12.902  8.547   1.00   17.68  ? 2011 HOH A O   1 
HETATM 808 O O   . HOH E 4 .   ? 0.110   9.824   16.529  1.00   32.01  ? 2012 HOH A O   1 
HETATM 809 O O   . HOH E 4 .   ? 4.216   8.865   16.240  1.00   28.12  ? 2013 HOH A O   1 
HETATM 810 O O   . HOH E 4 .   ? -1.044  3.238   13.494  1.00   20.63  ? 2014 HOH A O   1 
HETATM 811 O O   . HOH E 4 .   ? -7.652  7.272   10.293  1.00   17.62  ? 2015 HOH A O   1 
HETATM 812 O O   . HOH E 4 .   ? -0.699  1.366   15.278  1.00   38.77  ? 2016 HOH A O   1 
HETATM 813 O O   . HOH E 4 .   ? -4.033  12.873  -0.452  1.00   43.23  ? 2017 HOH A O   1 
HETATM 814 O O   . HOH E 4 .   ? -3.364  -8.240  6.254   1.00   28.99  ? 2018 HOH A O   1 
HETATM 815 O O   . HOH E 4 .   ? -6.464  12.758  -3.538  0.50   24.84  ? 2019 HOH A O   1 
HETATM 816 O O   . HOH E 4 .   ? 11.550  -3.237  -1.200  1.00   35.55  ? 2020 HOH A O   1 
HETATM 817 O O   . HOH E 4 .   ? -8.546  8.104   7.786   1.00   25.11  ? 2021 HOH A O   1 
HETATM 818 O O   . HOH E 4 .   ? -10.484 6.167   5.050   1.00   22.63  ? 2022 HOH A O   1 
HETATM 819 O O   . HOH E 4 .   ? -7.903  0.862   10.542  1.00   43.92  ? 2023 HOH A O   1 
HETATM 820 O O   . HOH E 4 .   ? -3.633  3.832   12.944  1.00   26.98  ? 2024 HOH A O   1 
HETATM 821 O O   . HOH E 4 .   ? -4.549  3.708   9.519   1.00   32.20  ? 2025 HOH A O   1 
HETATM 822 O O   . HOH E 4 .   ? -2.322  11.907  8.030   1.00   23.83  ? 2026 HOH A O   1 
HETATM 823 O O   . HOH E 4 .   ? -1.909  12.486  1.263   1.00   22.60  ? 2027 HOH A O   1 
HETATM 824 O O   . HOH E 4 .   ? 1.632   13.884  6.213   1.00   22.95  ? 2028 HOH A O   1 
HETATM 825 O O   . HOH E 4 .   ? 2.833   10.505  0.230   1.00   23.82  ? 2029 HOH A O   1 
HETATM 826 O O   . HOH E 4 .   ? 6.971   10.397  0.787   1.00   25.26  ? 2030 HOH A O   1 
HETATM 827 O O   . HOH E 4 .   ? 1.144   12.974  0.714   1.00   45.03  ? 2031 HOH A O   1 
HETATM 828 O O   . HOH E 4 .   ? 7.736   11.601  10.279  1.00   39.57  ? 2032 HOH A O   1 
HETATM 829 O O   . HOH E 4 .   ? 9.966   7.569   12.256  1.00   41.74  ? 2033 HOH A O   1 
HETATM 830 O O   . HOH E 4 .   ? 12.284  8.828   8.234   1.00   47.07  ? 2034 HOH A O   1 
HETATM 831 O O   . HOH E 4 .   ? 12.088  4.389   -1.023  1.00   23.87  ? 2035 HOH A O   1 
HETATM 832 O O   . HOH E 4 .   ? 8.550   8.068   -7.734  1.00   16.99  ? 2036 HOH A O   1 
HETATM 833 O O   . HOH E 4 .   ? 1.416   7.813   -7.756  1.00   16.52  ? 2037 HOH A O   1 
HETATM 834 O O   . HOH E 4 .   ? -0.831  7.683   -6.386  1.00   29.67  ? 2038 HOH A O   1 
HETATM 835 O O   . HOH E 4 .   ? 1.285   10.288  -6.674  1.00   22.00  ? 2039 HOH A O   1 
HETATM 836 O O   . HOH E 4 .   ? -2.715  12.396  -3.197  1.00   26.37  ? 2040 HOH A O   1 
HETATM 837 O O   . HOH E 4 .   ? -5.875  10.473  -4.776  0.50   13.05  ? 2041 HOH A O   1 
HETATM 838 O O   . HOH E 4 .   ? -9.636  13.640  -0.277  1.00   37.66  ? 2042 HOH A O   1 
HETATM 839 O O   . HOH E 4 .   ? -21.224 0.728   -0.036  1.00   23.84  ? 2043 HOH A O   1 
HETATM 840 O O   . HOH E 4 .   ? -22.774 0.500   -5.459  1.00   36.54  ? 2044 HOH A O   1 
HETATM 841 O O   . HOH E 4 .   ? -16.212 -4.335  0.830   1.00   35.34  ? 2045 HOH A O   1 
HETATM 842 O O   . HOH E 4 .   ? -23.706 1.803   8.015   0.50   24.02  ? 2046 HOH A O   1 
HETATM 843 O O   . HOH E 4 .   ? -17.859 -2.577  6.620   1.00   32.11  ? 2047 HOH A O   1 
HETATM 844 O O   . HOH E 4 .   ? -11.354 2.793   4.911   1.00   36.17  ? 2048 HOH A O   1 
HETATM 845 O O   . HOH E 4 .   ? -10.408 9.581   4.389   1.00   27.98  ? 2049 HOH A O   1 
HETATM 846 O O   . HOH E 4 .   ? -8.179  12.571  1.571   1.00   35.02  ? 2050 HOH A O   1 
HETATM 847 O O   . HOH E 4 .   ? 0.765   6.495   -4.953  1.00   19.94  ? 2051 HOH A O   1 
HETATM 848 O O   . HOH E 4 .   ? 11.662  3.035   -3.624  1.00   31.88  ? 2052 HOH A O   1 
HETATM 849 O O   . HOH E 4 .   ? 12.585  11.398  -2.770  1.00   26.27  ? 2053 HOH A O   1 
HETATM 850 O O   . HOH E 4 .   ? 10.943  1.085   -6.718  1.00   39.39  ? 2054 HOH A O   1 
HETATM 851 O O   . HOH E 4 .   ? 8.386   2.254   -16.238 1.00   15.30  ? 2055 HOH A O   1 
HETATM 852 O O   . HOH E 4 .   ? 8.148   2.111   -19.085 1.00   32.22  ? 2056 HOH A O   1 
HETATM 853 O O   . HOH E 4 .   ? 7.923   -1.001  -16.703 1.00   16.87  ? 2057 HOH A O   1 
HETATM 854 O O   . HOH E 4 .   ? 10.401  -0.892  -10.249 1.00   22.88  ? 2058 HOH A O   1 
HETATM 855 O O   . HOH E 4 .   ? 8.848   6.303   -11.363 1.00   38.43  ? 2059 HOH A O   1 
HETATM 856 O O   . HOH E 4 .   ? -2.134  -6.192  -14.406 1.00   31.33  ? 2060 HOH A O   1 
HETATM 857 O O   . HOH E 4 .   ? -1.118  -8.613  -10.443 1.00   32.22  ? 2061 HOH A O   1 
HETATM 858 O O   . HOH E 4 .   ? -7.557  -7.457  -12.166 1.00   35.09  ? 2062 HOH A O   1 
HETATM 859 O O   . HOH E 4 .   ? -10.783 -11.777 -8.290  1.00   29.34  ? 2063 HOH A O   1 
HETATM 860 O O   . HOH E 4 .   ? -14.906 -7.634  -12.265 1.00   28.64  ? 2064 HOH A O   1 
HETATM 861 O O   . HOH E 4 .   ? -5.608  -0.819  6.735   1.00   30.29  ? 2065 HOH A O   1 
# 
